data_5Z9J
#
_entry.id   5Z9J
#
_cell.length_a   56.956
_cell.length_b   78.469
_cell.length_c   97.680
_cell.angle_alpha   78.270
_cell.angle_beta   72.630
_cell.angle_gamma   69.460
#
_symmetry.space_group_name_H-M   'P 1'
#
loop_
_entity.id
_entity.type
_entity.pdbx_description
1 polymer 'Putative P450-like enzyme'
2 non-polymer 'PROTOPORPHYRIN IX CONTAINING FE'
3 non-polymer TRIS(HYDROXYETHYL)AMINOMETHANE
4 water water
#
_entity_poly.entity_id   1
_entity_poly.type   'polypeptide(L)'
_entity_poly.pdbx_seq_one_letter_code
;GSTSPVAQWEFHPGHFWMRGKRPDKIVDYDEELQLWNVYGYPESAAILSNPKVFSSDTMRLDPIKLDEAIVEGDFAHTDP
PKHRRLRGLVDHAFTPSLVAKMESRVHGIIHELLDGVEGKSQFDLVAEFAAPLPLIMISDLLGVPESDRALFRQWMDKML
DGSEKFESPETVLEQEEELHKELELLWEMRDYWHERAAESRKRPREDLISQLVHAEVDGQKLNDSQISNIANRLLVNGHL
TTAMLIANTMLCLDAFSDQDARVRADRSLVPALLEESMRYMSPICGVGRATNSEVEVAGTVIPKDQLLLVWTGAANRDER
QFEKPDVFDAGRSPNAHLGLGRGIHFCLGRQLARMESKAAVEILLDRLPTLRADPANPPTFLQVVDASGVATLPVVTQ
;
_entity_poly.pdbx_strand_id   A,B,C,D
#
loop_
_chem_comp.id
_chem_comp.type
_chem_comp.name
_chem_comp.formula
HEM non-polymer 'PROTOPORPHYRIN IX CONTAINING FE' 'C34 H32 Fe N4 O4'
TAM non-polymer TRIS(HYDROXYETHYL)AMINOMETHANE 'C7 H17 N O3'
#
# COMPACT_ATOMS: atom_id res chain seq x y z
N ALA A 7 -8.18 9.85 -23.45
CA ALA A 7 -9.04 10.73 -22.66
C ALA A 7 -8.66 12.21 -22.81
N GLN A 8 -9.33 13.05 -22.00
CA GLN A 8 -9.14 14.51 -21.97
C GLN A 8 -7.76 14.93 -21.44
N TRP A 9 -6.72 14.40 -22.05
CA TRP A 9 -5.33 14.70 -21.69
C TRP A 9 -4.68 15.87 -22.46
N GLU A 10 -3.84 16.67 -21.80
CA GLU A 10 -3.33 17.87 -22.47
C GLU A 10 -2.06 17.61 -23.32
N PHE A 11 -2.27 16.95 -24.45
CA PHE A 11 -1.15 16.65 -25.36
C PHE A 11 -0.60 17.93 -26.00
N HIS A 12 0.62 17.82 -26.51
CA HIS A 12 1.13 18.82 -27.45
C HIS A 12 0.07 19.07 -28.51
N PRO A 13 -0.21 20.34 -28.82
CA PRO A 13 -1.27 20.68 -29.78
C PRO A 13 -0.98 20.13 -31.19
N GLY A 14 0.28 19.90 -31.50
CA GLY A 14 0.64 19.33 -32.79
C GLY A 14 0.36 17.84 -32.92
N HIS A 15 0.10 17.16 -31.79
CA HIS A 15 -0.07 15.70 -31.83
C HIS A 15 -1.51 15.26 -32.06
N PHE A 16 -2.00 15.55 -33.26
CA PHE A 16 -3.39 15.28 -33.58
C PHE A 16 -3.74 13.78 -33.44
N TRP A 17 -2.78 12.89 -33.67
CA TRP A 17 -3.09 11.45 -33.60
C TRP A 17 -3.48 11.00 -32.20
N MET A 18 -2.98 11.70 -31.18
CA MET A 18 -3.36 11.43 -29.80
C MET A 18 -4.81 11.79 -29.44
N ARG A 19 -5.42 12.66 -30.25
CA ARG A 19 -6.82 13.05 -30.10
C ARG A 19 -7.74 12.32 -31.08
N GLY A 20 -7.25 11.23 -31.67
CA GLY A 20 -8.08 10.39 -32.52
C GLY A 20 -8.40 10.98 -33.88
N LYS A 21 -7.56 11.87 -34.39
CA LYS A 21 -7.74 12.48 -35.71
C LYS A 21 -6.86 11.85 -36.80
N ARG A 22 -7.45 11.52 -37.94
CA ARG A 22 -6.64 11.02 -39.04
C ARG A 22 -5.97 12.22 -39.70
N PRO A 23 -4.75 12.03 -40.23
CA PRO A 23 -4.12 13.07 -41.04
C PRO A 23 -4.93 13.26 -42.32
N ASP A 24 -5.08 14.49 -42.79
CA ASP A 24 -5.80 14.74 -44.03
C ASP A 24 -5.00 14.28 -45.24
N LYS A 25 -3.69 14.47 -45.18
CA LYS A 25 -2.79 13.98 -46.23
C LYS A 25 -1.67 13.19 -45.53
N ILE A 26 -1.21 12.14 -46.21
CA ILE A 26 -0.16 11.31 -45.67
C ILE A 26 1.09 12.17 -45.57
N VAL A 27 1.30 13.02 -46.58
CA VAL A 27 2.44 13.95 -46.64
C VAL A 27 2.00 15.40 -46.81
N ASP A 28 2.56 16.31 -46.02
CA ASP A 28 2.30 17.75 -46.24
C ASP A 28 3.58 18.57 -46.04
N TYR A 29 3.47 19.85 -46.37
CA TYR A 29 4.58 20.78 -46.24
C TYR A 29 4.17 21.89 -45.26
N ASP A 30 5.07 22.22 -44.35
CA ASP A 30 4.84 23.32 -43.42
C ASP A 30 5.57 24.55 -43.96
N GLU A 31 4.82 25.48 -44.54
CA GLU A 31 5.42 26.65 -45.19
C GLU A 31 6.08 27.54 -44.16
N GLU A 32 5.51 27.60 -42.96
CA GLU A 32 5.99 28.53 -41.95
C GLU A 32 7.31 28.01 -41.35
N LEU A 33 7.46 26.68 -41.27
CA LEU A 33 8.67 26.04 -40.75
C LEU A 33 9.63 25.56 -41.82
N GLN A 34 9.15 25.55 -43.05
CA GLN A 34 9.89 25.12 -44.23
C GLN A 34 10.37 23.68 -44.10
N LEU A 35 9.42 22.78 -43.81
CA LEU A 35 9.73 21.37 -43.68
C LEU A 35 8.56 20.52 -44.15
N TRP A 36 8.83 19.24 -44.37
CA TRP A 36 7.85 18.27 -44.83
C TRP A 36 7.52 17.33 -43.68
N ASN A 37 6.26 16.87 -43.66
CA ASN A 37 5.70 15.93 -42.68
C ASN A 37 5.22 14.64 -43.34
N VAL A 38 5.56 13.47 -42.78
CA VAL A 38 5.01 12.16 -43.21
C VAL A 38 4.27 11.50 -42.04
N TYR A 39 3.02 11.09 -42.24
CA TYR A 39 2.23 10.50 -41.13
C TYR A 39 1.82 9.00 -41.36
N GLY A 40 2.05 8.46 -42.55
CA GLY A 40 1.57 7.12 -42.86
C GLY A 40 2.56 6.07 -42.40
N TYR A 41 2.06 4.89 -42.04
CA TYR A 41 2.98 3.84 -41.53
C TYR A 41 3.84 3.25 -42.67
N PRO A 42 3.22 2.76 -43.77
CA PRO A 42 4.09 2.14 -44.77
C PRO A 42 5.12 3.11 -45.35
N GLU A 43 4.76 4.38 -45.47
CA GLU A 43 5.66 5.40 -46.01
C GLU A 43 6.82 5.67 -45.02
N SER A 44 6.48 5.83 -43.75
CA SER A 44 7.48 6.07 -42.70
C SER A 44 8.50 4.95 -42.61
N ALA A 45 7.99 3.72 -42.53
CA ALA A 45 8.79 2.51 -42.46
C ALA A 45 9.77 2.44 -43.63
N ALA A 46 9.25 2.68 -44.83
CA ALA A 46 10.13 2.67 -46.00
C ALA A 46 11.21 3.75 -45.93
N ILE A 47 10.85 4.94 -45.44
CA ILE A 47 11.77 6.05 -45.34
C ILE A 47 12.93 5.69 -44.40
N LEU A 48 12.57 5.10 -43.27
CA LEU A 48 13.57 4.72 -42.23
C LEU A 48 14.51 3.62 -42.78
N SER A 49 13.99 2.77 -43.70
CA SER A 49 14.80 1.71 -44.31
C SER A 49 15.58 2.15 -45.55
N ASN A 50 15.47 3.42 -45.90
CA ASN A 50 16.19 3.95 -47.02
C ASN A 50 17.12 5.07 -46.59
N PRO A 51 18.20 4.74 -45.84
CA PRO A 51 19.09 5.81 -45.35
C PRO A 51 19.95 6.47 -46.44
N LYS A 52 20.22 5.76 -47.54
CA LYS A 52 20.99 6.32 -48.64
C LYS A 52 20.25 7.54 -49.21
N VAL A 53 18.93 7.43 -49.31
CA VAL A 53 18.12 8.55 -49.79
C VAL A 53 17.69 9.51 -48.65
N PHE A 54 17.33 8.98 -47.48
CA PHE A 54 16.87 9.82 -46.37
C PHE A 54 17.89 9.90 -45.23
N SER A 55 18.75 10.91 -45.32
CA SER A 55 19.85 11.05 -44.40
C SER A 55 19.44 11.38 -42.97
N SER A 56 20.21 10.88 -42.02
CA SER A 56 20.02 11.23 -40.62
C SER A 56 20.92 12.41 -40.23
N ASP A 57 21.75 12.85 -41.16
CA ASP A 57 22.60 14.02 -40.89
C ASP A 57 21.84 15.29 -41.23
N THR A 58 20.88 15.68 -40.39
CA THR A 58 19.99 16.79 -40.71
C THR A 58 20.67 18.16 -40.67
N MET A 59 21.75 18.27 -39.90
CA MET A 59 22.54 19.50 -39.79
C MET A 59 23.16 19.91 -41.13
N ARG A 60 23.31 18.95 -42.03
CA ARG A 60 23.78 19.26 -43.38
C ARG A 60 22.95 20.41 -44.01
N LEU A 61 21.67 20.52 -43.65
CA LEU A 61 20.79 21.48 -44.31
C LEU A 61 20.76 22.84 -43.62
N ASP A 62 21.44 22.96 -42.48
CA ASP A 62 21.40 24.20 -41.73
C ASP A 62 22.33 25.20 -42.37
N PRO A 63 21.92 26.47 -42.43
CA PRO A 63 22.79 27.49 -43.01
C PRO A 63 24.00 27.69 -42.09
N ILE A 64 23.85 27.40 -40.80
CA ILE A 64 24.99 27.50 -39.84
C ILE A 64 25.12 26.15 -39.14
N LYS A 65 26.34 25.65 -39.08
CA LYS A 65 26.59 24.28 -38.67
C LYS A 65 27.67 24.20 -37.61
N LEU A 66 27.72 23.10 -36.87
CA LEU A 66 28.90 22.86 -36.06
C LEU A 66 29.97 22.16 -36.89
N ASP A 67 31.21 22.37 -36.49
CA ASP A 67 32.32 21.73 -37.17
C ASP A 67 32.18 20.24 -36.93
N GLU A 68 32.52 19.49 -37.98
CA GLU A 68 32.38 18.03 -38.01
C GLU A 68 33.20 17.33 -36.93
N ALA A 69 34.39 17.84 -36.66
CA ALA A 69 35.26 17.24 -35.66
C ALA A 69 34.63 17.32 -34.27
N ILE A 70 33.82 18.36 -34.05
CA ILE A 70 33.11 18.55 -32.80
C ILE A 70 31.92 17.56 -32.61
N VAL A 71 31.17 17.28 -33.67
CA VAL A 71 30.04 16.38 -33.54
C VAL A 71 30.32 14.91 -33.85
N GLU A 72 31.54 14.58 -34.26
CA GLU A 72 31.82 13.17 -34.61
C GLU A 72 31.78 12.20 -33.42
N GLY A 73 31.19 11.03 -33.68
CA GLY A 73 30.92 10.02 -32.67
C GLY A 73 29.42 9.92 -32.40
N ASP A 74 28.69 10.97 -32.74
CA ASP A 74 27.24 10.94 -32.59
C ASP A 74 26.66 10.19 -33.76
N PHE A 75 26.72 8.87 -33.67
CA PHE A 75 26.28 8.03 -34.77
C PHE A 75 24.79 8.10 -35.04
N ALA A 76 24.03 8.73 -34.15
CA ALA A 76 22.61 8.98 -34.40
C ALA A 76 22.45 9.94 -35.58
N HIS A 77 23.45 10.80 -35.81
CA HIS A 77 23.36 11.68 -36.95
C HIS A 77 24.38 11.33 -38.01
N THR A 78 24.81 10.07 -38.02
CA THR A 78 25.81 9.64 -38.96
C THR A 78 25.20 8.63 -39.94
N ASP A 79 25.56 8.74 -41.21
CA ASP A 79 25.05 7.83 -42.27
C ASP A 79 26.07 6.76 -42.65
N PRO A 80 25.67 5.76 -43.45
CA PRO A 80 26.73 4.91 -44.01
C PRO A 80 27.68 5.73 -44.88
N PRO A 81 28.92 5.27 -45.07
CA PRO A 81 29.49 4.01 -44.57
C PRO A 81 30.05 4.12 -43.17
N LYS A 82 30.10 5.32 -42.61
CA LYS A 82 30.72 5.49 -41.28
C LYS A 82 29.83 5.10 -40.09
N HIS A 83 28.52 5.03 -40.30
CA HIS A 83 27.62 4.69 -39.19
C HIS A 83 27.91 3.31 -38.56
N ARG A 84 28.04 2.28 -39.39
CA ARG A 84 28.18 0.92 -38.87
C ARG A 84 29.37 0.75 -37.94
N ARG A 85 30.54 1.28 -38.30
CA ARG A 85 31.68 1.25 -37.39
C ARG A 85 31.28 1.74 -36.03
N LEU A 86 30.83 2.98 -35.96
CA LEU A 86 30.53 3.65 -34.69
C LEU A 86 29.49 2.88 -33.87
N ARG A 87 28.37 2.59 -34.52
CA ARG A 87 27.32 1.84 -33.88
C ARG A 87 27.84 0.48 -33.43
N GLY A 88 28.69 -0.12 -34.25
CA GLY A 88 29.30 -1.40 -33.92
C GLY A 88 30.14 -1.42 -32.65
N LEU A 89 30.97 -0.38 -32.44
CA LEU A 89 31.83 -0.35 -31.24
C LEU A 89 31.01 -0.33 -29.97
N VAL A 90 29.95 0.47 -30.00
CA VAL A 90 29.11 0.71 -28.84
C VAL A 90 28.28 -0.51 -28.54
N ASP A 91 27.74 -1.12 -29.61
CA ASP A 91 27.01 -2.39 -29.50
C ASP A 91 27.92 -3.40 -28.83
N HIS A 92 29.09 -3.56 -29.41
CA HIS A 92 30.10 -4.46 -28.90
C HIS A 92 30.46 -4.12 -27.46
N ALA A 93 30.51 -2.82 -27.17
CA ALA A 93 30.93 -2.34 -25.88
C ALA A 93 29.95 -2.84 -24.84
N PHE A 94 28.69 -2.96 -25.24
CA PHE A 94 27.68 -3.57 -24.36
C PHE A 94 27.93 -5.04 -24.25
N THR A 95 29.00 -5.42 -23.58
CA THR A 95 29.37 -6.83 -23.43
C THR A 95 28.33 -7.60 -22.64
N PRO A 96 28.31 -8.93 -22.83
CA PRO A 96 27.37 -9.78 -22.08
C PRO A 96 27.48 -9.67 -20.55
N SER A 97 28.67 -9.36 -20.01
CA SER A 97 28.81 -9.14 -18.58
C SER A 97 28.11 -7.88 -18.14
N LEU A 98 28.34 -6.80 -18.87
CA LEU A 98 27.69 -5.53 -18.61
C LEU A 98 26.18 -5.63 -18.59
N VAL A 99 25.61 -6.32 -19.55
CA VAL A 99 24.16 -6.44 -19.59
C VAL A 99 23.62 -7.15 -18.37
N ALA A 100 24.30 -8.24 -18.03
CA ALA A 100 23.98 -9.05 -16.86
C ALA A 100 24.07 -8.22 -15.58
N LYS A 101 25.18 -7.49 -15.46
CA LYS A 101 25.40 -6.63 -14.32
C LYS A 101 24.29 -5.58 -14.25
N MET A 102 23.88 -5.03 -15.39
CA MET A 102 22.80 -4.05 -15.35
C MET A 102 21.49 -4.66 -14.85
N GLU A 103 21.11 -5.82 -15.37
CA GLU A 103 19.84 -6.37 -14.90
C GLU A 103 20.00 -6.86 -13.46
N SER A 104 21.21 -7.16 -13.03
CA SER A 104 21.37 -7.55 -11.64
C SER A 104 21.13 -6.33 -10.75
N ARG A 105 21.37 -5.13 -11.26
CA ARG A 105 21.30 -3.95 -10.40
C ARG A 105 19.96 -3.21 -10.39
N VAL A 106 19.16 -3.42 -11.45
CA VAL A 106 17.98 -2.61 -11.67
C VAL A 106 16.97 -2.79 -10.53
N HIS A 107 16.83 -3.98 -10.00
CA HIS A 107 15.81 -4.23 -9.00
C HIS A 107 16.22 -3.55 -7.70
N GLY A 108 17.54 -3.55 -7.45
CA GLY A 108 18.10 -2.88 -6.30
C GLY A 108 17.81 -1.39 -6.38
N ILE A 109 18.02 -0.81 -7.55
CA ILE A 109 17.83 0.63 -7.74
C ILE A 109 16.38 1.05 -7.57
N ILE A 110 15.50 0.22 -8.14
CA ILE A 110 14.08 0.46 -8.06
C ILE A 110 13.53 0.42 -6.64
N HIS A 111 13.90 -0.62 -5.91
CA HIS A 111 13.45 -0.74 -4.53
C HIS A 111 13.95 0.40 -3.69
N GLU A 112 15.17 0.84 -3.99
CA GLU A 112 15.81 1.96 -3.32
C GLU A 112 15.07 3.27 -3.58
N LEU A 113 14.65 3.47 -4.83
CA LEU A 113 13.85 4.61 -5.17
C LEU A 113 12.51 4.59 -4.41
N LEU A 114 11.83 3.45 -4.39
CA LEU A 114 10.52 3.44 -3.77
C LEU A 114 10.63 3.54 -2.26
N ASP A 115 11.71 3.02 -1.71
CA ASP A 115 11.98 3.20 -0.29
C ASP A 115 12.07 4.68 -0.01
N GLY A 116 12.52 5.45 -0.99
CA GLY A 116 12.57 6.89 -0.89
C GLY A 116 11.24 7.60 -0.76
N VAL A 117 10.15 7.05 -1.32
CA VAL A 117 8.84 7.69 -1.17
C VAL A 117 7.89 6.95 -0.22
N GLU A 118 8.42 6.10 0.66
CA GLU A 118 7.59 5.26 1.53
C GLU A 118 6.65 6.06 2.46
N GLY A 119 7.09 7.24 2.91
CA GLY A 119 6.26 8.07 3.79
C GLY A 119 5.20 8.92 3.10
N LYS A 120 5.32 9.00 1.78
CA LYS A 120 4.49 9.85 0.93
C LYS A 120 3.27 9.16 0.32
N SER A 121 2.10 9.67 0.65
CA SER A 121 0.86 9.12 0.11
C SER A 121 0.52 9.73 -1.26
N GLN A 122 1.18 10.86 -1.57
CA GLN A 122 0.98 11.57 -2.83
C GLN A 122 2.32 12.01 -3.34
N PHE A 123 2.60 11.78 -4.63
CA PHE A 123 3.85 12.27 -5.21
C PHE A 123 3.88 12.26 -6.73
N ASP A 124 4.95 12.81 -7.29
CA ASP A 124 5.12 12.75 -8.75
C ASP A 124 5.97 11.55 -9.16
N LEU A 125 5.28 10.61 -9.78
CA LEU A 125 5.88 9.36 -10.23
C LEU A 125 7.05 9.59 -11.19
N VAL A 126 6.95 10.60 -12.04
CA VAL A 126 8.05 10.91 -12.95
C VAL A 126 9.26 11.42 -12.15
N ALA A 127 9.03 12.47 -11.39
CA ALA A 127 10.17 13.07 -10.67
C ALA A 127 10.74 12.14 -9.60
N GLU A 128 9.91 11.34 -8.95
CA GLU A 128 10.40 10.50 -7.86
C GLU A 128 10.92 9.16 -8.37
N PHE A 129 10.43 8.70 -9.52
CA PHE A 129 10.71 7.32 -9.86
C PHE A 129 11.08 7.14 -11.29
N ALA A 130 10.18 7.54 -12.20
CA ALA A 130 10.35 7.16 -13.56
C ALA A 130 11.55 7.82 -14.21
N ALA A 131 11.88 9.07 -13.85
CA ALA A 131 13.06 9.73 -14.44
C ALA A 131 14.34 9.33 -13.77
N PRO A 132 14.37 9.32 -12.42
CA PRO A 132 15.66 8.93 -11.86
C PRO A 132 16.19 7.54 -12.23
N LEU A 133 15.32 6.55 -12.43
CA LEU A 133 15.75 5.17 -12.65
C LEU A 133 16.60 4.98 -13.94
N PRO A 134 16.09 5.38 -15.12
CA PRO A 134 16.91 5.24 -16.35
C PRO A 134 18.14 6.12 -16.33
N LEU A 135 18.06 7.26 -15.67
CA LEU A 135 19.22 8.10 -15.52
C LEU A 135 20.29 7.38 -14.68
N ILE A 136 19.89 6.81 -13.57
CA ILE A 136 20.81 6.09 -12.71
C ILE A 136 21.46 4.89 -13.42
N MET A 137 20.66 4.14 -14.17
CA MET A 137 21.10 2.96 -14.90
C MET A 137 22.16 3.29 -15.92
N ILE A 138 21.97 4.38 -16.64
CA ILE A 138 22.93 4.75 -17.66
C ILE A 138 24.18 5.32 -16.98
N SER A 139 23.99 6.04 -15.90
CA SER A 139 25.14 6.64 -15.19
C SER A 139 26.04 5.52 -14.68
N ASP A 140 25.47 4.49 -14.09
CA ASP A 140 26.23 3.35 -13.62
C ASP A 140 26.87 2.62 -14.78
N LEU A 141 26.16 2.49 -15.90
CA LEU A 141 26.75 1.78 -17.03
C LEU A 141 28.01 2.49 -17.53
N LEU A 142 27.97 3.83 -17.51
CA LEU A 142 29.09 4.65 -17.92
C LEU A 142 30.16 4.75 -16.84
N GLY A 143 29.79 4.37 -15.62
CA GLY A 143 30.77 4.27 -14.56
C GLY A 143 31.12 5.58 -13.88
N VAL A 144 30.19 6.53 -13.94
CA VAL A 144 30.35 7.80 -13.24
C VAL A 144 29.88 7.68 -11.79
N PRO A 145 30.61 8.32 -10.87
CA PRO A 145 30.20 8.37 -9.47
C PRO A 145 28.78 8.93 -9.29
N GLU A 146 28.11 8.55 -8.20
CA GLU A 146 26.75 9.01 -7.97
C GLU A 146 26.70 10.55 -7.96
N SER A 147 27.72 11.21 -7.43
CA SER A 147 27.75 12.67 -7.39
C SER A 147 27.58 13.29 -8.79
N ASP A 148 28.12 12.63 -9.81
CA ASP A 148 28.06 13.12 -11.19
C ASP A 148 26.68 12.94 -11.83
N ARG A 149 25.79 12.20 -11.16
CA ARG A 149 24.45 12.05 -11.74
C ARG A 149 23.76 13.43 -11.73
N ALA A 150 24.14 14.26 -10.77
CA ALA A 150 23.68 15.64 -10.68
C ALA A 150 24.04 16.45 -11.92
N LEU A 151 25.31 16.35 -12.31
CA LEU A 151 25.85 17.10 -13.42
C LEU A 151 25.10 16.73 -14.71
N PHE A 152 24.63 15.49 -14.78
CA PHE A 152 23.88 15.01 -15.94
C PHE A 152 22.44 15.55 -16.00
N ARG A 153 21.76 15.62 -14.86
CA ARG A 153 20.39 16.12 -14.86
C ARG A 153 20.39 17.62 -15.22
N GLN A 154 21.47 18.30 -14.85
CA GLN A 154 21.69 19.69 -15.24
C GLN A 154 21.80 19.83 -16.75
N TRP A 155 22.67 19.00 -17.34
CA TRP A 155 22.88 19.01 -18.77
C TRP A 155 21.61 18.64 -19.53
N MET A 156 20.77 17.83 -18.90
CA MET A 156 19.61 17.29 -19.59
C MET A 156 18.44 18.26 -19.61
N ASP A 157 18.52 19.32 -18.82
CA ASP A 157 17.49 20.35 -18.91
C ASP A 157 17.89 21.43 -19.88
N LYS A 158 19.19 21.62 -20.06
CA LYS A 158 19.71 22.51 -21.10
C LYS A 158 19.41 21.93 -22.48
N MET A 159 19.53 20.62 -22.61
CA MET A 159 19.24 19.96 -23.87
C MET A 159 17.73 19.82 -24.07
N LEU A 160 16.97 19.67 -22.98
CA LEU A 160 15.51 19.70 -23.03
C LEU A 160 14.99 21.10 -23.34
N ASP A 161 15.71 22.12 -22.88
CA ASP A 161 15.39 23.52 -23.19
C ASP A 161 15.65 23.85 -24.66
N GLY A 162 16.79 23.41 -25.18
CA GLY A 162 17.13 23.66 -26.56
C GLY A 162 16.19 22.88 -27.46
N SER A 163 15.78 21.71 -27.00
CA SER A 163 14.84 20.87 -27.75
C SER A 163 13.50 21.59 -27.92
N GLU A 164 13.05 22.25 -26.84
CA GLU A 164 11.78 22.98 -26.86
C GLU A 164 11.84 24.18 -27.79
N LYS A 165 10.68 24.57 -28.29
CA LYS A 165 10.56 25.62 -29.29
C LYS A 165 11.48 25.30 -30.49
N PHE A 166 11.51 24.03 -30.87
CA PHE A 166 12.18 23.62 -32.10
C PHE A 166 11.17 23.76 -33.25
N GLU A 167 9.88 23.78 -32.87
CA GLU A 167 8.76 23.81 -33.82
C GLU A 167 8.30 25.24 -34.10
N SER A 168 9.02 26.20 -33.55
CA SER A 168 8.87 27.60 -33.92
C SER A 168 9.86 27.91 -35.04
N PRO A 169 9.50 28.84 -35.93
CA PRO A 169 10.48 29.27 -36.94
C PRO A 169 11.67 30.01 -36.30
N GLU A 170 12.86 29.78 -36.84
CA GLU A 170 14.06 30.40 -36.29
C GLU A 170 14.85 31.14 -37.36
N THR A 171 15.24 32.37 -37.05
CA THR A 171 16.09 33.16 -37.93
C THR A 171 17.48 32.56 -37.95
N VAL A 172 18.28 32.94 -38.94
CA VAL A 172 19.65 32.46 -39.00
C VAL A 172 20.44 32.93 -37.76
N LEU A 173 20.08 34.07 -37.20
CA LEU A 173 20.78 34.57 -36.02
C LEU A 173 20.37 33.82 -34.74
N GLU A 174 19.09 33.49 -34.62
CA GLU A 174 18.62 32.71 -33.48
C GLU A 174 19.25 31.33 -33.51
N GLN A 175 19.40 30.80 -34.73
CA GLN A 175 20.05 29.52 -34.93
C GLN A 175 21.52 29.61 -34.52
N GLU A 176 22.14 30.76 -34.78
CA GLU A 176 23.53 30.94 -34.39
C GLU A 176 23.63 30.98 -32.87
N GLU A 177 22.67 31.65 -32.23
CA GLU A 177 22.62 31.78 -30.76
C GLU A 177 22.47 30.41 -30.08
N GLU A 178 21.52 29.62 -30.56
CA GLU A 178 21.32 28.29 -30.04
C GLU A 178 22.57 27.44 -30.28
N LEU A 179 23.15 27.58 -31.46
CA LEU A 179 24.27 26.75 -31.85
C LEU A 179 25.49 27.04 -30.98
N HIS A 180 25.57 28.26 -30.46
CA HIS A 180 26.68 28.67 -29.64
C HIS A 180 26.52 28.19 -28.19
N LYS A 181 25.29 28.17 -27.68
CA LYS A 181 25.04 27.60 -26.36
C LYS A 181 25.25 26.08 -26.40
N GLU A 182 24.82 25.44 -27.49
CA GLU A 182 25.08 24.02 -27.72
C GLU A 182 26.57 23.72 -27.71
N LEU A 183 27.35 24.60 -28.34
CA LEU A 183 28.79 24.44 -28.39
C LEU A 183 29.46 24.54 -27.02
N GLU A 184 29.00 25.49 -26.21
CA GLU A 184 29.55 25.66 -24.88
C GLU A 184 29.27 24.39 -24.06
N LEU A 185 28.13 23.76 -24.31
CA LEU A 185 27.77 22.57 -23.53
C LEU A 185 28.57 21.37 -24.03
N LEU A 186 28.87 21.33 -25.32
CA LEU A 186 29.67 20.24 -25.84
C LEU A 186 31.09 20.31 -25.31
N TRP A 187 31.57 21.52 -25.11
CA TRP A 187 32.91 21.68 -24.57
C TRP A 187 33.00 21.31 -23.11
N GLU A 188 31.93 21.57 -22.37
CA GLU A 188 31.93 21.19 -20.97
C GLU A 188 31.86 19.68 -20.80
N MET A 189 31.07 19.04 -21.61
CA MET A 189 31.00 17.59 -21.61
C MET A 189 32.27 16.93 -22.10
N ARG A 190 32.87 17.51 -23.12
CA ARG A 190 34.05 16.94 -23.69
C ARG A 190 35.13 16.95 -22.62
N ASP A 191 35.18 18.01 -21.84
CA ASP A 191 36.25 18.12 -20.82
C ASP A 191 35.90 17.24 -19.65
N TYR A 192 34.61 16.95 -19.49
CA TYR A 192 34.22 15.99 -18.47
C TYR A 192 34.63 14.58 -18.86
N TRP A 193 34.20 14.14 -20.04
CA TRP A 193 34.53 12.79 -20.48
C TRP A 193 36.05 12.62 -20.61
N HIS A 194 36.76 13.70 -20.91
CA HIS A 194 38.22 13.64 -20.94
C HIS A 194 38.76 13.13 -19.61
N GLU A 195 38.23 13.61 -18.51
CA GLU A 195 38.73 13.19 -17.20
C GLU A 195 38.22 11.79 -16.81
N ARG A 196 37.05 11.41 -17.29
CA ARG A 196 36.60 10.04 -17.04
C ARG A 196 37.42 9.05 -17.83
N ALA A 197 37.83 9.43 -19.03
CA ALA A 197 38.72 8.59 -19.81
C ALA A 197 40.07 8.40 -19.09
N ALA A 198 40.67 9.51 -18.69
CA ALA A 198 41.95 9.45 -17.98
C ALA A 198 41.80 8.53 -16.79
N GLU A 199 40.82 8.80 -15.94
CA GLU A 199 40.62 8.00 -14.74
C GLU A 199 40.40 6.52 -15.06
N SER A 200 39.69 6.24 -16.15
CA SER A 200 39.46 4.85 -16.53
C SER A 200 40.73 4.18 -17.01
N ARG A 201 41.63 4.95 -17.61
CA ARG A 201 42.89 4.41 -18.08
C ARG A 201 43.80 4.17 -16.86
N LYS A 202 43.59 4.98 -15.83
CA LYS A 202 44.36 4.92 -14.58
C LYS A 202 43.83 3.80 -13.67
N ARG A 203 42.54 3.52 -13.80
CA ARG A 203 41.86 2.51 -13.00
C ARG A 203 40.65 1.97 -13.75
N PRO A 204 40.87 1.01 -14.65
CA PRO A 204 39.77 0.41 -15.41
C PRO A 204 38.76 -0.24 -14.48
N ARG A 205 37.48 -0.22 -14.85
CA ARG A 205 36.41 -0.83 -14.07
C ARG A 205 35.45 -1.52 -15.02
N GLU A 206 34.41 -2.14 -14.47
CA GLU A 206 33.43 -2.89 -15.26
C GLU A 206 32.35 -1.92 -15.71
N ASP A 207 32.73 -1.06 -16.65
CA ASP A 207 31.80 -0.10 -17.22
C ASP A 207 32.07 0.14 -18.69
N LEU A 208 31.19 0.92 -19.29
CA LEU A 208 31.21 1.18 -20.73
C LEU A 208 32.40 2.06 -21.18
N ILE A 209 32.75 3.04 -20.34
CA ILE A 209 33.88 3.94 -20.62
C ILE A 209 35.19 3.16 -20.72
N SER A 210 35.35 2.20 -19.82
CA SER A 210 36.52 1.34 -19.83
C SER A 210 36.63 0.61 -21.15
N GLN A 211 35.48 0.24 -21.70
CA GLN A 211 35.43 -0.46 -22.96
C GLN A 211 35.74 0.50 -24.10
N LEU A 212 35.26 1.74 -24.00
CA LEU A 212 35.47 2.75 -25.03
C LEU A 212 36.92 3.25 -25.22
N VAL A 213 37.67 3.38 -24.13
CA VAL A 213 39.05 3.89 -24.21
C VAL A 213 39.93 2.92 -24.99
N HIS A 214 39.59 1.63 -24.99
CA HIS A 214 40.37 0.66 -25.75
C HIS A 214 39.89 0.51 -27.20
N ALA A 215 38.64 0.86 -27.47
CA ALA A 215 38.02 0.63 -28.79
C ALA A 215 38.71 1.48 -29.86
N GLU A 216 38.61 1.05 -31.12
CA GLU A 216 39.32 1.70 -32.24
C GLU A 216 38.49 1.84 -33.54
N VAL A 217 38.62 2.98 -34.22
CA VAL A 217 38.04 3.16 -35.56
C VAL A 217 39.14 3.54 -36.56
N ASP A 218 39.15 2.84 -37.69
CA ASP A 218 40.24 2.91 -38.67
C ASP A 218 41.57 2.67 -37.98
N GLY A 219 41.58 1.70 -37.06
CA GLY A 219 42.80 1.28 -36.39
C GLY A 219 43.35 2.26 -35.36
N GLN A 220 42.57 3.32 -35.10
CA GLN A 220 42.94 4.36 -34.14
C GLN A 220 41.92 4.42 -32.97
N LYS A 221 42.40 4.55 -31.73
CA LYS A 221 41.49 4.71 -30.60
C LYS A 221 40.65 6.00 -30.70
N LEU A 222 39.62 6.10 -29.86
CA LEU A 222 38.73 7.24 -29.90
C LEU A 222 39.29 8.40 -29.13
N ASN A 223 38.98 9.59 -29.62
CA ASN A 223 39.34 10.82 -28.94
C ASN A 223 38.26 11.28 -27.98
N ASP A 224 38.51 12.43 -27.36
CA ASP A 224 37.62 12.91 -26.32
C ASP A 224 36.29 13.25 -26.92
N SER A 225 36.30 13.79 -28.14
CA SER A 225 35.06 14.21 -28.77
C SER A 225 34.20 12.99 -29.17
N GLN A 226 34.84 11.94 -29.66
CA GLN A 226 34.10 10.73 -29.99
C GLN A 226 33.48 10.09 -28.74
N ILE A 227 34.28 9.96 -27.69
CA ILE A 227 33.80 9.39 -26.44
C ILE A 227 32.70 10.25 -25.83
N SER A 228 32.89 11.57 -25.83
CA SER A 228 31.90 12.48 -25.28
C SER A 228 30.58 12.41 -26.07
N ASN A 229 30.67 12.40 -27.39
CA ASN A 229 29.44 12.38 -28.18
C ASN A 229 28.72 11.04 -28.09
N ILE A 230 29.45 9.95 -27.92
CA ILE A 230 28.79 8.68 -27.69
C ILE A 230 28.11 8.66 -26.33
N ALA A 231 28.82 9.00 -25.26
CA ALA A 231 28.18 9.03 -23.95
C ALA A 231 26.99 10.00 -23.92
N ASN A 232 27.11 11.18 -24.54
CA ASN A 232 26.04 12.14 -24.47
C ASN A 232 24.84 11.51 -25.15
N ARG A 233 25.08 10.79 -26.25
CA ARG A 233 23.99 10.21 -27.05
C ARG A 233 23.28 9.11 -26.24
N LEU A 234 24.03 8.32 -25.47
CA LEU A 234 23.41 7.31 -24.62
C LEU A 234 22.54 7.98 -23.55
N LEU A 235 23.08 8.98 -22.87
CA LEU A 235 22.31 9.73 -21.86
C LEU A 235 21.05 10.33 -22.43
N VAL A 236 21.22 11.10 -23.49
CA VAL A 236 20.05 11.84 -24.01
C VAL A 236 19.05 10.88 -24.54
N ASN A 237 19.51 9.83 -25.21
CA ASN A 237 18.53 8.92 -25.84
C ASN A 237 17.85 7.94 -24.93
N GLY A 238 18.50 7.67 -23.82
CA GLY A 238 18.06 6.67 -22.88
C GLY A 238 17.42 7.16 -21.60
N HIS A 239 17.38 8.46 -21.38
CA HIS A 239 16.88 8.96 -20.10
C HIS A 239 15.37 9.21 -20.10
N LEU A 240 14.95 10.33 -20.69
CA LEU A 240 13.59 10.78 -20.59
C LEU A 240 12.65 9.94 -21.50
N THR A 241 13.21 9.30 -22.50
CA THR A 241 12.44 8.37 -23.33
C THR A 241 11.91 7.23 -22.46
N THR A 242 12.82 6.69 -21.63
CA THR A 242 12.53 5.60 -20.76
C THR A 242 11.66 6.02 -19.59
N ALA A 243 11.91 7.22 -19.06
CA ALA A 243 11.09 7.75 -17.98
C ALA A 243 9.64 7.80 -18.47
N MET A 244 9.47 8.30 -19.69
CA MET A 244 8.11 8.39 -20.26
C MET A 244 7.42 7.07 -20.53
N LEU A 245 8.15 6.09 -21.07
CA LEU A 245 7.59 4.80 -21.28
C LEU A 245 7.05 4.28 -19.93
N ILE A 246 7.85 4.40 -18.87
CA ILE A 246 7.39 3.92 -17.57
C ILE A 246 6.15 4.71 -17.10
N ALA A 247 6.22 6.02 -17.18
CA ALA A 247 5.13 6.83 -16.67
C ALA A 247 3.88 6.74 -17.60
N ASN A 248 4.08 6.79 -18.90
CA ASN A 248 2.92 6.65 -19.85
C ASN A 248 2.19 5.38 -19.59
N THR A 249 2.97 4.32 -19.33
CA THR A 249 2.40 3.01 -19.12
C THR A 249 1.52 2.96 -17.86
N MET A 250 1.99 3.50 -16.74
CA MET A 250 1.18 3.59 -15.56
C MET A 250 -0.05 4.49 -15.77
N LEU A 251 0.11 5.57 -16.54
CA LEU A 251 -1.02 6.46 -16.84
C LEU A 251 -2.09 5.74 -17.64
N CYS A 252 -1.66 4.96 -18.63
CA CYS A 252 -2.59 4.20 -19.48
C CYS A 252 -3.35 3.05 -18.73
N LEU A 253 -2.65 2.35 -17.85
CA LEU A 253 -3.23 1.37 -16.96
C LEU A 253 -4.31 2.01 -16.07
N ASP A 254 -4.00 3.17 -15.51
CA ASP A 254 -4.97 3.90 -14.69
C ASP A 254 -6.20 4.26 -15.53
N ALA A 255 -5.95 4.68 -16.75
CA ALA A 255 -7.01 5.17 -17.62
C ALA A 255 -7.87 4.02 -18.15
N PHE A 256 -7.24 2.91 -18.50
CA PHE A 256 -7.93 1.74 -19.07
C PHE A 256 -7.99 0.58 -18.11
N SER A 257 -8.90 0.69 -17.15
CA SER A 257 -9.00 -0.26 -16.05
C SER A 257 -9.24 -1.69 -16.53
N ASP A 258 -9.89 -1.84 -17.68
CA ASP A 258 -10.07 -3.16 -18.29
C ASP A 258 -8.71 -3.77 -18.64
N GLN A 259 -7.86 -2.97 -19.23
CA GLN A 259 -6.53 -3.44 -19.59
C GLN A 259 -5.67 -3.67 -18.34
N ASP A 260 -5.87 -2.80 -17.37
CA ASP A 260 -5.20 -2.93 -16.06
C ASP A 260 -5.54 -4.27 -15.40
N ALA A 261 -6.84 -4.63 -15.45
CA ALA A 261 -7.28 -5.87 -14.86
C ALA A 261 -6.60 -7.05 -15.57
N ARG A 262 -6.50 -6.97 -16.89
CA ARG A 262 -5.91 -8.06 -17.66
C ARG A 262 -4.49 -8.30 -17.22
N VAL A 263 -3.74 -7.20 -17.03
CA VAL A 263 -2.32 -7.30 -16.76
C VAL A 263 -2.05 -7.81 -15.34
N ARG A 264 -2.82 -7.33 -14.37
CA ARG A 264 -2.74 -7.82 -12.99
C ARG A 264 -3.06 -9.33 -12.93
N ALA A 265 -4.05 -9.77 -13.69
CA ALA A 265 -4.47 -11.18 -13.71
C ALA A 265 -3.52 -12.15 -14.40
N ASP A 266 -2.85 -11.62 -15.42
CA ASP A 266 -1.92 -12.32 -16.33
C ASP A 266 -0.65 -11.47 -16.49
N ARG A 267 0.34 -11.67 -15.60
CA ARG A 267 1.56 -10.89 -15.59
C ARG A 267 2.51 -11.18 -16.77
N SER A 268 2.19 -12.17 -17.58
CA SER A 268 2.99 -12.44 -18.76
C SER A 268 2.68 -11.38 -19.83
N LEU A 269 1.69 -10.52 -19.58
CA LEU A 269 1.34 -9.47 -20.54
C LEU A 269 2.19 -8.21 -20.48
N VAL A 270 3.02 -8.09 -19.43
CA VAL A 270 3.76 -6.86 -19.25
C VAL A 270 4.66 -6.46 -20.45
N PRO A 271 5.47 -7.38 -21.01
CA PRO A 271 6.24 -6.95 -22.19
C PRO A 271 5.39 -6.45 -23.35
N ALA A 272 4.30 -7.14 -23.64
CA ALA A 272 3.43 -6.70 -24.72
C ALA A 272 2.73 -5.37 -24.35
N LEU A 273 2.50 -5.17 -23.05
CA LEU A 273 1.95 -3.90 -22.54
C LEU A 273 2.89 -2.73 -22.82
N LEU A 274 4.17 -2.96 -22.53
CA LEU A 274 5.17 -1.93 -22.81
C LEU A 274 5.28 -1.59 -24.32
N GLU A 275 5.23 -2.61 -25.15
CA GLU A 275 5.30 -2.36 -26.59
C GLU A 275 4.09 -1.56 -27.03
N GLU A 276 2.93 -1.88 -26.46
CA GLU A 276 1.69 -1.19 -26.85
C GLU A 276 1.69 0.23 -26.29
N SER A 277 2.36 0.40 -25.13
CA SER A 277 2.52 1.72 -24.57
C SER A 277 3.32 2.58 -25.56
N MET A 278 4.35 1.97 -26.15
CA MET A 278 5.18 2.64 -27.16
C MET A 278 4.40 2.94 -28.44
N ARG A 279 3.54 2.02 -28.82
CA ARG A 279 2.80 2.28 -30.05
C ARG A 279 1.88 3.50 -29.84
N TYR A 280 1.16 3.45 -28.72
CA TYR A 280 0.03 4.34 -28.40
C TYR A 280 0.42 5.73 -27.93
N MET A 281 1.53 5.84 -27.21
CA MET A 281 1.99 7.11 -26.72
C MET A 281 3.52 7.07 -26.82
N SER A 282 4.03 7.45 -28.00
CA SER A 282 5.36 7.11 -28.40
C SER A 282 6.34 8.11 -27.79
N PRO A 283 7.18 7.69 -26.83
CA PRO A 283 8.11 8.67 -26.23
C PRO A 283 8.91 9.47 -27.24
N ILE A 284 9.39 8.80 -28.27
CA ILE A 284 9.90 9.50 -29.45
C ILE A 284 8.79 9.34 -30.51
N CYS A 285 8.13 10.44 -30.84
CA CYS A 285 6.98 10.32 -31.74
C CYS A 285 7.23 10.90 -33.14
N GLY A 286 8.43 11.46 -33.34
CA GLY A 286 8.88 11.85 -34.65
C GLY A 286 10.39 11.90 -34.72
N VAL A 287 10.94 11.59 -35.89
CA VAL A 287 12.37 11.74 -36.11
C VAL A 287 12.62 12.48 -37.42
N GLY A 288 13.75 13.20 -37.44
CA GLY A 288 14.13 14.02 -38.56
C GLY A 288 15.00 13.31 -39.58
N ARG A 289 14.79 13.67 -40.83
CA ARG A 289 15.55 13.11 -41.93
C ARG A 289 15.76 14.21 -42.93
N ALA A 290 16.84 14.11 -43.71
CA ALA A 290 17.13 15.09 -44.75
C ALA A 290 17.23 14.37 -46.05
N THR A 291 16.56 14.87 -47.08
CA THR A 291 16.58 14.22 -48.41
C THR A 291 17.87 14.56 -49.17
N ASN A 292 18.56 13.50 -49.63
CA ASN A 292 19.78 13.63 -50.41
C ASN A 292 19.51 13.85 -51.91
N SER A 293 18.30 13.47 -52.34
CA SER A 293 17.91 13.59 -53.75
C SER A 293 16.40 13.73 -53.81
N GLU A 294 15.87 14.09 -54.98
CA GLU A 294 14.43 14.25 -55.15
C GLU A 294 13.73 12.90 -55.02
N VAL A 295 12.63 12.86 -54.28
CA VAL A 295 11.91 11.63 -54.00
C VAL A 295 10.41 11.76 -54.09
N GLU A 296 9.75 10.63 -54.31
CA GLU A 296 8.31 10.57 -54.27
C GLU A 296 7.86 9.82 -52.99
N VAL A 297 7.01 10.46 -52.19
CA VAL A 297 6.48 9.86 -50.98
C VAL A 297 4.97 10.02 -50.89
N ALA A 298 4.27 8.89 -50.90
CA ALA A 298 2.80 8.86 -50.91
C ALA A 298 2.32 9.75 -52.04
N GLY A 299 2.91 9.56 -53.21
CA GLY A 299 2.53 10.28 -54.42
C GLY A 299 2.79 11.78 -54.40
N THR A 300 3.76 12.18 -53.58
CA THR A 300 4.13 13.59 -53.37
C THR A 300 5.61 13.70 -53.63
N VAL A 301 6.00 14.69 -54.44
CA VAL A 301 7.40 14.83 -54.82
C VAL A 301 8.12 15.71 -53.77
N ILE A 302 9.18 15.18 -53.20
CA ILE A 302 9.93 16.00 -52.23
C ILE A 302 11.30 16.30 -52.82
N PRO A 303 11.62 17.59 -52.95
CA PRO A 303 12.90 17.94 -53.57
C PRO A 303 14.09 17.47 -52.74
N LYS A 304 15.26 17.50 -53.39
CA LYS A 304 16.57 17.38 -52.80
C LYS A 304 16.71 18.32 -51.61
N ASP A 305 17.56 17.95 -50.66
CA ASP A 305 17.95 18.83 -49.54
C ASP A 305 16.81 19.42 -48.73
N GLN A 306 15.80 18.60 -48.42
CA GLN A 306 14.69 19.06 -47.60
C GLN A 306 14.69 18.36 -46.26
N LEU A 307 14.19 19.06 -45.24
CA LEU A 307 14.03 18.46 -43.93
C LEU A 307 12.67 17.73 -43.88
N LEU A 308 12.71 16.45 -43.56
CA LEU A 308 11.52 15.62 -43.45
C LEU A 308 11.36 15.04 -42.06
N LEU A 309 10.22 15.37 -41.46
CA LEU A 309 9.82 14.86 -40.16
C LEU A 309 8.96 13.62 -40.36
N VAL A 310 9.52 12.50 -39.91
CA VAL A 310 8.87 11.21 -39.95
C VAL A 310 8.09 11.02 -38.63
N TRP A 311 6.74 11.12 -38.69
CA TRP A 311 5.95 11.05 -37.44
C TRP A 311 5.59 9.60 -37.08
N THR A 312 6.54 8.94 -36.42
CA THR A 312 6.41 7.62 -35.93
C THR A 312 5.21 7.56 -34.99
N GLY A 313 4.96 8.63 -34.21
CA GLY A 313 3.77 8.61 -33.36
C GLY A 313 2.47 8.49 -34.20
N ALA A 314 2.42 9.24 -35.28
CA ALA A 314 1.22 9.19 -36.15
C ALA A 314 1.16 7.87 -36.93
N ALA A 315 2.31 7.37 -37.40
CA ALA A 315 2.39 6.11 -38.13
C ALA A 315 1.84 4.99 -37.29
N ASN A 316 2.09 5.09 -35.98
CA ASN A 316 1.66 4.09 -35.03
C ASN A 316 0.16 4.08 -34.82
N ARG A 317 -0.52 5.12 -35.31
CA ARG A 317 -2.00 5.10 -35.24
C ARG A 317 -2.59 4.81 -36.63
N ASP A 318 -1.76 4.34 -37.58
CA ASP A 318 -2.22 4.16 -38.95
C ASP A 318 -3.06 2.90 -39.05
N GLU A 319 -4.33 3.08 -39.41
CA GLU A 319 -5.30 2.00 -39.51
C GLU A 319 -5.01 1.02 -40.67
N ARG A 320 -4.18 1.43 -41.64
CA ARG A 320 -3.71 0.53 -42.70
C ARG A 320 -2.72 -0.50 -42.11
N GLN A 321 -2.17 -0.22 -40.93
CA GLN A 321 -1.21 -1.15 -40.31
C GLN A 321 -1.79 -1.83 -39.08
N PHE A 322 -2.55 -1.10 -38.26
CA PHE A 322 -3.11 -1.68 -37.03
C PHE A 322 -4.62 -1.71 -37.02
N GLU A 323 -5.20 -2.83 -36.62
CA GLU A 323 -6.64 -2.87 -36.38
C GLU A 323 -6.96 -2.01 -35.15
N LYS A 324 -8.02 -1.21 -35.27
CA LYS A 324 -8.50 -0.37 -34.19
C LYS A 324 -7.32 0.36 -33.51
N PRO A 325 -6.60 1.19 -34.29
CA PRO A 325 -5.35 1.76 -33.82
C PRO A 325 -5.55 2.69 -32.64
N ASP A 326 -6.76 3.20 -32.44
CA ASP A 326 -6.97 4.11 -31.31
C ASP A 326 -7.42 3.36 -30.04
N VAL A 327 -7.42 2.04 -30.11
CA VAL A 327 -7.74 1.23 -28.95
C VAL A 327 -6.44 0.79 -28.27
N PHE A 328 -6.40 0.94 -26.95
CA PHE A 328 -5.23 0.46 -26.20
C PHE A 328 -5.39 -1.02 -25.86
N ASP A 329 -4.55 -1.87 -26.46
CA ASP A 329 -4.67 -3.33 -26.24
C ASP A 329 -3.41 -3.84 -25.58
N ALA A 330 -3.46 -4.12 -24.28
CA ALA A 330 -2.24 -4.46 -23.50
C ALA A 330 -1.57 -5.71 -24.02
N GLY A 331 -2.33 -6.54 -24.72
CA GLY A 331 -1.78 -7.77 -25.24
C GLY A 331 -1.64 -7.74 -26.74
N ARG A 332 -1.66 -6.54 -27.30
CA ARG A 332 -1.67 -6.42 -28.76
C ARG A 332 -0.55 -7.19 -29.43
N SER A 333 -0.93 -7.97 -30.43
CA SER A 333 -0.03 -8.77 -31.28
C SER A 333 -0.70 -9.04 -32.60
N PRO A 334 0.04 -8.87 -33.71
CA PRO A 334 1.43 -8.42 -33.70
C PRO A 334 1.49 -6.92 -33.45
N ASN A 335 2.67 -6.40 -33.11
CA ASN A 335 2.81 -4.98 -32.85
C ASN A 335 4.13 -4.45 -33.33
N ALA A 336 4.23 -4.26 -34.64
CA ALA A 336 5.48 -3.85 -35.25
C ALA A 336 5.52 -2.34 -35.31
N HIS A 337 5.39 -1.72 -34.14
CA HIS A 337 5.30 -0.27 -34.04
C HIS A 337 6.66 0.34 -34.40
N LEU A 338 6.68 1.66 -34.59
CA LEU A 338 7.90 2.35 -34.97
C LEU A 338 8.55 3.13 -33.79
N GLY A 339 8.04 2.86 -32.59
CA GLY A 339 8.47 3.54 -31.39
C GLY A 339 9.96 3.50 -31.12
N LEU A 340 10.60 2.46 -31.66
CA LEU A 340 12.00 2.21 -31.47
C LEU A 340 12.74 2.40 -32.77
N GLY A 341 12.03 2.93 -33.76
CA GLY A 341 12.61 3.15 -35.05
C GLY A 341 12.53 1.90 -35.91
N ARG A 342 13.35 1.89 -36.96
CA ARG A 342 13.42 0.78 -37.90
C ARG A 342 14.64 0.95 -38.75
N GLY A 343 15.39 -0.12 -39.01
CA GLY A 343 16.56 -0.03 -39.86
C GLY A 343 17.85 0.12 -39.10
N ILE A 344 18.79 0.84 -39.69
CA ILE A 344 20.15 0.89 -39.16
C ILE A 344 20.24 1.71 -37.90
N HIS A 345 19.30 2.65 -37.73
CA HIS A 345 19.28 3.49 -36.54
C HIS A 345 18.32 2.97 -35.47
N PHE A 346 17.84 1.74 -35.65
CA PHE A 346 17.01 1.03 -34.66
C PHE A 346 17.58 1.09 -33.27
N CYS A 347 16.74 1.47 -32.29
CA CYS A 347 17.21 1.79 -30.93
C CYS A 347 18.22 0.82 -30.35
N LEU A 348 19.43 1.31 -30.13
CA LEU A 348 20.52 0.54 -29.56
C LEU A 348 20.25 0.12 -28.14
N GLY A 349 19.54 0.95 -27.40
CA GLY A 349 19.31 0.63 -25.99
C GLY A 349 17.99 -0.11 -25.78
N ARG A 350 17.40 -0.65 -26.85
CA ARG A 350 16.08 -1.31 -26.74
C ARG A 350 15.99 -2.39 -25.65
N GLN A 351 17.02 -3.24 -25.56
CA GLN A 351 17.06 -4.30 -24.58
C GLN A 351 17.09 -3.75 -23.14
N LEU A 352 17.99 -2.80 -22.87
CA LEU A 352 18.00 -2.14 -21.58
C LEU A 352 16.70 -1.41 -21.24
N ALA A 353 16.12 -0.74 -22.24
CA ALA A 353 14.90 0.04 -22.00
C ALA A 353 13.73 -0.85 -21.64
N ARG A 354 13.60 -1.96 -22.37
CA ARG A 354 12.58 -2.96 -22.08
C ARG A 354 12.87 -3.66 -20.73
N MET A 355 14.13 -3.95 -20.44
CA MET A 355 14.42 -4.64 -19.16
C MET A 355 14.02 -3.72 -17.98
N GLU A 356 14.39 -2.45 -18.07
CA GLU A 356 14.11 -1.44 -17.04
C GLU A 356 12.66 -1.18 -16.81
N SER A 357 11.98 -0.93 -17.91
CA SER A 357 10.57 -0.60 -17.87
C SER A 357 9.76 -1.78 -17.31
N LYS A 358 10.05 -2.98 -17.79
CA LYS A 358 9.40 -4.19 -17.30
C LYS A 358 9.60 -4.36 -15.78
N ALA A 359 10.85 -4.21 -15.32
CA ALA A 359 11.14 -4.34 -13.93
C ALA A 359 10.38 -3.28 -13.13
N ALA A 360 10.32 -2.08 -13.69
CA ALA A 360 9.72 -0.95 -13.01
C ALA A 360 8.21 -1.13 -12.87
N VAL A 361 7.57 -1.47 -13.99
CA VAL A 361 6.14 -1.67 -13.92
C VAL A 361 5.74 -2.80 -12.99
N GLU A 362 6.45 -3.93 -13.09
CA GLU A 362 6.20 -5.08 -12.27
C GLU A 362 6.32 -4.72 -10.81
N ILE A 363 7.40 -4.03 -10.46
CA ILE A 363 7.58 -3.73 -9.07
C ILE A 363 6.59 -2.65 -8.58
N LEU A 364 6.21 -1.69 -9.41
CA LEU A 364 5.14 -0.75 -9.04
C LEU A 364 3.85 -1.50 -8.80
N LEU A 365 3.55 -2.49 -9.63
CA LEU A 365 2.29 -3.25 -9.45
C LEU A 365 2.19 -4.07 -8.15
N ASP A 366 3.35 -4.57 -7.69
CA ASP A 366 3.45 -5.45 -6.55
C ASP A 366 3.57 -4.68 -5.24
N ARG A 367 4.41 -3.65 -5.22
CA ARG A 367 4.61 -2.82 -4.05
C ARG A 367 3.53 -1.76 -3.84
N LEU A 368 2.98 -1.20 -4.92
CA LEU A 368 2.00 -0.12 -4.81
C LEU A 368 0.77 -0.46 -5.61
N PRO A 369 0.08 -1.53 -5.22
CA PRO A 369 -1.03 -2.01 -6.05
C PRO A 369 -2.19 -1.03 -6.06
N THR A 370 -2.21 -0.10 -5.10
CA THR A 370 -3.30 0.89 -4.99
C THR A 370 -2.95 2.18 -5.72
N LEU A 371 -1.72 2.24 -6.26
CA LEU A 371 -1.26 3.42 -6.99
C LEU A 371 -2.31 3.82 -8.06
N ARG A 372 -2.68 5.10 -8.07
CA ARG A 372 -3.66 5.64 -9.03
C ARG A 372 -3.25 7.02 -9.49
N ALA A 373 -3.74 7.44 -10.64
CA ALA A 373 -3.51 8.82 -11.06
C ALA A 373 -4.32 9.72 -10.14
N ASP A 374 -3.71 10.79 -9.65
CA ASP A 374 -4.33 11.74 -8.73
C ASP A 374 -5.42 12.50 -9.47
N PRO A 375 -6.68 12.28 -9.11
CA PRO A 375 -7.76 12.91 -9.89
C PRO A 375 -7.84 14.43 -9.69
N ALA A 376 -7.36 14.91 -8.55
CA ALA A 376 -7.38 16.35 -8.29
C ALA A 376 -6.25 17.05 -9.05
N ASN A 377 -5.31 16.27 -9.56
CA ASN A 377 -4.11 16.84 -10.13
C ASN A 377 -3.63 16.04 -11.32
N PRO A 378 -4.13 16.39 -12.53
CA PRO A 378 -3.82 15.66 -13.76
C PRO A 378 -2.35 15.75 -14.14
N PRO A 379 -1.87 14.82 -14.99
CA PRO A 379 -0.50 14.87 -15.48
C PRO A 379 -0.29 16.01 -16.47
N THR A 380 0.97 16.44 -16.63
CA THR A 380 1.34 17.29 -17.76
C THR A 380 2.21 16.49 -18.72
N PHE A 381 2.14 16.89 -19.99
CA PHE A 381 2.91 16.26 -21.03
C PHE A 381 4.14 17.05 -21.37
N LEU A 382 5.16 16.34 -21.81
CA LEU A 382 6.45 16.96 -22.10
C LEU A 382 6.31 17.96 -23.26
N GLN A 383 6.85 19.15 -23.01
CA GLN A 383 6.72 20.30 -23.91
C GLN A 383 7.70 20.24 -25.07
N VAL A 384 7.77 19.09 -25.73
CA VAL A 384 8.71 18.89 -26.80
C VAL A 384 8.01 18.19 -27.95
N VAL A 385 8.11 18.76 -29.15
CA VAL A 385 7.24 18.32 -30.23
C VAL A 385 7.56 16.90 -30.71
N ASP A 386 8.80 16.42 -30.57
CA ASP A 386 9.08 15.08 -31.10
C ASP A 386 8.91 13.98 -30.05
N ALA A 387 8.27 14.34 -28.96
CA ALA A 387 8.00 13.42 -27.87
C ALA A 387 6.54 13.43 -27.44
N SER A 388 6.00 12.23 -27.30
CA SER A 388 4.67 12.11 -26.81
C SER A 388 4.72 11.36 -25.46
N GLY A 389 4.68 12.11 -24.37
CA GLY A 389 4.70 11.48 -23.06
C GLY A 389 4.50 12.45 -21.93
N VAL A 390 4.32 11.93 -20.71
CA VAL A 390 4.00 12.77 -19.55
C VAL A 390 5.31 13.32 -18.96
N ALA A 391 5.31 14.58 -18.56
CA ALA A 391 6.45 15.21 -17.85
C ALA A 391 6.27 15.16 -16.32
N THR A 392 5.01 15.13 -15.91
CA THR A 392 4.63 15.06 -14.50
C THR A 392 3.53 14.06 -14.36
N LEU A 393 3.63 13.18 -13.36
CA LEU A 393 2.50 12.29 -13.11
C LEU A 393 2.23 12.16 -11.64
N PRO A 394 1.44 13.10 -11.08
CA PRO A 394 1.03 12.98 -9.67
C PRO A 394 0.24 11.72 -9.43
N VAL A 395 0.69 10.97 -8.44
CA VAL A 395 0.00 9.74 -8.08
C VAL A 395 -0.40 9.75 -6.61
N VAL A 396 -1.46 8.99 -6.32
CA VAL A 396 -1.88 8.80 -4.95
C VAL A 396 -1.92 7.32 -4.62
N THR A 397 -1.52 6.99 -3.39
CA THR A 397 -1.62 5.63 -2.86
C THR A 397 -2.71 5.63 -1.80
N TRP B 9 -25.30 39.12 -2.33
CA TRP B 9 -23.95 39.39 -1.84
C TRP B 9 -23.17 40.38 -2.70
N GLU B 10 -22.39 41.25 -2.07
CA GLU B 10 -21.63 42.24 -2.81
C GLU B 10 -20.26 41.73 -3.21
N PHE B 11 -20.28 40.92 -4.28
CA PHE B 11 -19.06 40.42 -4.85
C PHE B 11 -18.34 41.59 -5.49
N HIS B 12 -17.04 41.42 -5.73
CA HIS B 12 -16.26 42.30 -6.59
C HIS B 12 -17.01 42.49 -7.90
N PRO B 13 -17.11 43.75 -8.38
CA PRO B 13 -17.89 44.00 -9.60
C PRO B 13 -17.37 43.24 -10.84
N GLY B 14 -16.11 42.84 -10.86
CA GLY B 14 -15.57 42.06 -11.96
C GLY B 14 -15.95 40.58 -12.00
N HIS B 15 -16.48 40.05 -10.89
CA HIS B 15 -16.75 38.60 -10.79
C HIS B 15 -18.18 38.24 -11.18
N PHE B 16 -18.47 38.43 -12.45
CA PHE B 16 -19.81 38.21 -12.96
C PHE B 16 -20.30 36.79 -12.73
N TRP B 17 -19.38 35.83 -12.73
CA TRP B 17 -19.75 34.43 -12.55
C TRP B 17 -20.35 34.13 -11.17
N MET B 18 -20.00 34.93 -10.15
CA MET B 18 -20.62 34.79 -8.81
C MET B 18 -22.10 35.22 -8.85
N ARG B 19 -22.47 35.99 -9.87
CA ARG B 19 -23.85 36.45 -10.03
C ARG B 19 -24.60 35.60 -11.07
N GLY B 20 -24.01 34.48 -11.47
CA GLY B 20 -24.66 33.58 -12.41
C GLY B 20 -24.72 34.02 -13.88
N LYS B 21 -23.80 34.88 -14.29
CA LYS B 21 -23.73 35.26 -15.70
C LYS B 21 -22.65 34.53 -16.44
N ARG B 22 -23.00 34.02 -17.61
CA ARG B 22 -22.04 33.38 -18.48
C ARG B 22 -21.25 34.49 -19.19
N PRO B 23 -19.99 34.24 -19.50
CA PRO B 23 -19.23 35.25 -20.24
C PRO B 23 -19.77 35.40 -21.65
N ASP B 24 -19.72 36.61 -22.20
CA ASP B 24 -20.14 36.87 -23.56
C ASP B 24 -19.17 36.23 -24.57
N LYS B 25 -17.87 36.27 -24.26
CA LYS B 25 -16.84 35.57 -25.03
C LYS B 25 -15.88 34.81 -24.11
N ILE B 26 -15.38 33.66 -24.56
CA ILE B 26 -14.41 32.87 -23.82
C ILE B 26 -13.09 33.62 -23.68
N VAL B 27 -12.73 34.31 -24.76
CA VAL B 27 -11.53 35.13 -24.78
C VAL B 27 -11.92 36.54 -25.23
N ASP B 28 -11.52 37.56 -24.46
CA ASP B 28 -11.70 38.94 -24.88
C ASP B 28 -10.48 39.74 -24.53
N TYR B 29 -10.43 40.93 -25.07
CA TYR B 29 -9.32 41.80 -24.86
C TYR B 29 -9.77 43.05 -24.09
N ASP B 30 -9.00 43.41 -23.08
CA ASP B 30 -9.30 44.61 -22.31
C ASP B 30 -8.45 45.76 -22.87
N GLU B 31 -9.10 46.68 -23.58
CA GLU B 31 -8.43 47.80 -24.23
C GLU B 31 -7.87 48.78 -23.22
N GLU B 32 -8.57 48.95 -22.10
CA GLU B 32 -8.15 49.92 -21.12
C GLU B 32 -6.98 49.40 -20.28
N LEU B 33 -6.97 48.10 -20.03
CA LEU B 33 -5.93 47.49 -19.21
C LEU B 33 -4.85 46.81 -20.06
N GLN B 34 -5.13 46.65 -21.35
CA GLN B 34 -4.23 46.03 -22.31
C GLN B 34 -3.79 44.64 -21.88
N LEU B 35 -4.79 43.79 -21.64
CA LEU B 35 -4.57 42.43 -21.26
C LEU B 35 -5.69 41.59 -21.82
N TRP B 36 -5.50 40.28 -21.77
CA TRP B 36 -6.46 39.34 -22.28
C TRP B 36 -7.18 38.54 -21.16
N ASN B 37 -8.47 38.27 -21.33
CA ASN B 37 -9.18 37.49 -20.30
C ASN B 37 -9.61 36.16 -20.87
N VAL B 38 -9.34 35.07 -20.17
CA VAL B 38 -9.89 33.75 -20.52
C VAL B 38 -10.85 33.26 -19.44
N TYR B 39 -12.05 32.85 -19.86
CA TYR B 39 -13.07 32.44 -18.89
C TYR B 39 -13.50 30.96 -18.99
N GLY B 40 -13.03 30.23 -20.01
CA GLY B 40 -13.51 28.87 -20.25
C GLY B 40 -12.66 27.84 -19.56
N TYR B 41 -13.27 26.72 -19.17
CA TYR B 41 -12.51 25.67 -18.46
C TYR B 41 -11.48 24.93 -19.36
N PRO B 42 -11.93 24.39 -20.52
CA PRO B 42 -10.93 23.68 -21.35
C PRO B 42 -9.76 24.58 -21.80
N GLU B 43 -10.03 25.87 -22.03
CA GLU B 43 -9.02 26.81 -22.46
C GLU B 43 -8.01 27.09 -21.32
N SER B 44 -8.52 27.38 -20.13
CA SER B 44 -7.72 27.60 -18.92
C SER B 44 -6.85 26.38 -18.62
N ALA B 45 -7.47 25.21 -18.65
CA ALA B 45 -6.74 23.94 -18.41
C ALA B 45 -5.59 23.77 -19.37
N ALA B 46 -5.88 23.92 -20.67
CA ALA B 46 -4.84 23.79 -21.69
C ALA B 46 -3.74 24.83 -21.48
N ILE B 47 -4.14 26.08 -21.19
CA ILE B 47 -3.18 27.16 -20.97
C ILE B 47 -2.26 26.86 -19.76
N LEU B 48 -2.86 26.44 -18.65
CA LEU B 48 -2.11 26.14 -17.44
C LEU B 48 -1.19 24.93 -17.67
N SER B 49 -1.59 24.02 -18.55
CA SER B 49 -0.81 22.82 -18.85
C SER B 49 0.25 23.06 -19.93
N ASN B 50 0.34 24.28 -20.45
CA ASN B 50 1.34 24.61 -21.47
C ASN B 50 2.24 25.77 -21.03
N PRO B 51 3.14 25.50 -20.10
CA PRO B 51 4.03 26.55 -19.58
C PRO B 51 5.10 27.05 -20.58
N LYS B 52 5.46 26.27 -21.60
CA LYS B 52 6.46 26.71 -22.59
C LYS B 52 5.93 27.91 -23.35
N VAL B 53 4.64 27.85 -23.68
CA VAL B 53 4.02 28.91 -24.41
C VAL B 53 3.50 29.96 -23.43
N PHE B 54 2.89 29.52 -22.33
CA PHE B 54 2.28 30.44 -21.36
C PHE B 54 3.11 30.56 -20.07
N SER B 55 3.99 31.53 -20.05
CA SER B 55 4.94 31.73 -18.95
C SER B 55 4.29 32.22 -17.66
N SER B 56 4.87 31.84 -16.52
CA SER B 56 4.43 32.34 -15.21
C SER B 56 5.26 33.55 -14.83
N ASP B 57 6.16 33.95 -15.71
CA ASP B 57 6.99 35.16 -15.51
C ASP B 57 6.27 36.41 -16.00
N THR B 58 5.22 36.79 -15.30
CA THR B 58 4.38 37.92 -15.66
C THR B 58 5.07 39.25 -15.38
N MET B 59 6.00 39.27 -14.43
CA MET B 59 6.73 40.50 -14.10
C MET B 59 7.54 41.02 -15.29
N ARG B 60 7.87 40.11 -16.20
CA ARG B 60 8.56 40.47 -17.44
C ARG B 60 7.79 41.55 -18.24
N LEU B 61 6.46 41.49 -18.20
CA LEU B 61 5.60 42.42 -18.95
C LEU B 61 5.11 43.62 -18.14
N ASP B 62 5.47 43.71 -16.86
CA ASP B 62 5.03 44.84 -16.03
C ASP B 62 5.81 46.13 -16.36
N PRO B 63 5.11 47.28 -16.34
CA PRO B 63 5.71 48.59 -16.57
C PRO B 63 6.64 48.99 -15.43
N ILE B 64 6.36 48.49 -14.22
CA ILE B 64 7.25 48.72 -13.08
C ILE B 64 7.64 47.36 -12.51
N LYS B 65 8.93 47.15 -12.26
CA LYS B 65 9.41 45.82 -11.85
C LYS B 65 10.28 45.89 -10.61
N LEU B 66 10.33 44.78 -9.88
CA LEU B 66 11.32 44.64 -8.83
C LEU B 66 12.57 44.06 -9.43
N ASP B 67 13.73 44.36 -8.84
CA ASP B 67 14.98 43.88 -9.37
C ASP B 67 15.03 42.38 -9.20
N GLU B 68 15.58 41.70 -10.20
CA GLU B 68 15.57 40.25 -10.21
C GLU B 68 16.26 39.62 -9.01
N ALA B 69 17.38 40.21 -8.61
CA ALA B 69 18.17 39.65 -7.53
C ALA B 69 17.32 39.62 -6.28
N ILE B 70 16.44 40.61 -6.17
CA ILE B 70 15.55 40.65 -5.02
C ILE B 70 14.56 39.51 -5.04
N VAL B 71 13.98 39.22 -6.21
CA VAL B 71 12.95 38.19 -6.36
C VAL B 71 13.47 36.77 -6.68
N GLU B 72 14.79 36.55 -6.69
CA GLU B 72 15.28 35.21 -7.06
C GLU B 72 14.87 34.20 -6.00
N GLY B 73 14.35 33.05 -6.45
CA GLY B 73 13.79 32.10 -5.51
C GLY B 73 12.26 32.04 -5.54
N ASP B 74 11.64 33.06 -6.12
CA ASP B 74 10.19 33.06 -6.14
C ASP B 74 9.75 32.14 -7.25
N PHE B 75 9.76 30.83 -6.97
CA PHE B 75 9.49 29.83 -8.04
C PHE B 75 8.04 29.83 -8.58
N ALA B 76 7.15 30.55 -7.89
CA ALA B 76 5.76 30.67 -8.36
C ALA B 76 5.71 31.42 -9.68
N HIS B 77 6.72 32.27 -9.89
CA HIS B 77 6.86 33.04 -11.13
C HIS B 77 8.04 32.64 -12.01
N THR B 78 8.50 31.41 -11.88
CA THR B 78 9.61 30.89 -12.68
C THR B 78 9.13 29.79 -13.60
N ASP B 79 9.75 29.70 -14.76
CA ASP B 79 9.42 28.64 -15.71
C ASP B 79 10.45 27.54 -15.64
N PRO B 80 10.13 26.38 -16.19
CA PRO B 80 11.15 25.34 -16.36
C PRO B 80 12.20 25.85 -17.35
N PRO B 81 13.45 25.35 -17.25
CA PRO B 81 13.81 24.27 -16.31
C PRO B 81 14.08 24.73 -14.88
N LYS B 82 14.17 26.03 -14.63
CA LYS B 82 14.53 26.51 -13.31
C LYS B 82 13.38 26.26 -12.34
N HIS B 83 12.17 26.20 -12.88
CA HIS B 83 11.03 25.95 -12.03
C HIS B 83 11.17 24.63 -11.32
N ARG B 84 11.52 23.59 -12.09
CA ARG B 84 11.54 22.23 -11.57
C ARG B 84 12.52 22.07 -10.40
N ARG B 85 13.75 22.54 -10.59
CA ARG B 85 14.78 22.52 -9.55
C ARG B 85 14.24 23.11 -8.27
N LEU B 86 13.78 24.36 -8.34
CA LEU B 86 13.36 25.08 -7.15
C LEU B 86 12.18 24.38 -6.46
N ARG B 87 11.14 24.10 -7.22
CA ARG B 87 10.03 23.42 -6.59
C ARG B 87 10.42 22.06 -6.01
N GLY B 88 11.29 21.33 -6.70
CA GLY B 88 11.74 20.03 -6.23
C GLY B 88 12.39 20.11 -4.85
N LEU B 89 13.18 21.16 -4.66
CA LEU B 89 13.88 21.43 -3.40
C LEU B 89 12.88 21.66 -2.26
N VAL B 90 11.83 22.41 -2.56
CA VAL B 90 10.83 22.75 -1.54
C VAL B 90 10.00 21.51 -1.21
N ASP B 91 9.60 20.77 -2.25
CA ASP B 91 8.90 19.52 -2.02
C ASP B 91 9.73 18.62 -1.10
N HIS B 92 11.01 18.44 -1.43
CA HIS B 92 11.89 17.63 -0.61
C HIS B 92 11.92 18.11 0.86
N ALA B 93 11.87 19.43 1.06
CA ALA B 93 11.87 20.02 2.40
C ALA B 93 10.63 19.68 3.21
N PHE B 94 9.49 19.49 2.54
CA PHE B 94 8.28 18.97 3.16
C PHE B 94 8.33 17.51 3.49
N THR B 95 9.15 17.12 4.46
CA THR B 95 9.20 15.71 4.83
C THR B 95 7.88 15.24 5.42
N PRO B 96 7.64 13.93 5.32
CA PRO B 96 6.41 13.35 5.87
C PRO B 96 6.31 13.62 7.39
N SER B 97 7.43 13.82 8.08
CA SER B 97 7.37 14.12 9.50
C SER B 97 6.86 15.52 9.78
N LEU B 98 7.35 16.50 9.04
CA LEU B 98 6.86 17.86 9.20
C LEU B 98 5.34 17.91 9.04
N VAL B 99 4.83 17.28 7.98
CA VAL B 99 3.39 17.26 7.73
C VAL B 99 2.66 16.53 8.85
N ALA B 100 3.24 15.41 9.30
CA ALA B 100 2.71 14.64 10.42
C ALA B 100 2.62 15.51 11.68
N LYS B 101 3.68 16.26 11.95
CA LYS B 101 3.72 17.14 13.10
C LYS B 101 2.62 18.16 13.02
N MET B 102 2.45 18.76 11.85
CA MET B 102 1.39 19.74 11.70
C MET B 102 0.03 19.10 11.86
N GLU B 103 -0.18 17.93 11.27
CA GLU B 103 -1.48 17.29 11.33
C GLU B 103 -1.79 16.81 12.75
N SER B 104 -0.75 16.52 13.52
CA SER B 104 -0.88 16.15 14.89
C SER B 104 -1.30 17.31 15.78
N ARG B 105 -0.86 18.50 15.39
CA ARG B 105 -1.02 19.69 16.20
C ARG B 105 -2.23 20.53 15.84
N VAL B 106 -2.81 20.32 14.66
CA VAL B 106 -3.86 21.20 14.18
C VAL B 106 -5.12 21.28 15.12
N HIS B 107 -5.49 20.21 15.82
CA HIS B 107 -6.66 20.23 16.71
C HIS B 107 -6.43 21.10 17.97
N GLY B 108 -5.22 21.08 18.53
CA GLY B 108 -4.92 21.91 19.70
C GLY B 108 -5.02 23.41 19.48
N ILE B 109 -4.46 23.90 18.37
CA ILE B 109 -4.44 25.32 18.04
C ILE B 109 -5.83 25.85 17.76
N ILE B 110 -6.63 25.03 17.07
CA ILE B 110 -8.01 25.37 16.77
C ILE B 110 -8.81 25.47 18.08
N HIS B 111 -8.68 24.48 18.95
CA HIS B 111 -9.37 24.56 20.23
C HIS B 111 -8.92 25.75 21.04
N GLU B 112 -7.64 26.06 20.95
CA GLU B 112 -7.04 27.20 21.62
C GLU B 112 -7.55 28.51 21.05
N LEU B 113 -7.66 28.59 19.72
CA LEU B 113 -8.29 29.75 19.13
C LEU B 113 -9.72 29.93 19.62
N LEU B 114 -10.49 28.85 19.59
CA LEU B 114 -11.91 28.90 19.97
C LEU B 114 -12.14 29.14 21.47
N ASP B 115 -11.17 28.77 22.30
CA ASP B 115 -11.21 29.12 23.72
C ASP B 115 -11.21 30.64 23.82
N GLY B 116 -10.57 31.28 22.85
CA GLY B 116 -10.48 32.72 22.81
C GLY B 116 -11.80 33.46 22.65
N VAL B 117 -12.77 32.83 22.01
CA VAL B 117 -14.06 33.48 21.82
C VAL B 117 -15.19 32.84 22.62
N GLU B 118 -14.87 32.02 23.62
CA GLU B 118 -15.91 31.45 24.48
C GLU B 118 -16.58 32.59 25.25
N GLY B 119 -17.91 32.58 25.31
CA GLY B 119 -18.64 33.60 26.05
C GLY B 119 -19.16 34.75 25.19
N LYS B 120 -18.58 34.88 24.00
CA LYS B 120 -18.96 35.93 23.04
C LYS B 120 -20.03 35.36 22.13
N SER B 121 -21.20 35.98 22.07
CA SER B 121 -22.27 35.43 21.25
C SER B 121 -22.21 35.90 19.80
N GLN B 122 -21.48 36.98 19.56
CA GLN B 122 -21.33 37.52 18.23
C GLN B 122 -19.86 37.93 18.01
N PHE B 123 -19.28 37.50 16.89
CA PHE B 123 -17.90 37.88 16.57
C PHE B 123 -17.60 37.64 15.08
N ASP B 124 -16.44 38.13 14.64
CA ASP B 124 -16.02 37.90 13.25
C ASP B 124 -15.20 36.63 13.15
N LEU B 125 -15.77 35.64 12.48
CA LEU B 125 -15.12 34.36 12.30
C LEU B 125 -13.73 34.51 11.65
N VAL B 126 -13.59 35.42 10.70
CA VAL B 126 -12.30 35.60 10.01
C VAL B 126 -11.22 36.12 10.96
N ALA B 127 -11.47 37.26 11.58
CA ALA B 127 -10.48 37.87 12.48
C ALA B 127 -10.23 36.98 13.71
N GLU B 128 -11.24 36.28 14.20
CA GLU B 128 -11.06 35.50 15.42
C GLU B 128 -10.50 34.10 15.15
N PHE B 129 -10.77 33.56 13.96
CA PHE B 129 -10.49 32.15 13.72
C PHE B 129 -9.86 31.80 12.36
N ALA B 130 -10.57 32.14 11.28
CA ALA B 130 -10.21 31.63 9.97
C ALA B 130 -8.89 32.21 9.50
N ALA B 131 -8.62 33.44 9.88
CA ALA B 131 -7.35 34.05 9.50
C ALA B 131 -6.17 33.67 10.42
N PRO B 132 -6.34 33.67 11.76
CA PRO B 132 -5.17 33.30 12.58
C PRO B 132 -4.66 31.86 12.44
N LEU B 133 -5.54 30.90 12.20
CA LEU B 133 -5.13 29.49 12.22
C LEU B 133 -4.05 29.14 11.16
N PRO B 134 -4.26 29.44 9.88
CA PRO B 134 -3.18 29.13 8.92
C PRO B 134 -1.93 30.01 9.10
N LEU B 135 -2.07 31.22 9.64
CA LEU B 135 -0.87 32.00 9.92
C LEU B 135 -0.02 31.24 10.92
N ILE B 136 -0.63 30.77 12.00
CA ILE B 136 0.09 30.01 12.99
C ILE B 136 0.66 28.73 12.36
N MET B 137 -0.16 28.03 11.57
CA MET B 137 0.29 26.77 10.98
C MET B 137 1.51 26.95 10.11
N ILE B 138 1.48 27.94 9.22
CA ILE B 138 2.62 28.16 8.32
C ILE B 138 3.81 28.73 9.05
N SER B 139 3.54 29.57 10.04
CA SER B 139 4.61 30.10 10.90
C SER B 139 5.28 28.97 11.69
N ASP B 140 4.51 28.05 12.26
CA ASP B 140 5.11 26.93 13.02
C ASP B 140 5.88 26.03 12.07
N LEU B 141 5.35 25.88 10.87
CA LEU B 141 6.03 25.11 9.88
C LEU B 141 7.37 25.72 9.52
N LEU B 142 7.36 27.03 9.32
CA LEU B 142 8.56 27.76 8.92
C LEU B 142 9.48 28.06 10.09
N GLY B 143 8.99 27.85 11.31
CA GLY B 143 9.84 28.03 12.48
C GLY B 143 9.89 29.45 13.06
N VAL B 144 8.79 30.18 12.93
CA VAL B 144 8.73 31.52 13.47
C VAL B 144 8.38 31.57 14.98
N PRO B 145 9.17 32.30 15.79
CA PRO B 145 8.76 32.49 17.18
C PRO B 145 7.46 33.28 17.31
N GLU B 146 6.67 33.03 18.36
CA GLU B 146 5.41 33.74 18.54
C GLU B 146 5.49 35.29 18.68
N SER B 147 6.48 35.79 19.43
CA SER B 147 6.69 37.23 19.64
C SER B 147 6.83 37.86 18.27
N ASP B 148 7.45 37.04 17.42
CA ASP B 148 7.84 37.39 16.09
C ASP B 148 6.70 37.42 15.06
N ARG B 149 5.59 36.76 15.35
CA ARG B 149 4.42 36.72 14.45
C ARG B 149 3.70 38.07 14.38
N ALA B 150 3.95 38.93 15.35
CA ALA B 150 3.37 40.26 15.35
C ALA B 150 3.65 40.92 14.00
N LEU B 151 4.89 40.83 13.56
CA LEU B 151 5.31 41.42 12.27
C LEU B 151 4.54 40.80 11.10
N PHE B 152 4.20 39.52 11.22
CA PHE B 152 3.40 38.82 10.21
C PHE B 152 1.90 39.13 10.24
N ARG B 153 1.36 39.42 11.42
CA ARG B 153 -0.05 39.75 11.54
C ARG B 153 -0.40 40.99 10.71
N GLN B 154 0.65 41.74 10.30
CA GLN B 154 0.52 42.85 9.36
C GLN B 154 -0.01 42.38 7.99
N TRP B 155 0.53 41.29 7.46
CA TRP B 155 0.07 40.74 6.18
C TRP B 155 -1.35 40.27 6.36
N MET B 156 -1.67 39.89 7.59
CA MET B 156 -2.98 39.34 7.90
C MET B 156 -3.97 40.49 7.93
N ASP B 157 -3.52 41.63 8.45
CA ASP B 157 -4.36 42.80 8.43
C ASP B 157 -4.14 43.76 7.25
N LYS B 158 -2.95 43.82 6.65
CA LYS B 158 -2.81 44.68 5.48
C LYS B 158 -3.60 44.18 4.27
N MET B 159 -3.54 42.87 4.04
CA MET B 159 -4.19 42.31 2.87
C MET B 159 -5.71 42.21 3.03
N LEU B 160 -6.17 41.98 4.24
CA LEU B 160 -7.62 41.88 4.51
C LEU B 160 -8.35 43.18 4.27
N GLU B 184 6.49 46.45 -1.43
CA GLU B 184 5.65 46.61 -0.24
C GLU B 184 6.35 46.12 1.03
N LEU B 185 5.57 45.84 2.06
CA LEU B 185 6.11 45.41 3.36
C LEU B 185 6.54 43.95 3.31
N LEU B 186 6.54 43.40 2.10
CA LEU B 186 7.05 42.06 1.85
C LEU B 186 8.54 42.19 2.05
N TRP B 187 9.03 43.44 1.91
CA TRP B 187 10.43 43.79 2.11
C TRP B 187 10.92 43.64 3.57
N GLU B 188 10.09 43.94 4.54
CA GLU B 188 10.55 43.74 5.92
C GLU B 188 10.45 42.25 6.34
N MET B 189 9.43 41.53 5.87
CA MET B 189 9.35 40.09 6.06
C MET B 189 10.59 39.51 5.35
N ARG B 190 10.96 40.21 4.28
CA ARG B 190 12.08 39.84 3.37
C ARG B 190 13.49 39.80 4.02
N ASP B 191 13.87 40.87 4.71
CA ASP B 191 15.17 40.89 5.39
C ASP B 191 15.22 40.16 6.67
N TYR B 192 14.03 39.79 7.06
CA TYR B 192 13.67 38.99 8.15
C TYR B 192 14.02 37.52 7.94
N TRP B 193 13.64 36.95 6.80
CA TRP B 193 13.90 35.54 6.53
C TRP B 193 15.34 35.04 6.38
N HIS B 194 16.23 35.81 5.75
CA HIS B 194 17.64 35.37 5.65
C HIS B 194 18.43 35.27 6.96
N GLU B 195 18.27 36.22 7.88
CA GLU B 195 19.04 36.09 9.10
C GLU B 195 18.51 34.84 9.86
N ARG B 196 17.24 34.51 9.68
CA ARG B 196 16.78 33.22 10.15
C ARG B 196 17.35 32.09 9.36
N ALA B 197 17.56 32.32 8.07
CA ALA B 197 18.27 31.35 7.23
C ALA B 197 19.70 31.23 7.75
N ALA B 198 20.31 32.37 8.01
CA ALA B 198 21.64 32.39 8.56
C ALA B 198 21.71 31.54 9.83
N GLU B 199 20.82 31.83 10.78
CA GLU B 199 20.81 31.13 12.07
C GLU B 199 20.62 29.63 11.93
N SER B 200 19.83 29.21 10.95
CA SER B 200 19.54 27.79 10.74
C SER B 200 20.74 26.96 10.27
N ARG B 201 21.70 27.60 9.61
CA ARG B 201 22.85 26.85 9.11
C ARG B 201 23.80 26.43 10.23
N LYS B 202 23.96 27.31 11.22
CA LYS B 202 24.85 27.03 12.34
C LYS B 202 24.13 26.18 13.41
N ARG B 203 22.81 26.28 13.44
CA ARG B 203 22.02 25.61 14.47
C ARG B 203 20.64 25.22 13.95
N PRO B 204 20.58 24.13 13.20
CA PRO B 204 19.35 23.60 12.57
C PRO B 204 18.29 23.23 13.61
N ARG B 205 17.02 23.29 13.22
CA ARG B 205 15.89 22.91 14.09
C ARG B 205 14.86 22.11 13.28
N GLU B 206 13.78 21.66 13.92
CA GLU B 206 12.81 20.83 13.18
C GLU B 206 11.73 21.67 12.52
N ASP B 207 12.15 22.49 11.55
CA ASP B 207 11.22 23.33 10.79
C ASP B 207 11.66 23.41 9.34
N LEU B 208 10.80 24.02 8.53
CA LEU B 208 10.99 24.05 7.10
C LEU B 208 12.21 24.84 6.68
N ILE B 209 12.42 25.97 7.32
CA ILE B 209 13.56 26.81 6.97
C ILE B 209 14.88 26.08 7.16
N SER B 210 15.03 25.41 8.31
CA SER B 210 16.27 24.70 8.55
C SER B 210 16.42 23.62 7.49
N GLN B 211 15.29 23.04 7.12
CA GLN B 211 15.26 21.97 6.12
C GLN B 211 15.54 22.53 4.72
N LEU B 212 15.10 23.76 4.48
CA LEU B 212 15.43 24.40 3.23
C LEU B 212 16.92 24.68 3.15
N VAL B 213 17.50 25.02 4.29
CA VAL B 213 18.90 25.34 4.39
C VAL B 213 19.80 24.14 4.11
N HIS B 214 19.37 22.98 4.59
CA HIS B 214 20.15 21.75 4.44
C HIS B 214 19.85 20.96 3.17
N ALA B 215 18.65 21.12 2.64
CA ALA B 215 18.27 20.27 1.53
C ALA B 215 19.06 20.59 0.29
N GLU B 216 19.29 19.55 -0.50
CA GLU B 216 19.98 19.65 -1.77
C GLU B 216 19.32 18.58 -2.64
N VAL B 217 19.02 18.92 -3.88
CA VAL B 217 18.58 17.92 -4.86
C VAL B 217 19.50 18.13 -6.08
N ASP B 218 20.00 17.02 -6.66
CA ASP B 218 20.95 16.99 -7.80
C ASP B 218 22.08 18.02 -7.65
N GLY B 219 22.67 18.06 -6.46
CA GLY B 219 23.85 18.84 -6.16
C GLY B 219 23.77 20.36 -6.00
N GLN B 220 22.56 20.91 -5.97
CA GLN B 220 22.42 22.36 -5.80
C GLN B 220 21.75 22.74 -4.48
N LYS B 221 22.43 23.61 -3.72
CA LYS B 221 21.91 24.19 -2.49
C LYS B 221 21.19 25.53 -2.71
N LEU B 222 20.46 25.99 -1.70
CA LEU B 222 19.77 27.29 -1.76
C LEU B 222 20.57 28.38 -0.99
N ASN B 223 20.60 29.62 -1.47
CA ASN B 223 21.21 30.70 -0.68
C ASN B 223 20.14 31.39 0.18
N ASP B 224 20.55 32.36 0.97
CA ASP B 224 19.62 33.01 1.89
C ASP B 224 18.66 33.96 1.16
N SER B 225 19.11 34.52 0.04
CA SER B 225 18.26 35.41 -0.72
C SER B 225 17.12 34.61 -1.36
N GLN B 226 17.46 33.41 -1.84
CA GLN B 226 16.47 32.47 -2.38
C GLN B 226 15.56 31.97 -1.26
N ILE B 227 16.15 31.58 -0.12
CA ILE B 227 15.33 31.07 0.98
C ILE B 227 14.34 32.14 1.42
N SER B 228 14.82 33.39 1.44
CA SER B 228 13.96 34.52 1.80
C SER B 228 12.70 34.62 0.90
N ASN B 229 12.89 34.57 -0.42
CA ASN B 229 11.78 34.68 -1.38
C ASN B 229 10.92 33.40 -1.37
N ILE B 230 11.56 32.27 -1.07
CA ILE B 230 10.80 31.02 -0.93
C ILE B 230 9.91 31.07 0.33
N ALA B 231 10.49 31.44 1.46
CA ALA B 231 9.76 31.61 2.70
C ALA B 231 8.65 32.61 2.54
N ASN B 232 8.90 33.71 1.85
CA ASN B 232 7.89 34.76 1.66
C ASN B 232 6.72 34.26 0.78
N ARG B 233 7.02 33.45 -0.22
CA ARG B 233 5.99 32.96 -1.15
C ARG B 233 4.96 32.02 -0.49
N LEU B 234 5.45 31.17 0.40
CA LEU B 234 4.65 30.24 1.18
C LEU B 234 3.72 31.02 2.10
N LEU B 235 4.25 32.02 2.77
CA LEU B 235 3.44 32.85 3.64
C LEU B 235 2.24 33.45 2.99
N VAL B 236 2.47 34.16 1.89
CA VAL B 236 1.40 34.90 1.25
C VAL B 236 0.45 33.93 0.55
N ASN B 237 0.99 32.84 -0.01
CA ASN B 237 0.14 31.91 -0.74
C ASN B 237 -0.71 31.04 0.14
N GLY B 238 -0.24 30.82 1.36
CA GLY B 238 -0.92 29.90 2.23
C GLY B 238 -1.76 30.49 3.33
N HIS B 239 -1.72 31.81 3.49
CA HIS B 239 -2.35 32.44 4.63
C HIS B 239 -3.81 32.79 4.39
N LEU B 240 -4.05 33.80 3.57
CA LEU B 240 -5.41 34.26 3.41
C LEU B 240 -6.30 33.35 2.55
N THR B 241 -5.68 32.60 1.64
CA THR B 241 -6.39 31.65 0.82
C THR B 241 -7.07 30.62 1.70
N THR B 242 -6.30 30.12 2.66
CA THR B 242 -6.83 29.13 3.57
C THR B 242 -7.93 29.73 4.45
N ALA B 243 -7.69 30.95 4.91
CA ALA B 243 -8.65 31.71 5.71
C ALA B 243 -9.97 31.86 4.98
N MET B 244 -9.89 32.29 3.72
CA MET B 244 -11.08 32.44 2.91
C MET B 244 -11.71 31.07 2.66
N LEU B 245 -10.90 30.01 2.42
CA LEU B 245 -11.49 28.69 2.26
C LEU B 245 -12.37 28.34 3.45
N ILE B 246 -11.83 28.53 4.64
CA ILE B 246 -12.59 28.17 5.84
C ILE B 246 -13.83 29.07 5.98
N ALA B 247 -13.66 30.38 5.86
CA ALA B 247 -14.79 31.26 6.03
C ALA B 247 -15.81 31.14 4.86
N ASN B 248 -15.30 31.05 3.62
CA ASN B 248 -16.22 30.89 2.48
C ASN B 248 -17.12 29.69 2.70
N THR B 249 -16.50 28.62 3.21
CA THR B 249 -17.20 27.40 3.44
C THR B 249 -18.30 27.54 4.51
N MET B 250 -18.03 28.22 5.62
CA MET B 250 -19.09 28.39 6.62
C MET B 250 -20.25 29.23 6.08
N LEU B 251 -19.90 30.21 5.23
CA LEU B 251 -20.87 31.11 4.61
C LEU B 251 -21.81 30.33 3.69
N CYS B 252 -21.24 29.41 2.92
CA CYS B 252 -22.05 28.63 2.00
C CYS B 252 -22.95 27.69 2.79
N LEU B 253 -22.43 27.11 3.87
CA LEU B 253 -23.26 26.28 4.74
C LEU B 253 -24.48 27.04 5.26
N ASP B 254 -24.25 28.25 5.75
CA ASP B 254 -25.35 29.08 6.22
C ASP B 254 -26.34 29.42 5.10
N ALA B 255 -25.82 29.72 3.92
CA ALA B 255 -26.68 30.15 2.81
C ALA B 255 -27.49 29.02 2.21
N PHE B 256 -26.90 27.82 2.14
CA PHE B 256 -27.54 26.66 1.55
C PHE B 256 -27.91 25.62 2.63
N SER B 257 -28.98 25.87 3.37
CA SER B 257 -29.35 25.04 4.53
C SER B 257 -29.56 23.55 4.20
N ASP B 258 -29.97 23.26 2.98
CA ASP B 258 -30.09 21.89 2.52
C ASP B 258 -28.72 21.20 2.53
N GLN B 259 -27.70 21.90 2.03
CA GLN B 259 -26.34 21.35 2.05
C GLN B 259 -25.82 21.35 3.47
N ASP B 260 -26.20 22.36 4.23
CA ASP B 260 -25.85 22.46 5.63
C ASP B 260 -26.35 21.26 6.43
N ALA B 261 -27.62 20.94 6.22
CA ALA B 261 -28.24 19.82 6.90
C ALA B 261 -27.57 18.52 6.52
N ARG B 262 -27.33 18.37 5.24
CA ARG B 262 -26.71 17.19 4.69
C ARG B 262 -25.34 16.94 5.37
N VAL B 263 -24.59 18.01 5.57
CA VAL B 263 -23.23 17.90 6.11
C VAL B 263 -23.19 17.64 7.63
N ARG B 264 -23.98 18.36 8.41
CA ARG B 264 -24.08 18.06 9.83
C ARG B 264 -24.52 16.63 10.09
N ALA B 265 -25.42 16.14 9.25
CA ALA B 265 -25.89 14.79 9.37
C ALA B 265 -24.81 13.78 8.98
N ASP B 266 -23.89 14.17 8.10
CA ASP B 266 -22.83 13.26 7.65
C ASP B 266 -21.49 13.99 7.62
N ARG B 267 -20.71 13.93 8.70
CA ARG B 267 -19.54 14.78 8.79
C ARG B 267 -18.40 14.36 7.83
N SER B 268 -18.54 13.17 7.24
CA SER B 268 -17.54 12.65 6.31
C SER B 268 -17.60 13.39 4.98
N LEU B 269 -18.60 14.26 4.84
CA LEU B 269 -18.72 15.07 3.65
C LEU B 269 -17.79 16.29 3.65
N VAL B 270 -17.17 16.58 4.79
CA VAL B 270 -16.36 17.81 4.84
C VAL B 270 -15.30 17.88 3.74
N PRO B 271 -14.51 16.80 3.50
CA PRO B 271 -13.56 17.01 2.41
C PRO B 271 -14.23 17.38 1.07
N ALA B 272 -15.35 16.77 0.72
CA ALA B 272 -16.01 17.08 -0.54
C ALA B 272 -16.62 18.48 -0.50
N LEU B 273 -17.02 18.89 0.70
CA LEU B 273 -17.55 20.23 0.91
C LEU B 273 -16.51 21.30 0.58
N LEU B 274 -15.32 21.09 1.10
CA LEU B 274 -14.21 22.02 0.89
C LEU B 274 -13.84 22.13 -0.58
N GLU B 275 -13.86 21.02 -1.32
CA GLU B 275 -13.57 21.04 -2.74
C GLU B 275 -14.64 21.84 -3.49
N GLU B 276 -15.89 21.68 -3.07
CA GLU B 276 -16.98 22.41 -3.73
C GLU B 276 -16.93 23.89 -3.39
N SER B 277 -16.54 24.21 -2.17
CA SER B 277 -16.32 25.59 -1.75
C SER B 277 -15.25 26.27 -2.60
N MET B 278 -14.16 25.56 -2.82
CA MET B 278 -13.10 26.06 -3.67
C MET B 278 -13.62 26.22 -5.12
N ARG B 279 -14.43 25.29 -5.60
CA ARG B 279 -14.96 25.45 -6.95
C ARG B 279 -15.88 26.68 -7.08
N TYR B 280 -16.82 26.84 -6.12
CA TYR B 280 -17.94 27.79 -6.21
C TYR B 280 -17.54 29.22 -5.90
N MET B 281 -16.60 29.34 -4.97
CA MET B 281 -16.14 30.64 -4.51
C MET B 281 -14.64 30.54 -4.29
N SER B 282 -13.88 30.73 -5.37
CA SER B 282 -12.48 30.35 -5.41
C SER B 282 -11.57 31.40 -4.76
N PRO B 283 -10.95 31.03 -3.64
CA PRO B 283 -10.06 31.98 -2.94
C PRO B 283 -9.07 32.61 -3.90
N ILE B 284 -8.54 31.80 -4.81
CA ILE B 284 -7.79 32.34 -5.96
C ILE B 284 -8.64 32.15 -7.20
N CYS B 285 -9.17 33.23 -7.76
CA CYS B 285 -10.11 33.09 -8.89
C CYS B 285 -9.51 33.54 -10.23
N GLY B 286 -8.28 34.02 -10.21
CA GLY B 286 -7.58 34.26 -11.45
C GLY B 286 -6.09 34.15 -11.29
N VAL B 287 -5.40 33.67 -12.32
CA VAL B 287 -3.92 33.69 -12.35
C VAL B 287 -3.43 34.29 -13.68
N GLY B 288 -2.27 34.94 -13.59
CA GLY B 288 -1.63 35.60 -14.69
C GLY B 288 -0.62 34.71 -15.39
N ARG B 289 -0.58 34.85 -16.71
CA ARG B 289 0.35 34.14 -17.58
C ARG B 289 0.79 35.13 -18.64
N ALA B 290 1.99 34.96 -19.19
CA ALA B 290 2.52 35.83 -20.22
C ALA B 290 2.82 34.97 -21.44
N THR B 291 2.41 35.41 -22.64
CA THR B 291 2.68 34.64 -23.83
C THR B 291 4.13 34.79 -24.28
N ASN B 292 4.80 33.66 -24.50
CA ASN B 292 6.17 33.66 -25.04
C ASN B 292 6.18 33.76 -26.56
N SER B 293 5.03 33.44 -27.15
CA SER B 293 4.89 33.46 -28.58
C SER B 293 3.43 33.64 -28.93
N GLU B 294 3.16 33.96 -30.19
CA GLU B 294 1.80 34.14 -30.64
C GLU B 294 1.05 32.80 -30.55
N VAL B 295 -0.17 32.85 -30.01
CA VAL B 295 -0.96 31.65 -29.81
C VAL B 295 -2.40 31.89 -30.20
N GLU B 296 -3.10 30.81 -30.50
CA GLU B 296 -4.53 30.84 -30.76
C GLU B 296 -5.26 30.17 -29.60
N VAL B 297 -6.26 30.85 -29.06
CA VAL B 297 -7.10 30.29 -28.00
C VAL B 297 -8.58 30.46 -28.35
N ALA B 298 -9.28 29.34 -28.42
CA ALA B 298 -10.66 29.30 -28.85
C ALA B 298 -10.72 30.00 -30.19
N GLY B 299 -11.56 31.00 -30.32
CA GLY B 299 -11.62 31.74 -31.56
C GLY B 299 -10.86 33.03 -31.48
N THR B 300 -9.61 32.99 -31.00
CA THR B 300 -8.88 34.23 -30.84
C THR B 300 -7.36 34.11 -30.92
N VAL B 301 -6.76 34.99 -31.71
CA VAL B 301 -5.31 35.04 -31.85
C VAL B 301 -4.72 35.98 -30.81
N ILE B 302 -3.77 35.51 -30.02
CA ILE B 302 -3.16 36.38 -29.02
C ILE B 302 -1.68 36.55 -29.28
N PRO B 303 -1.24 37.80 -29.46
CA PRO B 303 0.17 38.03 -29.80
C PRO B 303 1.17 37.65 -28.70
N LYS B 304 2.41 37.57 -29.14
CA LYS B 304 3.60 37.49 -28.31
C LYS B 304 3.58 38.52 -27.18
N ASP B 305 4.23 38.21 -26.05
CA ASP B 305 4.45 39.19 -24.98
C ASP B 305 3.19 39.88 -24.48
N GLN B 306 2.15 39.08 -24.33
CA GLN B 306 0.91 39.58 -23.82
C GLN B 306 0.60 39.03 -22.43
N LEU B 307 -0.05 39.85 -21.62
CA LEU B 307 -0.55 39.41 -20.34
C LEU B 307 -1.89 38.73 -20.52
N LEU B 308 -1.97 37.55 -19.94
CA LEU B 308 -3.16 36.75 -19.93
C LEU B 308 -3.63 36.53 -18.50
N LEU B 309 -4.88 36.91 -18.22
CA LEU B 309 -5.53 36.55 -16.95
C LEU B 309 -6.40 35.32 -17.14
N VAL B 310 -6.00 34.24 -16.49
CA VAL B 310 -6.74 32.99 -16.59
C VAL B 310 -7.74 32.99 -15.43
N TRP B 311 -9.03 33.21 -15.71
CA TRP B 311 -10.00 33.33 -14.64
C TRP B 311 -10.51 31.97 -14.21
N THR B 312 -9.77 31.33 -13.33
CA THR B 312 -10.14 30.01 -12.81
C THR B 312 -11.53 30.00 -12.13
N GLY B 313 -11.88 31.09 -11.44
CA GLY B 313 -13.19 31.17 -10.81
C GLY B 313 -14.31 31.06 -11.85
N ALA B 314 -14.12 31.73 -12.98
CA ALA B 314 -15.08 31.69 -14.07
C ALA B 314 -15.08 30.30 -14.75
N ALA B 315 -13.89 29.75 -14.94
CA ALA B 315 -13.77 28.42 -15.53
C ALA B 315 -14.42 27.41 -14.60
N ASN B 316 -14.37 27.68 -13.29
CA ASN B 316 -14.99 26.75 -12.34
C ASN B 316 -16.51 26.72 -12.42
N ARG B 317 -17.10 27.69 -13.12
CA ARG B 317 -18.53 27.71 -13.37
C ARG B 317 -18.87 27.38 -14.82
N ASP B 318 -17.93 26.82 -15.57
CA ASP B 318 -18.14 26.58 -17.01
C ASP B 318 -19.08 25.40 -17.25
N GLU B 319 -20.23 25.62 -17.90
CA GLU B 319 -21.19 24.55 -18.12
C GLU B 319 -20.65 23.43 -19.02
N ARG B 320 -19.62 23.72 -19.78
CA ARG B 320 -19.02 22.67 -20.60
C ARG B 320 -18.29 21.64 -19.73
N GLN B 321 -18.03 22.00 -18.47
CA GLN B 321 -17.32 21.09 -17.57
C GLN B 321 -18.16 20.60 -16.42
N PHE B 322 -18.92 21.52 -15.82
CA PHE B 322 -19.71 21.22 -14.63
C PHE B 322 -21.19 21.36 -14.89
N GLU B 323 -21.93 20.31 -14.61
CA GLU B 323 -23.38 20.35 -14.69
C GLU B 323 -23.88 21.17 -13.52
N LYS B 324 -24.91 21.97 -13.71
CA LYS B 324 -25.48 22.82 -12.65
C LYS B 324 -24.33 23.66 -11.99
N PRO B 325 -23.57 24.43 -12.80
CA PRO B 325 -22.34 25.00 -12.20
C PRO B 325 -22.64 26.01 -11.08
N ASP B 326 -23.84 26.61 -11.11
CA ASP B 326 -24.24 27.65 -10.17
C ASP B 326 -24.99 27.14 -8.95
N VAL B 327 -25.07 25.83 -8.88
CA VAL B 327 -25.65 25.16 -7.75
C VAL B 327 -24.51 24.75 -6.84
N PHE B 328 -24.64 25.02 -5.53
CA PHE B 328 -23.67 24.53 -4.56
C PHE B 328 -24.09 23.14 -4.11
N ASP B 329 -23.28 22.14 -4.46
CA ASP B 329 -23.52 20.75 -4.08
C ASP B 329 -22.39 20.23 -3.24
N ALA B 330 -22.66 20.10 -1.94
CA ALA B 330 -21.63 19.74 -0.96
C ALA B 330 -20.97 18.41 -1.24
N GLY B 331 -21.63 17.53 -1.97
CA GLY B 331 -21.03 16.23 -2.23
C GLY B 331 -20.62 16.10 -3.68
N ARG B 332 -20.53 17.21 -4.39
CA ARG B 332 -20.32 17.19 -5.83
C ARG B 332 -19.19 16.27 -6.25
N SER B 333 -19.49 15.40 -7.21
CA SER B 333 -18.51 14.45 -7.66
C SER B 333 -18.84 14.01 -9.06
N PRO B 334 -17.84 14.03 -9.94
CA PRO B 334 -16.47 14.48 -9.66
C PRO B 334 -16.42 16.00 -9.61
N ASN B 335 -15.31 16.54 -9.11
CA ASN B 335 -15.16 17.97 -8.99
C ASN B 335 -13.73 18.41 -9.32
N ALA B 336 -13.43 18.46 -10.61
CA ALA B 336 -12.10 18.75 -11.09
C ALA B 336 -11.89 20.25 -11.31
N HIS B 337 -12.10 21.04 -10.28
CA HIS B 337 -12.01 22.47 -10.35
C HIS B 337 -10.55 22.91 -10.47
N LEU B 338 -10.37 24.16 -10.87
CA LEU B 338 -9.04 24.75 -11.09
C LEU B 338 -8.67 25.62 -9.88
N GLY B 339 -9.46 25.48 -8.82
CA GLY B 339 -9.30 26.20 -7.56
C GLY B 339 -7.90 26.16 -6.95
N LEU B 340 -7.17 25.10 -7.28
CA LEU B 340 -5.82 24.92 -6.80
C LEU B 340 -4.84 24.95 -8.01
N GLY B 341 -5.34 25.34 -9.18
CA GLY B 341 -4.50 25.43 -10.36
C GLY B 341 -4.37 24.11 -11.09
N ARG B 342 -3.38 24.00 -11.98
CA ARG B 342 -3.14 22.76 -12.70
C ARG B 342 -1.75 22.75 -13.37
N GLY B 343 -1.09 21.61 -13.33
CA GLY B 343 0.20 21.46 -13.96
C GLY B 343 1.36 21.63 -12.99
N ILE B 344 2.47 22.10 -13.51
CA ILE B 344 3.73 22.16 -12.78
C ILE B 344 3.64 23.11 -11.63
N HIS B 345 2.76 24.10 -11.75
CA HIS B 345 2.58 25.07 -10.69
C HIS B 345 1.41 24.77 -9.72
N PHE B 346 0.88 23.55 -9.80
CA PHE B 346 -0.24 23.10 -8.95
C PHE B 346 0.09 23.40 -7.53
N CYS B 347 -0.89 23.91 -6.77
CA CYS B 347 -0.67 24.36 -5.39
C CYS B 347 0.18 23.40 -4.60
N LEU B 348 1.33 23.88 -4.18
CA LEU B 348 2.25 23.11 -3.38
C LEU B 348 1.70 22.87 -1.99
N GLY B 349 0.90 23.80 -1.49
CA GLY B 349 0.39 23.66 -0.13
C GLY B 349 -0.94 22.93 -0.05
N ARG B 350 -1.31 22.20 -1.10
CA ARG B 350 -2.62 21.52 -1.13
C ARG B 350 -2.90 20.69 0.09
N GLN B 351 -1.89 19.92 0.50
CA GLN B 351 -2.07 18.98 1.59
C GLN B 351 -2.33 19.68 2.90
N LEU B 352 -1.50 20.68 3.17
CA LEU B 352 -1.61 21.47 4.38
C LEU B 352 -2.93 22.20 4.42
N ALA B 353 -3.34 22.78 3.30
CA ALA B 353 -4.59 23.53 3.28
C ALA B 353 -5.80 22.60 3.54
N ARG B 354 -5.79 21.44 2.92
CA ARG B 354 -6.88 20.50 3.09
C ARG B 354 -6.84 20.00 4.50
N MET B 355 -5.66 19.75 5.06
CA MET B 355 -5.63 19.26 6.44
C MET B 355 -6.13 20.28 7.49
N GLU B 356 -5.60 21.51 7.47
CA GLU B 356 -6.05 22.52 8.45
C GLU B 356 -7.51 22.88 8.22
N SER B 357 -7.91 23.05 6.98
CA SER B 357 -9.31 23.39 6.72
C SER B 357 -10.28 22.31 7.16
N LYS B 358 -9.91 21.06 6.93
CA LYS B 358 -10.75 19.95 7.30
C LYS B 358 -11.04 19.98 8.79
N ALA B 359 -9.97 20.07 9.57
CA ALA B 359 -10.10 20.13 11.02
C ALA B 359 -10.89 21.40 11.45
N ALA B 360 -10.68 22.51 10.76
CA ALA B 360 -11.35 23.75 11.16
C ALA B 360 -12.88 23.62 10.97
N VAL B 361 -13.32 23.17 9.79
CA VAL B 361 -14.75 23.02 9.57
C VAL B 361 -15.30 21.93 10.49
N GLU B 362 -14.58 20.81 10.65
CA GLU B 362 -15.00 19.74 11.55
C GLU B 362 -15.25 20.17 12.99
N ILE B 363 -14.29 20.89 13.54
CA ILE B 363 -14.37 21.28 14.95
C ILE B 363 -15.43 22.36 15.19
N LEU B 364 -15.60 23.24 14.22
CA LEU B 364 -16.67 24.23 14.27
C LEU B 364 -18.02 23.51 14.32
N LEU B 365 -18.16 22.49 13.49
CA LEU B 365 -19.40 21.71 13.44
C LEU B 365 -19.60 21.00 14.77
N ASP B 366 -18.49 20.64 15.41
CA ASP B 366 -18.49 19.89 16.67
C ASP B 366 -18.71 20.74 17.91
N ARG B 367 -17.88 21.75 18.06
CA ARG B 367 -17.83 22.56 19.25
C ARG B 367 -18.84 23.69 19.22
N LEU B 368 -19.15 24.19 18.03
CA LEU B 368 -20.13 25.29 17.91
C LEU B 368 -21.27 24.96 16.96
N PRO B 369 -22.05 23.90 17.28
CA PRO B 369 -23.08 23.44 16.33
C PRO B 369 -24.15 24.50 16.07
N THR B 370 -24.20 25.53 16.91
CA THR B 370 -25.16 26.61 16.76
C THR B 370 -24.67 27.83 15.96
N LEU B 371 -23.39 27.84 15.60
CA LEU B 371 -22.86 28.95 14.81
C LEU B 371 -23.61 29.21 13.50
N ARG B 372 -24.00 30.44 13.28
CA ARG B 372 -24.65 30.82 12.04
C ARG B 372 -24.12 32.19 11.64
N ALA B 373 -24.30 32.53 10.37
CA ALA B 373 -23.98 33.88 9.93
C ALA B 373 -24.99 34.82 10.58
N ASP B 374 -24.47 35.91 11.14
CA ASP B 374 -25.26 36.92 11.86
C ASP B 374 -26.17 37.69 10.91
N PRO B 375 -27.48 37.49 11.01
CA PRO B 375 -28.41 38.16 10.09
C PRO B 375 -28.49 39.68 10.32
N ALA B 376 -28.13 40.12 11.52
CA ALA B 376 -28.09 41.56 11.84
C ALA B 376 -26.78 42.19 11.37
N ASN B 377 -25.83 41.38 10.90
CA ASN B 377 -24.55 41.87 10.40
C ASN B 377 -23.97 41.02 9.24
N PRO B 378 -24.24 41.44 7.99
CA PRO B 378 -23.84 40.67 6.79
C PRO B 378 -22.34 40.57 6.56
N PRO B 379 -21.91 39.59 5.76
CA PRO B 379 -20.47 39.52 5.49
C PRO B 379 -20.03 40.59 4.52
N THR B 380 -18.75 40.90 4.53
CA THR B 380 -18.19 41.74 3.51
C THR B 380 -17.24 40.90 2.67
N PHE B 381 -17.22 41.14 1.37
CA PHE B 381 -16.34 40.35 0.51
C PHE B 381 -15.07 41.11 0.21
N LEU B 382 -13.98 40.37 0.07
CA LEU B 382 -12.68 40.95 -0.21
C LEU B 382 -12.63 41.59 -1.59
N GLN B 383 -12.32 42.87 -1.63
CA GLN B 383 -12.36 43.62 -2.88
C GLN B 383 -11.06 43.56 -3.66
N VAL B 384 -10.67 42.34 -3.99
CA VAL B 384 -9.44 42.09 -4.69
C VAL B 384 -9.79 41.21 -5.87
N VAL B 385 -9.28 41.61 -7.04
CA VAL B 385 -9.77 41.10 -8.31
C VAL B 385 -9.47 39.61 -8.55
N ASP B 386 -8.35 39.08 -8.05
CA ASP B 386 -8.03 37.65 -8.27
C ASP B 386 -8.41 36.78 -7.09
N ALA B 387 -9.19 37.32 -6.14
CA ALA B 387 -9.60 36.52 -4.99
C ALA B 387 -11.09 36.59 -4.83
N SER B 388 -11.73 35.44 -4.62
CA SER B 388 -13.16 35.46 -4.38
C SER B 388 -13.45 34.90 -3.01
N GLY B 389 -13.82 35.76 -2.08
CA GLY B 389 -14.12 35.29 -0.74
C GLY B 389 -14.42 36.40 0.23
N VAL B 390 -14.71 35.96 1.45
CA VAL B 390 -15.14 36.85 2.51
C VAL B 390 -13.93 37.44 3.21
N ALA B 391 -13.99 38.73 3.52
CA ALA B 391 -12.95 39.38 4.32
C ALA B 391 -13.36 39.45 5.81
N THR B 392 -14.67 39.53 6.05
CA THR B 392 -15.19 39.51 7.39
C THR B 392 -16.43 38.64 7.36
N LEU B 393 -16.58 37.80 8.37
CA LEU B 393 -17.76 36.97 8.47
C LEU B 393 -18.31 37.06 9.87
N PRO B 394 -19.20 38.05 10.12
CA PRO B 394 -19.84 38.19 11.42
C PRO B 394 -20.65 36.97 11.75
N VAL B 395 -20.38 36.31 12.87
CA VAL B 395 -21.15 35.12 13.19
C VAL B 395 -21.83 35.25 14.55
N VAL B 396 -22.92 34.51 14.73
CA VAL B 396 -23.63 34.43 15.99
C VAL B 396 -23.69 32.99 16.47
N THR B 397 -23.65 32.84 17.78
CA THR B 397 -23.75 31.56 18.44
C THR B 397 -25.17 31.41 19.01
N GLN B 398 -25.42 32.00 20.16
CA GLN B 398 -26.75 32.02 20.78
C GLN B 398 -27.89 32.04 19.76
N ALA C 7 -6.48 7.85 42.76
CA ALA C 7 -7.08 9.09 43.23
C ALA C 7 -8.32 8.88 44.12
N GLN C 8 -8.25 7.92 45.04
CA GLN C 8 -9.36 7.55 45.92
C GLN C 8 -10.62 7.16 45.15
N TRP C 9 -10.43 6.24 44.21
CA TRP C 9 -11.50 5.65 43.43
C TRP C 9 -11.93 4.36 44.12
N GLU C 10 -13.24 4.05 44.08
CA GLU C 10 -13.75 2.93 44.83
C GLU C 10 -13.67 1.65 44.02
N PHE C 11 -12.47 1.12 43.91
CA PHE C 11 -12.29 -0.12 43.14
C PHE C 11 -12.92 -1.33 43.78
N HIS C 12 -13.08 -2.38 43.00
CA HIS C 12 -13.32 -3.68 43.59
C HIS C 12 -12.30 -3.90 44.69
N PRO C 13 -12.76 -4.36 45.88
CA PRO C 13 -11.85 -4.52 47.01
C PRO C 13 -10.79 -5.56 46.69
N GLY C 14 -11.11 -6.48 45.80
CA GLY C 14 -10.14 -7.49 45.39
C GLY C 14 -9.04 -7.03 44.46
N HIS C 15 -9.19 -5.85 43.86
CA HIS C 15 -8.26 -5.38 42.82
C HIS C 15 -7.13 -4.57 43.43
N PHE C 16 -6.31 -5.27 44.20
CA PHE C 16 -5.24 -4.65 44.94
C PHE C 16 -4.22 -3.91 44.04
N TRP C 17 -4.02 -4.38 42.81
CA TRP C 17 -3.07 -3.74 41.89
C TRP C 17 -3.49 -2.32 41.50
N MET C 18 -4.79 -2.06 41.53
CA MET C 18 -5.33 -0.71 41.26
C MET C 18 -5.05 0.28 42.36
N ARG C 19 -4.65 -0.25 43.53
CA ARG C 19 -4.25 0.57 44.66
C ARG C 19 -2.74 0.57 44.88
N GLY C 20 -1.99 0.15 43.86
CA GLY C 20 -0.55 0.21 43.90
C GLY C 20 0.06 -0.83 44.82
N LYS C 21 -0.65 -1.94 45.05
CA LYS C 21 -0.12 -3.00 45.89
C LYS C 21 0.45 -4.17 45.08
N ARG C 22 1.65 -4.62 45.44
CA ARG C 22 2.27 -5.76 44.77
C ARG C 22 1.71 -7.05 45.35
N PRO C 23 1.65 -8.12 44.54
CA PRO C 23 1.22 -9.40 45.13
C PRO C 23 2.27 -9.95 46.11
N ASP C 24 1.85 -10.60 47.19
CA ASP C 24 2.80 -11.27 48.09
C ASP C 24 3.40 -12.46 47.37
N LYS C 25 2.55 -13.19 46.66
CA LYS C 25 3.02 -14.32 45.86
C LYS C 25 2.46 -14.24 44.43
N ILE C 26 3.26 -14.67 43.48
CA ILE C 26 2.82 -14.65 42.11
C ILE C 26 1.62 -15.57 41.92
N VAL C 27 1.66 -16.72 42.60
CA VAL C 27 0.59 -17.73 42.55
C VAL C 27 0.09 -18.00 43.97
N ASP C 28 -1.23 -18.04 44.17
CA ASP C 28 -1.77 -18.44 45.46
C ASP C 28 -3.06 -19.26 45.26
N TYR C 29 -3.55 -19.85 46.35
CA TYR C 29 -4.77 -20.65 46.35
C TYR C 29 -5.82 -20.00 47.25
N ASP C 30 -7.06 -19.90 46.77
CA ASP C 30 -8.15 -19.35 47.57
C ASP C 30 -8.99 -20.47 48.17
N GLU C 31 -8.85 -20.72 49.48
CA GLU C 31 -9.51 -21.86 50.11
C GLU C 31 -11.02 -21.73 50.08
N GLU C 32 -11.49 -20.50 50.20
CA GLU C 32 -12.92 -20.28 50.29
C GLU C 32 -13.58 -20.49 48.94
N LEU C 33 -12.92 -20.11 47.85
CA LEU C 33 -13.51 -20.22 46.53
C LEU C 33 -13.05 -21.46 45.78
N GLN C 34 -12.03 -22.12 46.34
CA GLN C 34 -11.47 -23.33 45.72
C GLN C 34 -10.98 -23.05 44.30
N LEU C 35 -10.10 -22.05 44.16
CA LEU C 35 -9.53 -21.73 42.86
C LEU C 35 -8.12 -21.20 43.05
N TRP C 36 -7.36 -21.09 41.96
CA TRP C 36 -5.99 -20.56 41.98
C TRP C 36 -5.92 -19.18 41.30
N ASN C 37 -5.03 -18.32 41.80
CA ASN C 37 -4.83 -17.00 41.23
C ASN C 37 -3.41 -16.85 40.67
N VAL C 38 -3.25 -16.31 39.47
CA VAL C 38 -1.91 -15.94 38.97
C VAL C 38 -1.88 -14.44 38.72
N TYR C 39 -0.86 -13.76 39.26
CA TYR C 39 -0.78 -12.29 39.20
C TYR C 39 0.40 -11.72 38.39
N GLY C 40 1.32 -12.60 38.00
CA GLY C 40 2.55 -12.18 37.36
C GLY C 40 2.44 -12.09 35.86
N TYR C 41 3.22 -11.22 35.24
CA TYR C 41 3.15 -11.06 33.79
C TYR C 41 3.78 -12.23 33.03
N PRO C 42 5.08 -12.57 33.27
CA PRO C 42 5.59 -13.68 32.45
C PRO C 42 4.81 -14.99 32.64
N GLU C 43 4.34 -15.21 33.85
CA GLU C 43 3.57 -16.41 34.20
C GLU C 43 2.22 -16.44 33.49
N SER C 44 1.49 -15.35 33.56
CA SER C 44 0.18 -15.24 32.87
C SER C 44 0.32 -15.40 31.36
N ALA C 45 1.31 -14.74 30.80
CA ALA C 45 1.60 -14.80 29.36
C ALA C 45 1.78 -16.24 28.86
N ALA C 46 2.59 -16.99 29.59
CA ALA C 46 2.86 -18.38 29.24
C ALA C 46 1.61 -19.25 29.30
N ILE C 47 0.82 -19.03 30.34
CA ILE C 47 -0.43 -19.77 30.55
C ILE C 47 -1.38 -19.53 29.38
N LEU C 48 -1.55 -18.28 28.97
CA LEU C 48 -2.44 -17.93 27.85
C LEU C 48 -1.89 -18.54 26.55
N SER C 49 -0.57 -18.65 26.44
CA SER C 49 0.04 -19.25 25.26
C SER C 49 0.08 -20.79 25.31
N ASN C 50 -0.45 -21.38 26.37
CA ASN C 50 -0.49 -22.83 26.48
C ASN C 50 -1.91 -23.40 26.66
N PRO C 51 -2.73 -23.34 25.59
CA PRO C 51 -4.10 -23.85 25.72
C PRO C 51 -4.20 -25.36 25.88
N LYS C 52 -3.20 -26.12 25.45
CA LYS C 52 -3.28 -27.57 25.59
C LYS C 52 -3.31 -27.95 27.07
N VAL C 53 -2.49 -27.29 27.89
CA VAL C 53 -2.50 -27.56 29.32
C VAL C 53 -3.56 -26.71 30.05
N PHE C 54 -3.65 -25.43 29.68
CA PHE C 54 -4.56 -24.51 30.35
C PHE C 54 -5.79 -24.21 29.51
N SER C 55 -6.82 -25.01 29.74
CA SER C 55 -8.05 -24.98 28.96
C SER C 55 -8.91 -23.78 29.26
N SER C 56 -9.67 -23.33 28.26
CA SER C 56 -10.65 -22.28 28.47
C SER C 56 -12.05 -22.85 28.72
N ASP C 57 -12.18 -24.17 28.67
CA ASP C 57 -13.45 -24.83 28.93
C ASP C 57 -13.60 -25.03 30.45
N THR C 58 -13.88 -23.94 31.14
CA THR C 58 -13.92 -23.98 32.60
C THR C 58 -15.13 -24.70 33.14
N MET C 59 -16.22 -24.74 32.38
CA MET C 59 -17.42 -25.49 32.81
C MET C 59 -17.11 -26.98 32.98
N ARG C 60 -16.06 -27.49 32.33
CA ARG C 60 -15.66 -28.89 32.50
C ARG C 60 -15.50 -29.29 33.97
N LEU C 61 -15.11 -28.34 34.81
CA LEU C 61 -14.82 -28.65 36.20
C LEU C 61 -16.09 -28.50 37.05
N ASP C 62 -17.19 -28.03 36.46
CA ASP C 62 -18.36 -27.78 37.28
C ASP C 62 -19.11 -29.08 37.56
N PRO C 63 -19.61 -29.24 38.78
CA PRO C 63 -20.34 -30.47 39.12
C PRO C 63 -21.67 -30.54 38.38
N ILE C 64 -22.24 -29.40 38.02
CA ILE C 64 -23.43 -29.40 37.19
C ILE C 64 -23.13 -28.52 35.97
N LYS C 65 -23.49 -29.00 34.79
CA LYS C 65 -23.06 -28.45 33.51
C LYS C 65 -24.23 -28.28 32.56
N LEU C 66 -24.04 -27.45 31.54
CA LEU C 66 -24.94 -27.47 30.41
C LEU C 66 -24.47 -28.48 29.39
N ASP C 67 -25.42 -28.99 28.62
CA ASP C 67 -25.10 -29.96 27.58
C ASP C 67 -24.26 -29.26 26.54
N GLU C 68 -23.29 -30.00 26.01
CA GLU C 68 -22.33 -29.48 25.06
C GLU C 68 -23.02 -28.90 23.81
N ALA C 69 -24.13 -29.51 23.37
CA ALA C 69 -24.86 -29.03 22.18
C ALA C 69 -25.47 -27.65 22.39
N ILE C 70 -25.84 -27.33 23.63
CA ILE C 70 -26.41 -26.03 23.95
C ILE C 70 -25.37 -24.91 23.88
N VAL C 71 -24.16 -25.19 24.35
CA VAL C 71 -23.11 -24.18 24.37
C VAL C 71 -22.21 -24.22 23.15
N GLU C 72 -22.44 -25.12 22.21
CA GLU C 72 -21.53 -25.18 21.06
C GLU C 72 -21.63 -23.90 20.20
N GLY C 73 -20.47 -23.45 19.75
CA GLY C 73 -20.34 -22.21 19.01
C GLY C 73 -19.67 -21.12 19.82
N ASP C 74 -19.69 -21.27 21.13
CA ASP C 74 -19.03 -20.31 22.00
C ASP C 74 -17.54 -20.62 22.01
N PHE C 75 -16.85 -20.13 21.00
CA PHE C 75 -15.45 -20.47 20.84
C PHE C 75 -14.59 -19.85 21.92
N ALA C 76 -15.14 -18.92 22.69
CA ALA C 76 -14.39 -18.36 23.81
C ALA C 76 -14.15 -19.43 24.86
N HIS C 77 -15.04 -20.42 24.91
CA HIS C 77 -14.86 -21.52 25.81
C HIS C 77 -14.51 -22.80 25.04
N THR C 78 -13.97 -22.69 23.84
CA THR C 78 -13.59 -23.87 23.08
C THR C 78 -12.06 -23.96 22.98
N ASP C 79 -11.54 -25.17 23.09
CA ASP C 79 -10.12 -25.48 23.01
C ASP C 79 -9.77 -26.02 21.62
N PRO C 80 -8.45 -26.15 21.33
CA PRO C 80 -8.07 -26.90 20.13
C PRO C 80 -8.57 -28.36 20.19
N PRO C 81 -8.78 -29.02 19.04
CA PRO C 81 -8.61 -28.59 17.64
C PRO C 81 -9.84 -27.87 17.07
N LYS C 82 -10.93 -27.86 17.84
CA LYS C 82 -12.20 -27.33 17.35
C LYS C 82 -12.28 -25.81 17.38
N HIS C 83 -11.44 -25.18 18.18
CA HIS C 83 -11.41 -23.72 18.27
C HIS C 83 -11.08 -23.02 16.93
N ARG C 84 -10.02 -23.46 16.26
CA ARG C 84 -9.56 -22.75 15.05
C ARG C 84 -10.65 -22.65 13.99
N ARG C 85 -11.34 -23.75 13.71
CA ARG C 85 -12.47 -23.72 12.78
C ARG C 85 -13.48 -22.62 13.14
N LEU C 86 -14.02 -22.67 14.36
CA LEU C 86 -15.08 -21.73 14.77
C LEU C 86 -14.64 -20.29 14.75
N ARG C 87 -13.50 -20.03 15.38
CA ARG C 87 -12.98 -18.69 15.38
C ARG C 87 -12.75 -18.21 13.95
N GLY C 88 -12.27 -19.12 13.11
CA GLY C 88 -11.99 -18.82 11.73
C GLY C 88 -13.18 -18.34 10.92
N LEU C 89 -14.33 -18.97 11.10
CA LEU C 89 -15.54 -18.58 10.38
C LEU C 89 -15.95 -17.16 10.74
N VAL C 90 -15.83 -16.83 12.02
CA VAL C 90 -16.28 -15.53 12.48
C VAL C 90 -15.37 -14.41 12.03
N ASP C 91 -14.06 -14.62 12.15
CA ASP C 91 -13.07 -13.67 11.64
C ASP C 91 -13.27 -13.45 10.14
N HIS C 92 -13.41 -14.56 9.42
CA HIS C 92 -13.68 -14.52 7.99
C HIS C 92 -14.90 -13.69 7.70
N ALA C 93 -15.90 -13.81 8.56
CA ALA C 93 -17.12 -13.05 8.39
C ALA C 93 -16.86 -11.56 8.52
N PHE C 94 -15.86 -11.19 9.32
CA PHE C 94 -15.46 -9.79 9.41
C PHE C 94 -14.73 -9.35 8.14
N THR C 95 -15.45 -9.23 7.04
CA THR C 95 -14.84 -8.81 5.79
C THR C 95 -14.29 -7.39 5.88
N PRO C 96 -13.33 -7.04 5.00
CA PRO C 96 -12.80 -5.68 4.96
C PRO C 96 -13.86 -4.63 4.65
N SER C 97 -14.89 -5.04 3.91
CA SER C 97 -16.01 -4.16 3.59
C SER C 97 -16.87 -3.90 4.82
N LEU C 98 -17.19 -4.96 5.55
CA LEU C 98 -17.95 -4.82 6.79
C LEU C 98 -17.28 -3.86 7.73
N VAL C 99 -15.98 -4.07 7.93
CA VAL C 99 -15.20 -3.21 8.81
C VAL C 99 -15.31 -1.77 8.31
N ALA C 100 -15.13 -1.61 7.00
CA ALA C 100 -15.29 -0.32 6.31
C ALA C 100 -16.69 0.24 6.50
N LYS C 101 -17.69 -0.61 6.28
CA LYS C 101 -19.06 -0.21 6.49
C LYS C 101 -19.25 0.19 7.95
N MET C 102 -18.67 -0.59 8.85
CA MET C 102 -18.77 -0.26 10.25
C MET C 102 -18.05 1.06 10.52
N GLU C 103 -16.84 1.21 9.99
CA GLU C 103 -16.10 2.42 10.27
C GLU C 103 -16.77 3.58 9.52
N SER C 104 -17.57 3.28 8.51
CA SER C 104 -18.32 4.36 7.88
C SER C 104 -19.42 4.85 8.84
N ARG C 105 -19.91 3.98 9.72
CA ARG C 105 -21.05 4.33 10.54
C ARG C 105 -20.79 4.86 11.96
N VAL C 106 -19.63 4.57 12.58
CA VAL C 106 -19.49 4.88 14.01
C VAL C 106 -19.59 6.40 14.24
N HIS C 107 -19.10 7.20 13.30
CA HIS C 107 -19.07 8.63 13.56
C HIS C 107 -20.47 9.19 13.61
N GLY C 108 -21.34 8.67 12.74
CA GLY C 108 -22.73 9.10 12.72
C GLY C 108 -23.42 8.77 14.04
N ILE C 109 -23.19 7.56 14.54
CA ILE C 109 -23.80 7.09 15.77
C ILE C 109 -23.28 7.88 16.96
N ILE C 110 -21.99 8.21 16.94
CA ILE C 110 -21.42 9.02 17.99
C ILE C 110 -22.09 10.39 18.02
N HIS C 111 -22.21 11.02 16.85
CA HIS C 111 -22.80 12.34 16.81
C HIS C 111 -24.27 12.30 17.22
N GLU C 112 -25.00 11.23 16.87
CA GLU C 112 -26.41 11.14 17.26
C GLU C 112 -26.54 11.06 18.76
N LEU C 113 -25.67 10.25 19.39
CA LEU C 113 -25.63 10.11 20.83
C LEU C 113 -25.38 11.44 21.53
N LEU C 114 -24.34 12.15 21.07
CA LEU C 114 -23.99 13.39 21.71
C LEU C 114 -25.00 14.48 21.39
N ASP C 115 -25.66 14.36 20.24
CA ASP C 115 -26.78 15.26 19.96
C ASP C 115 -27.90 15.01 20.96
N GLY C 116 -28.02 13.76 21.40
CA GLY C 116 -29.00 13.39 22.40
C GLY C 116 -28.80 14.05 23.77
N VAL C 117 -27.58 14.46 24.09
CA VAL C 117 -27.35 15.10 25.39
C VAL C 117 -27.15 16.60 25.31
N GLU C 118 -27.57 17.21 24.20
CA GLU C 118 -27.53 18.66 24.06
C GLU C 118 -28.48 19.24 25.10
N GLY C 119 -28.07 20.34 25.71
CA GLY C 119 -28.90 20.99 26.71
C GLY C 119 -28.57 20.50 28.11
N LYS C 120 -27.91 19.35 28.22
CA LYS C 120 -27.53 18.81 29.52
C LYS C 120 -26.11 19.20 29.87
N SER C 121 -25.97 19.92 30.98
CA SER C 121 -24.68 20.38 31.49
C SER C 121 -24.07 19.32 32.40
N GLN C 122 -24.91 18.39 32.82
CA GLN C 122 -24.49 17.32 33.71
C GLN C 122 -25.09 16.02 33.25
N PHE C 123 -24.27 14.99 33.17
CA PHE C 123 -24.79 13.66 32.84
C PHE C 123 -23.79 12.55 33.10
N ASP C 124 -24.31 11.33 33.01
CA ASP C 124 -23.50 10.14 33.14
C ASP C 124 -23.01 9.69 31.76
N LEU C 125 -21.71 9.86 31.53
CA LEU C 125 -21.09 9.52 30.24
C LEU C 125 -21.31 8.06 29.87
N VAL C 126 -21.27 7.18 30.86
CA VAL C 126 -21.42 5.77 30.59
C VAL C 126 -22.83 5.47 30.05
N ALA C 127 -23.85 5.86 30.81
CA ALA C 127 -25.24 5.59 30.43
C ALA C 127 -25.65 6.31 29.14
N GLU C 128 -25.14 7.51 28.91
CA GLU C 128 -25.62 8.28 27.75
C GLU C 128 -24.82 7.99 26.50
N PHE C 129 -23.57 7.57 26.67
CA PHE C 129 -22.69 7.52 25.49
C PHE C 129 -21.85 6.25 25.39
N ALA C 130 -21.05 5.97 26.41
CA ALA C 130 -20.00 5.00 26.32
C ALA C 130 -20.49 3.58 26.21
N ALA C 131 -21.58 3.28 26.90
CA ALA C 131 -22.20 1.96 26.87
C ALA C 131 -23.11 1.82 25.66
N PRO C 132 -23.93 2.85 25.36
CA PRO C 132 -24.78 2.66 24.18
C PRO C 132 -24.05 2.48 22.86
N LEU C 133 -22.93 3.17 22.65
CA LEU C 133 -22.27 3.17 21.36
C LEU C 133 -21.77 1.77 20.91
N PRO C 134 -20.98 1.06 21.75
CA PRO C 134 -20.50 -0.25 21.28
C PRO C 134 -21.66 -1.22 21.13
N LEU C 135 -22.71 -1.06 21.93
CA LEU C 135 -23.88 -1.90 21.80
C LEU C 135 -24.53 -1.67 20.44
N ILE C 136 -24.71 -0.40 20.08
CA ILE C 136 -25.26 -0.04 18.79
C ILE C 136 -24.38 -0.57 17.66
N MET C 137 -23.07 -0.42 17.79
CA MET C 137 -22.20 -0.87 16.70
C MET C 137 -22.33 -2.36 16.40
N ILE C 138 -22.35 -3.19 17.45
CA ILE C 138 -22.46 -4.64 17.29
C ILE C 138 -23.83 -5.07 16.79
N SER C 139 -24.86 -4.37 17.22
CA SER C 139 -26.18 -4.70 16.78
C SER C 139 -26.29 -4.51 15.28
N ASP C 140 -25.73 -3.42 14.77
CA ASP C 140 -25.79 -3.15 13.35
C ASP C 140 -24.99 -4.16 12.56
N LEU C 141 -23.83 -4.53 13.07
CA LEU C 141 -22.98 -5.49 12.41
C LEU C 141 -23.71 -6.83 12.28
N LEU C 142 -24.47 -7.16 13.31
CA LEU C 142 -25.27 -8.39 13.32
C LEU C 142 -26.51 -8.23 12.46
N GLY C 143 -26.83 -6.98 12.14
CA GLY C 143 -27.89 -6.66 11.22
C GLY C 143 -29.27 -6.71 11.87
N VAL C 144 -29.33 -6.51 13.17
CA VAL C 144 -30.64 -6.47 13.81
C VAL C 144 -31.23 -5.06 13.76
N PRO C 145 -32.55 -4.96 13.56
CA PRO C 145 -33.22 -3.66 13.63
C PRO C 145 -32.91 -2.92 14.94
N GLU C 146 -33.03 -1.60 14.94
CA GLU C 146 -32.71 -0.77 16.09
C GLU C 146 -33.52 -1.15 17.33
N SER C 147 -34.78 -1.54 17.15
CA SER C 147 -35.63 -1.95 18.26
C SER C 147 -35.05 -3.09 19.12
N ASP C 148 -34.34 -4.02 18.49
CA ASP C 148 -33.84 -5.20 19.18
C ASP C 148 -32.65 -4.93 20.06
N ARG C 149 -32.06 -3.74 19.97
CA ARG C 149 -30.94 -3.37 20.84
C ARG C 149 -31.40 -3.31 22.28
N ALA C 150 -32.69 -3.02 22.44
CA ALA C 150 -33.38 -3.04 23.72
C ALA C 150 -33.34 -4.45 24.29
N LEU C 151 -33.70 -5.43 23.47
CA LEU C 151 -33.75 -6.82 23.88
C LEU C 151 -32.38 -7.32 24.31
N PHE C 152 -31.33 -6.82 23.66
CA PHE C 152 -29.96 -7.22 23.98
C PHE C 152 -29.52 -6.57 25.29
N ARG C 153 -29.89 -5.31 25.51
CA ARG C 153 -29.56 -4.66 26.77
C ARG C 153 -30.28 -5.34 27.92
N GLN C 154 -31.45 -5.90 27.66
CA GLN C 154 -32.12 -6.72 28.66
C GLN C 154 -31.27 -7.96 28.96
N TRP C 155 -30.81 -8.62 27.89
CA TRP C 155 -29.96 -9.80 28.01
C TRP C 155 -28.65 -9.46 28.73
N MET C 156 -28.21 -8.22 28.60
CA MET C 156 -26.94 -7.87 29.20
C MET C 156 -27.14 -7.58 30.68
N ASP C 157 -28.38 -7.50 31.13
CA ASP C 157 -28.60 -7.37 32.57
C ASP C 157 -28.74 -8.74 33.20
N LYS C 158 -29.24 -9.68 32.42
CA LYS C 158 -29.34 -11.08 32.83
C LYS C 158 -27.96 -11.74 32.95
N MET C 159 -27.02 -11.48 32.04
CA MET C 159 -25.70 -12.08 32.21
C MET C 159 -24.83 -11.30 33.22
N LEU C 160 -25.08 -10.00 33.36
CA LEU C 160 -24.40 -9.21 34.40
C LEU C 160 -24.81 -9.75 35.79
N ASP C 161 -26.03 -10.29 35.86
CA ASP C 161 -26.51 -11.11 37.00
C ASP C 161 -25.47 -12.04 37.61
N GLY C 162 -25.15 -13.10 36.87
CA GLY C 162 -24.23 -14.12 37.34
C GLY C 162 -22.79 -13.66 37.49
N SER C 163 -22.38 -12.72 36.64
CA SER C 163 -21.04 -12.16 36.71
C SER C 163 -20.77 -11.41 38.01
N GLU C 164 -21.78 -10.71 38.52
CA GLU C 164 -21.65 -9.89 39.73
C GLU C 164 -21.35 -10.74 40.97
N LYS C 165 -22.00 -11.89 41.06
CA LYS C 165 -21.85 -12.79 42.21
C LYS C 165 -21.10 -14.05 41.81
N PHE C 166 -20.00 -13.90 41.07
CA PHE C 166 -19.12 -15.02 40.75
C PHE C 166 -18.04 -15.26 41.82
N GLU C 167 -17.77 -14.21 42.60
CA GLU C 167 -16.69 -14.19 43.61
C GLU C 167 -17.21 -14.63 44.97
N SER C 168 -18.46 -15.07 44.99
CA SER C 168 -19.07 -15.70 46.14
C SER C 168 -18.90 -17.21 46.06
N PRO C 169 -18.79 -17.89 47.21
CA PRO C 169 -18.81 -19.36 47.21
C PRO C 169 -20.20 -19.84 46.80
N GLU C 170 -20.30 -20.90 46.01
CA GLU C 170 -21.63 -21.33 45.57
C GLU C 170 -21.90 -22.81 45.89
N THR C 171 -23.06 -23.07 46.48
CA THR C 171 -23.51 -24.44 46.72
C THR C 171 -23.93 -25.07 45.40
N VAL C 172 -23.98 -26.40 45.34
CA VAL C 172 -24.39 -27.10 44.13
C VAL C 172 -25.86 -26.79 43.82
N LEU C 173 -26.61 -26.40 44.83
CA LEU C 173 -28.00 -26.02 44.65
C LEU C 173 -28.11 -24.62 44.02
N GLU C 174 -27.27 -23.70 44.48
CA GLU C 174 -27.20 -22.35 43.90
C GLU C 174 -26.70 -22.41 42.45
N GLN C 175 -25.73 -23.28 42.18
CA GLN C 175 -25.20 -23.48 40.83
C GLN C 175 -26.25 -24.04 39.88
N GLU C 176 -27.09 -24.93 40.40
CA GLU C 176 -28.17 -25.52 39.61
C GLU C 176 -29.20 -24.45 39.26
N GLU C 177 -29.48 -23.58 40.22
CA GLU C 177 -30.42 -22.46 40.04
C GLU C 177 -29.90 -21.48 38.98
N GLU C 178 -28.64 -21.10 39.13
CA GLU C 178 -27.98 -20.21 38.20
C GLU C 178 -27.93 -20.83 36.82
N LEU C 179 -27.62 -22.12 36.76
CA LEU C 179 -27.48 -22.80 35.49
C LEU C 179 -28.83 -22.90 34.80
N HIS C 180 -29.90 -22.92 35.58
CA HIS C 180 -31.24 -23.06 35.04
C HIS C 180 -31.76 -21.73 34.45
N LYS C 181 -31.48 -20.62 35.12
CA LYS C 181 -31.85 -19.33 34.55
C LYS C 181 -30.97 -19.05 33.33
N GLU C 182 -29.70 -19.44 33.38
CA GLU C 182 -28.83 -19.33 32.21
C GLU C 182 -29.44 -20.08 31.02
N LEU C 183 -30.00 -21.25 31.31
CA LEU C 183 -30.63 -22.09 30.30
C LEU C 183 -31.88 -21.46 29.70
N GLU C 184 -32.70 -20.85 30.54
CA GLU C 184 -33.90 -20.18 30.09
C GLU C 184 -33.54 -19.07 29.13
N LEU C 185 -32.42 -18.39 29.40
CA LEU C 185 -32.01 -17.28 28.57
C LEU C 185 -31.37 -17.74 27.27
N LEU C 186 -30.69 -18.88 27.28
CA LEU C 186 -30.06 -19.36 26.04
C LEU C 186 -31.08 -19.83 25.03
N TRP C 187 -32.18 -20.40 25.51
CA TRP C 187 -33.21 -20.86 24.61
C TRP C 187 -33.96 -19.66 24.06
N GLU C 188 -34.08 -18.61 24.87
CA GLU C 188 -34.74 -17.42 24.40
C GLU C 188 -33.92 -16.79 23.31
N MET C 189 -32.62 -16.74 23.53
CA MET C 189 -31.72 -16.23 22.52
C MET C 189 -31.72 -17.07 21.27
N ARG C 190 -31.80 -18.39 21.47
CA ARG C 190 -31.75 -19.36 20.39
C ARG C 190 -32.97 -19.23 19.48
N ASP C 191 -34.14 -18.93 20.02
CA ASP C 191 -35.26 -18.77 19.10
C ASP C 191 -35.25 -17.38 18.50
N TYR C 192 -34.51 -16.46 19.12
CA TYR C 192 -34.39 -15.17 18.47
C TYR C 192 -33.56 -15.28 17.19
N TRP C 193 -32.36 -15.83 17.34
CA TRP C 193 -31.43 -16.02 16.24
C TRP C 193 -31.97 -17.00 15.21
N HIS C 194 -32.80 -17.95 15.64
CA HIS C 194 -33.46 -18.82 14.67
C HIS C 194 -34.27 -18.01 13.66
N GLU C 195 -35.01 -17.01 14.14
CA GLU C 195 -35.84 -16.22 13.24
C GLU C 195 -35.04 -15.15 12.49
N ARG C 196 -33.94 -14.69 13.06
CA ARG C 196 -33.07 -13.79 12.31
C ARG C 196 -32.34 -14.57 11.20
N ALA C 197 -31.99 -15.82 11.49
CA ALA C 197 -31.35 -16.70 10.49
C ALA C 197 -32.31 -16.96 9.33
N ALA C 198 -33.54 -17.34 9.66
CA ALA C 198 -34.58 -17.54 8.65
C ALA C 198 -34.78 -16.29 7.82
N GLU C 199 -35.04 -15.17 8.48
CA GLU C 199 -35.30 -13.93 7.79
C GLU C 199 -34.10 -13.58 6.89
N SER C 200 -32.91 -13.88 7.39
CA SER C 200 -31.69 -13.60 6.64
C SER C 200 -31.52 -14.46 5.39
N ARG C 201 -32.10 -15.66 5.38
CA ARG C 201 -31.98 -16.53 4.20
C ARG C 201 -32.80 -16.04 3.03
N LYS C 202 -33.97 -15.47 3.34
CA LYS C 202 -34.87 -14.99 2.30
C LYS C 202 -34.42 -13.63 1.78
N ARG C 203 -33.67 -12.90 2.61
CA ARG C 203 -33.23 -11.57 2.23
C ARG C 203 -31.88 -11.25 2.84
N PRO C 204 -30.81 -11.80 2.25
CA PRO C 204 -29.44 -11.56 2.74
C PRO C 204 -29.08 -10.07 2.63
N ARG C 205 -28.27 -9.59 3.58
CA ARG C 205 -27.81 -8.21 3.56
C ARG C 205 -26.35 -8.22 4.00
N GLU C 206 -25.69 -7.06 4.03
CA GLU C 206 -24.27 -7.04 4.40
C GLU C 206 -24.11 -6.88 5.90
N ASP C 207 -24.44 -7.96 6.59
CA ASP C 207 -24.32 -8.06 8.03
C ASP C 207 -23.77 -9.45 8.35
N LEU C 208 -23.40 -9.66 9.61
CA LEU C 208 -22.68 -10.87 9.98
C LEU C 208 -23.54 -12.14 9.90
N ILE C 209 -24.81 -12.00 10.27
CA ILE C 209 -25.77 -13.09 10.28
C ILE C 209 -25.96 -13.66 8.89
N SER C 210 -26.11 -12.76 7.94
CA SER C 210 -26.24 -13.17 6.57
C SER C 210 -24.98 -13.93 6.18
N GLN C 211 -23.82 -13.50 6.68
CA GLN C 211 -22.63 -14.28 6.37
C GLN C 211 -22.53 -15.60 7.14
N LEU C 212 -23.04 -15.63 8.38
CA LEU C 212 -23.03 -16.84 9.20
C LEU C 212 -23.95 -17.94 8.69
N VAL C 213 -25.10 -17.53 8.15
CA VAL C 213 -26.06 -18.51 7.65
C VAL C 213 -25.44 -19.25 6.47
N HIS C 214 -24.51 -18.59 5.78
CA HIS C 214 -23.83 -19.17 4.63
C HIS C 214 -22.66 -20.07 5.05
N ALA C 215 -22.15 -19.88 6.27
CA ALA C 215 -20.94 -20.57 6.77
C ALA C 215 -21.10 -22.09 6.93
N GLU C 216 -19.97 -22.78 6.92
CA GLU C 216 -19.96 -24.22 7.00
C GLU C 216 -18.81 -24.68 7.91
N VAL C 217 -19.13 -25.60 8.81
CA VAL C 217 -18.12 -26.27 9.63
C VAL C 217 -18.34 -27.80 9.57
N ASP C 218 -17.27 -28.52 9.28
CA ASP C 218 -17.34 -29.96 9.01
C ASP C 218 -18.35 -30.26 7.90
N GLY C 219 -18.37 -29.40 6.88
CA GLY C 219 -19.19 -29.59 5.70
C GLY C 219 -20.67 -29.40 5.95
N GLN C 220 -20.99 -28.93 7.15
CA GLN C 220 -22.36 -28.69 7.60
C GLN C 220 -22.57 -27.21 7.90
N LYS C 221 -23.66 -26.63 7.43
CA LYS C 221 -23.98 -25.25 7.78
C LYS C 221 -24.18 -25.16 9.29
N LEU C 222 -24.24 -23.94 9.82
CA LEU C 222 -24.38 -23.76 11.26
C LEU C 222 -25.81 -23.90 11.71
N ASN C 223 -26.00 -24.43 12.91
CA ASN C 223 -27.33 -24.54 13.48
C ASN C 223 -27.67 -23.31 14.32
N ASP C 224 -28.84 -23.34 14.96
CA ASP C 224 -29.29 -22.18 15.69
C ASP C 224 -28.45 -21.98 16.94
N SER C 225 -28.03 -23.08 17.56
CA SER C 225 -27.26 -22.93 18.78
C SER C 225 -25.90 -22.33 18.49
N GLN C 226 -25.27 -22.76 17.41
CA GLN C 226 -23.97 -22.21 17.07
C GLN C 226 -24.06 -20.73 16.74
N ILE C 227 -25.01 -20.36 15.88
CA ILE C 227 -25.15 -18.96 15.48
C ILE C 227 -25.42 -18.05 16.68
N SER C 228 -26.32 -18.52 17.52
CA SER C 228 -26.75 -17.82 18.71
C SER C 228 -25.61 -17.66 19.70
N ASN C 229 -24.85 -18.73 19.93
CA ASN C 229 -23.74 -18.66 20.86
C ASN C 229 -22.63 -17.78 20.30
N ILE C 230 -22.51 -17.72 18.96
CA ILE C 230 -21.53 -16.84 18.36
C ILE C 230 -21.94 -15.38 18.52
N ALA C 231 -23.16 -15.07 18.10
CA ALA C 231 -23.66 -13.70 18.22
C ALA C 231 -23.66 -13.22 19.68
N ASN C 232 -24.04 -14.11 20.58
CA ASN C 232 -24.13 -13.70 21.96
C ASN C 232 -22.74 -13.45 22.54
N ARG C 233 -21.77 -14.22 22.09
CA ARG C 233 -20.39 -14.07 22.54
C ARG C 233 -19.86 -12.72 22.03
N LEU C 234 -20.24 -12.33 20.81
CA LEU C 234 -19.86 -11.03 20.29
C LEU C 234 -20.48 -9.86 21.13
N LEU C 235 -21.78 -9.97 21.40
CA LEU C 235 -22.46 -8.99 22.24
C LEU C 235 -21.82 -8.83 23.60
N VAL C 236 -21.68 -9.93 24.31
CA VAL C 236 -21.22 -9.87 25.68
C VAL C 236 -19.77 -9.40 25.72
N ASN C 237 -18.95 -9.88 24.79
CA ASN C 237 -17.53 -9.52 24.80
C ASN C 237 -17.24 -8.16 24.25
N GLY C 238 -18.15 -7.66 23.42
CA GLY C 238 -17.96 -6.39 22.79
C GLY C 238 -18.73 -5.20 23.34
N HIS C 239 -19.62 -5.40 24.30
CA HIS C 239 -20.42 -4.30 24.79
C HIS C 239 -19.79 -3.52 25.96
N LEU C 240 -19.82 -4.08 27.15
CA LEU C 240 -19.38 -3.31 28.32
C LEU C 240 -17.86 -3.18 28.44
N THR C 241 -17.13 -4.08 27.81
CA THR C 241 -15.69 -3.97 27.78
C THR C 241 -15.26 -2.68 27.10
N THR C 242 -15.87 -2.44 25.95
CA THR C 242 -15.59 -1.28 25.16
C THR C 242 -16.12 -0.03 25.86
N ALA C 243 -17.29 -0.17 26.47
CA ALA C 243 -17.90 0.91 27.23
C ALA C 243 -16.91 1.40 28.29
N MET C 244 -16.29 0.47 28.97
CA MET C 244 -15.37 0.83 30.02
C MET C 244 -14.09 1.44 29.47
N LEU C 245 -13.56 0.88 28.38
CA LEU C 245 -12.39 1.46 27.78
C LEU C 245 -12.63 2.91 27.47
N ILE C 246 -13.78 3.21 26.87
CA ILE C 246 -14.03 4.59 26.51
C ILE C 246 -14.10 5.48 27.74
N ALA C 247 -14.89 5.08 28.74
CA ALA C 247 -15.07 5.89 29.95
C ALA C 247 -13.85 5.93 30.88
N ASN C 248 -13.16 4.82 31.07
CA ASN C 248 -11.94 4.79 31.89
C ASN C 248 -10.93 5.79 31.33
N THR C 249 -10.91 5.86 30.01
CA THR C 249 -9.96 6.72 29.31
C THR C 249 -10.30 8.21 29.57
N MET C 250 -11.57 8.56 29.47
CA MET C 250 -11.98 9.91 29.80
C MET C 250 -11.72 10.16 31.29
N LEU C 251 -11.89 9.14 32.16
CA LEU C 251 -11.60 9.30 33.61
C LEU C 251 -10.11 9.52 33.89
N CYS C 252 -9.26 8.74 33.24
CA CYS C 252 -7.83 8.91 33.44
C CYS C 252 -7.33 10.24 32.86
N LEU C 253 -7.86 10.65 31.72
CA LEU C 253 -7.54 11.99 31.21
C LEU C 253 -7.92 13.09 32.21
N ASP C 254 -9.16 13.04 32.75
CA ASP C 254 -9.59 14.01 33.76
C ASP C 254 -8.66 13.97 34.96
N ALA C 255 -8.24 12.76 35.33
CA ALA C 255 -7.40 12.57 36.51
C ALA C 255 -5.94 12.99 36.32
N PHE C 256 -5.36 12.67 35.17
CA PHE C 256 -3.95 12.96 34.91
C PHE C 256 -3.81 14.07 33.86
N SER C 257 -3.97 15.30 34.34
CA SER C 257 -4.01 16.49 33.50
C SER C 257 -2.75 16.68 32.65
N ASP C 258 -1.61 16.18 33.11
CA ASP C 258 -0.41 16.20 32.29
C ASP C 258 -0.59 15.38 31.02
N GLN C 259 -1.16 14.20 31.16
CA GLN C 259 -1.35 13.29 30.05
C GLN C 259 -2.44 13.82 29.16
N ASP C 260 -3.40 14.42 29.82
CA ASP C 260 -4.49 15.06 29.16
C ASP C 260 -3.97 16.16 28.24
N ALA C 261 -3.05 16.98 28.74
CA ALA C 261 -2.50 18.03 27.91
C ALA C 261 -1.73 17.44 26.72
N ARG C 262 -0.91 16.42 26.98
CA ARG C 262 -0.10 15.82 25.94
C ARG C 262 -0.97 15.38 24.77
N VAL C 263 -2.10 14.75 25.08
CA VAL C 263 -2.94 14.19 24.05
C VAL C 263 -3.61 15.31 23.25
N ARG C 264 -4.07 16.35 23.93
CA ARG C 264 -4.60 17.50 23.20
C ARG C 264 -3.64 18.21 22.27
N ALA C 265 -2.40 18.37 22.71
CA ALA C 265 -1.36 19.01 21.92
C ALA C 265 -0.85 18.12 20.78
N ASP C 266 -0.92 16.81 20.99
CA ASP C 266 -0.48 15.81 20.03
C ASP C 266 -1.55 14.74 19.89
N ARG C 267 -2.45 14.94 18.93
CA ARG C 267 -3.58 14.05 18.76
C ARG C 267 -3.22 12.67 18.22
N SER C 268 -1.97 12.50 17.77
CA SER C 268 -1.54 11.20 17.27
C SER C 268 -1.35 10.20 18.42
N LEU C 269 -1.46 10.70 19.65
CA LEU C 269 -1.33 9.86 20.83
C LEU C 269 -2.59 9.08 21.19
N VAL C 270 -3.71 9.35 20.52
CA VAL C 270 -4.93 8.68 20.96
C VAL C 270 -4.87 7.12 20.90
N PRO C 271 -4.37 6.50 19.81
CA PRO C 271 -4.27 5.02 19.86
C PRO C 271 -3.46 4.46 21.02
N ALA C 272 -2.31 5.08 21.30
CA ALA C 272 -1.44 4.64 22.39
C ALA C 272 -2.10 4.89 23.73
N LEU C 273 -2.91 5.96 23.79
CA LEU C 273 -3.67 6.31 24.97
C LEU C 273 -4.64 5.19 25.30
N LEU C 274 -5.30 4.68 24.28
CA LEU C 274 -6.25 3.58 24.48
C LEU C 274 -5.55 2.29 24.93
N GLU C 275 -4.38 2.02 24.38
CA GLU C 275 -3.65 0.80 24.79
C GLU C 275 -3.23 0.97 26.24
N GLU C 276 -2.85 2.20 26.61
CA GLU C 276 -2.43 2.47 27.97
C GLU C 276 -3.61 2.48 28.96
N SER C 277 -4.78 2.90 28.47
CA SER C 277 -6.01 2.79 29.23
C SER C 277 -6.27 1.31 29.53
N MET C 278 -6.19 0.49 28.49
CA MET C 278 -6.37 -0.94 28.68
C MET C 278 -5.35 -1.53 29.60
N ARG C 279 -4.10 -1.06 29.54
CA ARG C 279 -3.09 -1.60 30.43
C ARG C 279 -3.36 -1.28 31.89
N TYR C 280 -3.69 -0.03 32.13
CA TYR C 280 -3.82 0.58 33.46
C TYR C 280 -5.12 0.28 34.22
N MET C 281 -6.23 0.19 33.50
CA MET C 281 -7.52 -0.07 34.09
C MET C 281 -8.21 -1.04 33.12
N SER C 282 -7.95 -2.31 33.33
CA SER C 282 -8.21 -3.27 32.29
C SER C 282 -9.67 -3.69 32.38
N PRO C 283 -10.50 -3.31 31.37
CA PRO C 283 -11.91 -3.70 31.35
C PRO C 283 -12.12 -5.16 31.62
N ILE C 284 -11.29 -6.01 31.02
CA ILE C 284 -11.23 -7.41 31.45
C ILE C 284 -9.91 -7.54 32.22
N CYS C 285 -10.00 -7.71 33.55
CA CYS C 285 -8.78 -7.73 34.38
C CYS C 285 -8.48 -9.16 34.91
N GLY C 286 -9.35 -10.12 34.63
CA GLY C 286 -9.00 -11.51 34.85
C GLY C 286 -9.73 -12.44 33.89
N VAL C 287 -9.08 -13.55 33.52
CA VAL C 287 -9.79 -14.60 32.75
C VAL C 287 -9.59 -15.96 33.37
N GLY C 288 -10.58 -16.82 33.16
CA GLY C 288 -10.62 -18.13 33.76
C GLY C 288 -9.95 -19.17 32.91
N ARG C 289 -9.30 -20.11 33.57
CA ARG C 289 -8.65 -21.23 32.87
C ARG C 289 -8.83 -22.49 33.68
N ALA C 290 -8.82 -23.65 33.04
CA ALA C 290 -8.94 -24.94 33.71
C ALA C 290 -7.72 -25.81 33.39
N THR C 291 -7.11 -26.40 34.41
CA THR C 291 -5.92 -27.24 34.21
C THR C 291 -6.30 -28.64 33.71
N ASN C 292 -5.68 -29.06 32.60
CA ASN C 292 -5.89 -30.40 32.06
C ASN C 292 -4.95 -31.45 32.68
N SER C 293 -3.85 -30.98 33.24
CA SER C 293 -2.86 -31.86 33.86
C SER C 293 -2.14 -31.05 34.91
N GLU C 294 -1.44 -31.72 35.80
CA GLU C 294 -0.66 -31.05 36.83
C GLU C 294 0.46 -30.24 36.21
N VAL C 295 0.62 -29.01 36.70
CA VAL C 295 1.60 -28.08 36.13
C VAL C 295 2.31 -27.26 37.21
N GLU C 296 3.51 -26.76 36.92
CA GLU C 296 4.19 -25.87 37.84
C GLU C 296 4.20 -24.42 37.30
N VAL C 297 3.78 -23.46 38.13
CA VAL C 297 3.82 -22.05 37.75
C VAL C 297 4.42 -21.22 38.89
N ALA C 298 5.50 -20.51 38.59
CA ALA C 298 6.23 -19.74 39.59
C ALA C 298 6.56 -20.61 40.79
N GLY C 299 6.96 -21.84 40.50
CA GLY C 299 7.39 -22.79 41.52
C GLY C 299 6.32 -23.29 42.47
N THR C 300 5.08 -23.31 42.00
CA THR C 300 3.94 -23.77 42.78
C THR C 300 3.22 -24.82 41.95
N VAL C 301 2.92 -25.95 42.57
CA VAL C 301 2.23 -27.03 41.87
C VAL C 301 0.73 -26.87 41.97
N ILE C 302 0.10 -26.88 40.80
CA ILE C 302 -1.34 -26.79 40.70
C ILE C 302 -1.83 -28.13 40.13
N PRO C 303 -2.70 -28.81 40.87
CA PRO C 303 -3.16 -30.11 40.41
C PRO C 303 -3.98 -30.03 39.12
N LYS C 304 -4.19 -31.21 38.52
CA LYS C 304 -5.14 -31.47 37.45
C LYS C 304 -6.51 -30.92 37.83
N ASP C 305 -7.30 -30.54 36.84
CA ASP C 305 -8.68 -30.14 37.06
C ASP C 305 -8.86 -29.03 38.12
N GLN C 306 -8.01 -28.00 38.09
CA GLN C 306 -8.20 -26.86 38.98
C GLN C 306 -8.60 -25.62 38.21
N LEU C 307 -9.44 -24.80 38.81
CA LEU C 307 -9.82 -23.52 38.22
C LEU C 307 -8.71 -22.49 38.50
N LEU C 308 -8.20 -21.87 37.44
CA LEU C 308 -7.11 -20.89 37.53
C LEU C 308 -7.58 -19.54 36.96
N LEU C 309 -7.52 -18.50 37.80
CA LEU C 309 -7.79 -17.12 37.41
C LEU C 309 -6.50 -16.41 37.03
N VAL C 310 -6.39 -16.04 35.75
CA VAL C 310 -5.23 -15.33 35.23
C VAL C 310 -5.56 -13.82 35.36
N TRP C 311 -4.95 -13.11 36.32
CA TRP C 311 -5.28 -11.68 36.54
C TRP C 311 -4.45 -10.80 35.63
N THR C 312 -4.92 -10.67 34.40
CA THR C 312 -4.30 -9.86 33.40
C THR C 312 -4.16 -8.43 33.90
N GLY C 313 -5.14 -7.98 34.69
CA GLY C 313 -5.09 -6.64 35.26
C GLY C 313 -3.86 -6.51 36.18
N ALA C 314 -3.60 -7.53 37.00
CA ALA C 314 -2.41 -7.51 37.86
C ALA C 314 -1.13 -7.67 37.04
N ALA C 315 -1.17 -8.56 36.04
CA ALA C 315 -0.01 -8.80 35.19
C ALA C 315 0.37 -7.50 34.52
N ASN C 316 -0.64 -6.67 34.22
CA ASN C 316 -0.40 -5.38 33.57
C ASN C 316 0.29 -4.38 34.50
N ARG C 317 0.35 -4.67 35.80
CA ARG C 317 1.10 -3.80 36.73
C ARG C 317 2.42 -4.42 37.15
N ASP C 318 2.86 -5.44 36.42
CA ASP C 318 4.05 -6.19 36.79
C ASP C 318 5.29 -5.38 36.39
N GLU C 319 6.03 -4.92 37.40
CA GLU C 319 7.19 -4.09 37.15
C GLU C 319 8.32 -4.91 36.50
N ARG C 320 8.18 -6.24 36.50
CA ARG C 320 9.12 -7.09 35.77
C ARG C 320 8.94 -6.94 34.26
N GLN C 321 7.79 -6.41 33.85
CA GLN C 321 7.49 -6.26 32.43
C GLN C 321 7.44 -4.78 32.03
N PHE C 322 6.86 -3.95 32.90
CA PHE C 322 6.70 -2.52 32.61
C PHE C 322 7.48 -1.64 33.57
N GLU C 323 8.22 -0.68 33.04
CA GLU C 323 8.81 0.33 33.90
C GLU C 323 7.70 1.24 34.44
N LYS C 324 7.77 1.57 35.73
CA LYS C 324 6.82 2.45 36.37
C LYS C 324 5.36 2.08 36.06
N PRO C 325 4.95 0.84 36.38
CA PRO C 325 3.66 0.30 35.94
C PRO C 325 2.49 1.04 36.58
N ASP C 326 2.71 1.73 37.69
CA ASP C 326 1.63 2.49 38.32
C ASP C 326 1.51 3.94 37.81
N VAL C 327 2.33 4.28 36.83
CA VAL C 327 2.23 5.59 36.21
C VAL C 327 1.51 5.50 34.88
N PHE C 328 0.53 6.39 34.70
CA PHE C 328 -0.21 6.47 33.47
C PHE C 328 0.55 7.31 32.42
N ASP C 329 0.98 6.64 31.36
CA ASP C 329 1.72 7.27 30.28
C ASP C 329 0.96 7.13 28.97
N ALA C 330 0.35 8.21 28.52
CA ALA C 330 -0.51 8.17 27.34
C ALA C 330 0.26 7.74 26.07
N GLY C 331 1.57 7.85 26.10
CA GLY C 331 2.39 7.47 24.96
C GLY C 331 3.23 6.23 25.19
N ARG C 332 2.86 5.44 26.19
CA ARG C 332 3.65 4.28 26.56
C ARG C 332 3.96 3.39 25.35
N SER C 333 5.23 3.09 25.16
CA SER C 333 5.65 2.22 24.07
C SER C 333 7.00 1.60 24.39
N PRO C 334 7.12 0.27 24.26
CA PRO C 334 6.07 -0.67 23.87
C PRO C 334 5.07 -0.91 24.98
N ASN C 335 3.95 -1.50 24.61
CA ASN C 335 2.89 -1.76 25.56
C ASN C 335 2.27 -3.09 25.25
N ALA C 336 2.97 -4.14 25.61
CA ALA C 336 2.50 -5.46 25.27
C ALA C 336 1.59 -5.94 26.39
N HIS C 337 0.56 -5.16 26.67
CA HIS C 337 -0.36 -5.48 27.76
C HIS C 337 -1.20 -6.68 27.40
N LEU C 338 -1.85 -7.21 28.42
CA LEU C 338 -2.65 -8.41 28.30
C LEU C 338 -4.16 -8.10 28.26
N GLY C 339 -4.48 -6.80 28.13
CA GLY C 339 -5.86 -6.33 28.13
C GLY C 339 -6.79 -7.01 27.14
N LEU C 340 -6.22 -7.49 26.04
CA LEU C 340 -6.88 -8.16 24.92
C LEU C 340 -6.50 -9.63 24.82
N GLY C 341 -5.84 -10.14 25.85
CA GLY C 341 -5.43 -11.54 25.86
C GLY C 341 -4.10 -11.78 25.18
N ARG C 342 -3.80 -13.04 24.86
CA ARG C 342 -2.60 -13.51 24.16
C ARG C 342 -2.84 -14.89 23.60
N GLY C 343 -2.40 -15.14 22.38
CA GLY C 343 -2.51 -16.48 21.84
C GLY C 343 -3.79 -16.68 21.05
N ILE C 344 -4.29 -17.91 21.05
CA ILE C 344 -5.39 -18.25 20.15
C ILE C 344 -6.72 -17.60 20.52
N HIS C 345 -6.89 -17.21 21.77
CA HIS C 345 -8.14 -16.58 22.17
C HIS C 345 -8.01 -15.05 22.16
N PHE C 346 -6.91 -14.56 21.58
CA PHE C 346 -6.66 -13.12 21.43
C PHE C 346 -7.88 -12.41 20.84
N CYS C 347 -8.29 -11.33 21.52
CA CYS C 347 -9.56 -10.64 21.27
C CYS C 347 -9.92 -10.47 19.80
N LEU C 348 -11.00 -11.10 19.37
CA LEU C 348 -11.47 -11.04 17.97
C LEU C 348 -12.00 -9.68 17.54
N GLY C 349 -12.58 -8.93 18.46
CA GLY C 349 -13.17 -7.66 18.09
C GLY C 349 -12.25 -6.47 18.27
N ARG C 350 -10.95 -6.74 18.40
CA ARG C 350 -9.96 -5.67 18.67
C ARG C 350 -9.98 -4.55 17.65
N GLN C 351 -10.11 -4.89 16.37
CA GLN C 351 -10.09 -3.86 15.38
C GLN C 351 -11.29 -2.96 15.63
N LEU C 352 -12.47 -3.53 15.83
CA LEU C 352 -13.66 -2.73 16.10
C LEU C 352 -13.53 -1.95 17.38
N ALA C 353 -12.98 -2.58 18.41
CA ALA C 353 -12.82 -1.92 19.71
C ALA C 353 -11.86 -0.74 19.69
N ARG C 354 -10.73 -0.92 19.01
CA ARG C 354 -9.76 0.15 18.89
C ARG C 354 -10.31 1.27 18.02
N MET C 355 -11.04 0.93 16.95
CA MET C 355 -11.64 1.93 16.07
C MET C 355 -12.71 2.76 16.79
N GLU C 356 -13.59 2.10 17.54
CA GLU C 356 -14.67 2.75 18.27
C GLU C 356 -14.22 3.72 19.30
N SER C 357 -13.31 3.24 20.13
CA SER C 357 -12.79 4.01 21.23
C SER C 357 -12.05 5.25 20.75
N LYS C 358 -11.25 5.07 19.72
CA LYS C 358 -10.53 6.19 19.15
C LYS C 358 -11.48 7.26 18.64
N ALA C 359 -12.46 6.88 17.84
CA ALA C 359 -13.42 7.84 17.31
C ALA C 359 -14.21 8.47 18.46
N ALA C 360 -14.50 7.67 19.48
CA ALA C 360 -15.26 8.19 20.62
C ALA C 360 -14.41 9.20 21.38
N VAL C 361 -13.17 8.87 21.67
CA VAL C 361 -12.36 9.82 22.44
C VAL C 361 -12.12 11.11 21.69
N GLU C 362 -11.77 10.97 20.42
CA GLU C 362 -11.53 12.09 19.53
C GLU C 362 -12.78 13.00 19.45
N ILE C 363 -13.96 12.44 19.29
CA ILE C 363 -15.12 13.29 19.15
C ILE C 363 -15.51 13.91 20.52
N LEU C 364 -15.28 13.22 21.64
CA LEU C 364 -15.45 13.85 22.95
C LEU C 364 -14.48 15.03 23.14
N LEU C 365 -13.24 14.86 22.71
CA LEU C 365 -12.26 15.92 22.80
C LEU C 365 -12.65 17.12 21.92
N ASP C 366 -13.26 16.85 20.78
CA ASP C 366 -13.59 17.91 19.84
C ASP C 366 -14.90 18.61 20.17
N ARG C 367 -15.96 17.84 20.44
CA ARG C 367 -17.28 18.42 20.67
C ARG C 367 -17.43 18.92 22.09
N LEU C 368 -16.82 18.24 23.06
CA LEU C 368 -16.97 18.62 24.47
C LEU C 368 -15.64 18.83 25.16
N PRO C 369 -14.86 19.81 24.69
CA PRO C 369 -13.51 19.99 25.23
C PRO C 369 -13.49 20.38 26.70
N THR C 370 -14.60 20.88 27.23
CA THR C 370 -14.68 21.29 28.64
C THR C 370 -15.15 20.16 29.55
N LEU C 371 -15.44 19.01 28.96
CA LEU C 371 -15.90 17.88 29.74
C LEU C 371 -14.89 17.53 30.84
N ARG C 372 -15.39 17.42 32.07
CA ARG C 372 -14.59 17.01 33.22
C ARG C 372 -15.43 16.09 34.10
N ALA C 373 -14.77 15.30 34.95
CA ALA C 373 -15.45 14.45 35.91
C ALA C 373 -16.11 15.35 36.91
N ASP C 374 -17.36 15.05 37.25
CA ASP C 374 -18.13 15.86 38.19
C ASP C 374 -17.54 15.68 39.57
N PRO C 375 -16.93 16.74 40.13
CA PRO C 375 -16.23 16.59 41.41
C PRO C 375 -17.15 16.37 42.59
N ALA C 376 -18.38 16.86 42.47
CA ALA C 376 -19.36 16.67 43.52
C ALA C 376 -19.93 15.25 43.50
N ASN C 377 -19.64 14.52 42.44
CA ASN C 377 -20.23 13.20 42.22
C ASN C 377 -19.29 12.21 41.50
N PRO C 378 -18.41 11.52 42.26
CA PRO C 378 -17.43 10.61 41.65
C PRO C 378 -18.03 9.37 40.99
N PRO C 379 -17.25 8.73 40.10
CA PRO C 379 -17.72 7.53 39.43
C PRO C 379 -17.85 6.34 40.39
N THR C 380 -18.65 5.37 39.98
CA THR C 380 -18.69 4.05 40.63
C THR C 380 -18.09 3.04 39.68
N PHE C 381 -17.54 1.98 40.23
CA PHE C 381 -16.92 0.94 39.44
C PHE C 381 -17.80 -0.28 39.28
N LEU C 382 -17.61 -0.96 38.16
CA LEU C 382 -18.43 -2.10 37.85
C LEU C 382 -18.19 -3.19 38.91
N GLN C 383 -19.29 -3.66 39.50
CA GLN C 383 -19.32 -4.59 40.63
C GLN C 383 -19.12 -6.05 40.21
N VAL C 384 -18.08 -6.28 39.42
CA VAL C 384 -17.81 -7.56 38.83
C VAL C 384 -16.36 -7.82 38.96
N VAL C 385 -15.96 -8.97 39.48
CA VAL C 385 -14.58 -9.16 39.91
C VAL C 385 -13.54 -9.21 38.76
N ASP C 386 -13.96 -9.71 37.60
CA ASP C 386 -13.04 -9.85 36.46
C ASP C 386 -13.06 -8.66 35.48
N ALA C 387 -13.63 -7.55 35.93
CA ALA C 387 -13.68 -6.33 35.13
C ALA C 387 -13.13 -5.19 35.96
N SER C 388 -12.24 -4.39 35.38
CA SER C 388 -11.77 -3.23 36.08
C SER C 388 -12.10 -1.96 35.33
N GLY C 389 -13.13 -1.27 35.82
CA GLY C 389 -13.56 -0.04 35.18
C GLY C 389 -14.83 0.55 35.77
N VAL C 390 -15.19 1.72 35.25
CA VAL C 390 -16.31 2.47 35.79
C VAL C 390 -17.68 2.02 35.27
N ALA C 391 -18.62 1.97 36.18
CA ALA C 391 -20.02 1.66 35.87
C ALA C 391 -20.85 2.95 35.56
N THR C 392 -20.47 4.04 36.21
CA THR C 392 -21.11 5.34 36.03
C THR C 392 -20.05 6.42 35.99
N LEU C 393 -20.17 7.39 35.09
CA LEU C 393 -19.19 8.45 35.11
C LEU C 393 -19.87 9.78 35.01
N PRO C 394 -20.29 10.36 36.15
CA PRO C 394 -20.91 11.68 36.07
C PRO C 394 -19.97 12.72 35.53
N VAL C 395 -20.39 13.40 34.47
CA VAL C 395 -19.58 14.44 33.88
C VAL C 395 -20.33 15.80 33.85
N VAL C 396 -19.57 16.90 33.88
CA VAL C 396 -20.09 18.26 33.75
C VAL C 396 -19.41 18.97 32.56
N THR C 397 -20.16 19.81 31.85
CA THR C 397 -19.67 20.59 30.72
C THR C 397 -19.48 22.09 30.98
N GLN C 398 -19.76 22.55 32.20
CA GLN C 398 -19.58 23.97 32.54
C GLN C 398 -18.39 24.18 33.47
N TRP D 9 10.71 -21.77 20.76
CA TRP D 9 9.58 -22.23 19.95
C TRP D 9 9.08 -23.62 20.33
N GLU D 10 7.77 -23.79 20.25
CA GLU D 10 7.13 -25.00 20.74
C GLU D 10 7.07 -26.08 19.66
N PHE D 11 8.22 -26.68 19.35
CA PHE D 11 8.23 -27.73 18.33
C PHE D 11 7.54 -28.98 18.80
N HIS D 12 7.16 -29.83 17.84
CA HIS D 12 6.84 -31.23 18.12
C HIS D 12 7.98 -31.81 18.96
N PRO D 13 7.65 -32.52 20.04
CA PRO D 13 8.70 -33.04 20.94
C PRO D 13 9.67 -34.03 20.27
N GLY D 14 9.25 -34.69 19.20
CA GLY D 14 10.12 -35.62 18.52
C GLY D 14 11.17 -34.98 17.67
N HIS D 15 11.03 -33.69 17.37
CA HIS D 15 11.93 -33.07 16.40
C HIS D 15 13.12 -32.45 17.16
N PHE D 16 13.97 -33.29 17.76
CA PHE D 16 15.08 -32.79 18.59
C PHE D 16 16.05 -31.89 17.81
N TRP D 17 16.19 -32.12 16.50
CA TRP D 17 17.12 -31.33 15.66
C TRP D 17 16.69 -29.85 15.55
N MET D 18 15.40 -29.57 15.71
CA MET D 18 15.01 -28.17 15.71
C MET D 18 15.59 -27.45 16.97
N ARG D 19 15.93 -28.22 18.00
CA ARG D 19 16.46 -27.67 19.26
C ARG D 19 18.00 -27.72 19.33
N GLY D 20 18.64 -27.98 18.20
CA GLY D 20 20.10 -28.00 18.16
C GLY D 20 20.71 -29.23 18.82
N LYS D 21 19.94 -30.31 18.93
CA LYS D 21 20.51 -31.52 19.51
C LYS D 21 20.87 -32.57 18.45
N ARG D 22 22.05 -33.16 18.61
CA ARG D 22 22.53 -34.19 17.71
C ARG D 22 21.88 -35.55 18.04
N PRO D 23 21.67 -36.40 17.03
CA PRO D 23 21.17 -37.72 17.42
C PRO D 23 22.23 -38.46 18.24
N ASP D 24 21.81 -39.25 19.23
CA ASP D 24 22.75 -40.08 19.97
C ASP D 24 23.30 -41.18 19.04
N LYS D 25 22.44 -41.75 18.18
CA LYS D 25 22.90 -42.71 17.16
C LYS D 25 22.31 -42.38 15.80
N ILE D 26 23.04 -42.68 14.73
CA ILE D 26 22.60 -42.43 13.36
C ILE D 26 21.39 -43.29 13.03
N VAL D 27 21.42 -44.54 13.50
CA VAL D 27 20.31 -45.47 13.33
C VAL D 27 19.90 -46.00 14.71
N ASP D 28 18.61 -45.96 15.03
CA ASP D 28 18.14 -46.59 16.27
C ASP D 28 16.82 -47.27 16.07
N TYR D 29 16.45 -48.06 17.05
CA TYR D 29 15.22 -48.80 16.96
C TYR D 29 14.28 -48.34 18.05
N ASP D 30 13.02 -48.14 17.67
CA ASP D 30 11.97 -47.75 18.59
C ASP D 30 11.20 -49.02 18.96
N GLU D 31 11.37 -49.52 20.18
CA GLU D 31 10.80 -50.81 20.56
C GLU D 31 9.27 -50.85 20.63
N GLU D 32 8.67 -49.75 21.04
CA GLU D 32 7.22 -49.69 21.25
C GLU D 32 6.44 -49.45 19.96
N LEU D 33 7.01 -48.67 19.05
CA LEU D 33 6.34 -48.37 17.79
C LEU D 33 6.85 -49.36 16.76
N GLN D 34 7.91 -50.08 17.14
CA GLN D 34 8.45 -51.14 16.31
C GLN D 34 8.81 -50.63 14.91
N LEU D 35 9.69 -49.63 14.86
CA LEU D 35 10.14 -49.07 13.58
C LEU D 35 11.58 -48.64 13.75
N TRP D 36 12.25 -48.36 12.65
CA TRP D 36 13.62 -47.89 12.69
C TRP D 36 13.68 -46.41 12.25
N ASN D 37 14.56 -45.65 12.89
CA ASN D 37 14.76 -44.22 12.61
C ASN D 37 16.13 -44.00 12.01
N VAL D 38 16.22 -43.25 10.91
CA VAL D 38 17.52 -42.82 10.37
C VAL D 38 17.59 -41.30 10.39
N TYR D 39 18.68 -40.76 10.94
CA TYR D 39 18.88 -39.34 11.16
C TYR D 39 20.05 -38.78 10.35
N GLY D 40 20.84 -39.65 9.74
CA GLY D 40 22.05 -39.17 9.06
C GLY D 40 21.83 -38.79 7.62
N TYR D 41 22.62 -37.83 7.11
CA TYR D 41 22.37 -37.42 5.73
C TYR D 41 22.86 -38.45 4.65
N PRO D 42 24.14 -38.87 4.63
CA PRO D 42 24.48 -39.85 3.58
C PRO D 42 23.67 -41.19 3.65
N GLU D 43 23.22 -41.61 4.83
CA GLU D 43 22.43 -42.80 4.95
C GLU D 43 21.07 -42.59 4.29
N SER D 44 20.45 -41.46 4.59
CA SER D 44 19.17 -41.04 4.02
C SER D 44 19.24 -40.98 2.51
N ALA D 45 20.27 -40.29 1.99
CA ALA D 45 20.51 -40.18 0.56
C ALA D 45 20.62 -41.57 -0.06
N ALA D 46 21.43 -42.43 0.57
CA ALA D 46 21.63 -43.79 0.09
C ALA D 46 20.32 -44.58 0.11
N ILE D 47 19.56 -44.47 1.21
CA ILE D 47 18.31 -45.16 1.35
C ILE D 47 17.27 -44.71 0.28
N LEU D 48 17.08 -43.40 0.11
CA LEU D 48 16.10 -42.85 -0.86
C LEU D 48 16.53 -43.17 -2.29
N SER D 49 17.82 -43.31 -2.49
CA SER D 49 18.36 -43.61 -3.82
C SER D 49 18.37 -45.09 -4.18
N ASN D 50 17.91 -45.93 -3.27
CA ASN D 50 17.81 -47.37 -3.53
C ASN D 50 16.37 -47.88 -3.32
N PRO D 51 15.46 -47.63 -4.28
CA PRO D 51 14.05 -48.04 -4.10
C PRO D 51 13.83 -49.55 -4.16
N LYS D 52 14.74 -50.30 -4.80
CA LYS D 52 14.53 -51.72 -4.92
C LYS D 52 14.53 -52.42 -3.55
N VAL D 53 15.45 -51.99 -2.69
CA VAL D 53 15.66 -52.49 -1.34
C VAL D 53 14.75 -51.73 -0.35
N PHE D 54 14.67 -50.42 -0.54
CA PHE D 54 13.85 -49.57 0.31
C PHE D 54 12.56 -49.10 -0.40
N SER D 55 11.50 -49.87 -0.24
CA SER D 55 10.21 -49.69 -0.92
C SER D 55 9.39 -48.51 -0.39
N SER D 56 8.62 -47.86 -1.26
CA SER D 56 7.73 -46.78 -0.81
C SER D 56 6.33 -47.31 -0.47
N ASP D 57 6.16 -48.63 -0.64
CA ASP D 57 4.92 -49.29 -0.26
C ASP D 57 4.93 -49.61 1.24
N THR D 58 4.86 -48.55 2.06
CA THR D 58 4.94 -48.71 3.51
C THR D 58 3.62 -49.29 4.04
N MET D 59 2.54 -49.07 3.32
CA MET D 59 1.24 -49.54 3.78
C MET D 59 1.20 -51.06 3.92
N ARG D 60 2.06 -51.75 3.18
CA ARG D 60 2.19 -53.20 3.29
C ARG D 60 2.43 -53.67 4.73
N LEU D 61 3.18 -52.88 5.51
CA LEU D 61 3.55 -53.21 6.89
C LEU D 61 2.60 -52.64 7.94
N ASP D 62 1.59 -51.88 7.52
CA ASP D 62 0.66 -51.26 8.45
C ASP D 62 -0.34 -52.33 8.98
N PRO D 63 -0.69 -52.24 10.28
CA PRO D 63 -1.64 -53.17 10.89
C PRO D 63 -3.07 -52.97 10.36
N ILE D 64 -3.38 -51.76 9.92
CA ILE D 64 -4.66 -51.45 9.31
C ILE D 64 -4.47 -50.87 7.94
N LYS D 65 -5.19 -51.38 6.94
CA LYS D 65 -4.95 -50.97 5.56
C LYS D 65 -6.21 -50.56 4.85
N LEU D 66 -6.06 -49.69 3.86
CA LEU D 66 -7.17 -49.43 2.94
C LEU D 66 -7.08 -50.45 1.83
N ASP D 67 -8.20 -50.73 1.18
CA ASP D 67 -8.23 -51.75 0.14
C ASP D 67 -7.35 -51.29 -1.01
N GLU D 68 -6.62 -52.20 -1.63
CA GLU D 68 -5.68 -51.83 -2.69
C GLU D 68 -6.41 -51.14 -3.84
N ALA D 69 -7.60 -51.60 -4.18
CA ALA D 69 -8.30 -51.04 -5.32
C ALA D 69 -8.66 -49.59 -5.08
N ILE D 70 -8.91 -49.26 -3.82
CA ILE D 70 -9.36 -47.91 -3.49
C ILE D 70 -8.26 -46.91 -3.75
N VAL D 71 -7.02 -47.29 -3.41
CA VAL D 71 -5.84 -46.44 -3.50
C VAL D 71 -5.09 -46.60 -4.82
N GLU D 72 -5.63 -47.35 -5.78
CA GLU D 72 -4.85 -47.55 -7.01
C GLU D 72 -4.73 -46.22 -7.76
N GLY D 73 -3.51 -45.94 -8.20
CA GLY D 73 -3.19 -44.66 -8.79
C GLY D 73 -2.28 -43.77 -7.92
N ASP D 74 -2.18 -44.07 -6.64
CA ASP D 74 -1.34 -43.29 -5.75
C ASP D 74 0.12 -43.65 -5.90
N PHE D 75 0.78 -43.07 -6.90
CA PHE D 75 2.17 -43.46 -7.20
C PHE D 75 3.19 -43.06 -6.16
N ALA D 76 2.79 -42.22 -5.21
CA ALA D 76 3.72 -41.84 -4.15
C ALA D 76 4.08 -43.05 -3.31
N HIS D 77 3.20 -44.05 -3.29
CA HIS D 77 3.51 -45.27 -2.54
C HIS D 77 3.70 -46.51 -3.43
N THR D 78 4.12 -46.32 -4.67
CA THR D 78 4.40 -47.42 -5.60
C THR D 78 5.88 -47.49 -5.92
N ASP D 79 6.35 -48.70 -6.20
CA ASP D 79 7.73 -48.93 -6.62
C ASP D 79 7.77 -49.14 -8.13
N PRO D 80 8.94 -48.98 -8.73
CA PRO D 80 9.07 -49.33 -10.16
C PRO D 80 8.85 -50.83 -10.36
N PRO D 81 8.43 -51.25 -11.56
CA PRO D 81 8.22 -50.38 -12.73
C PRO D 81 6.88 -49.62 -12.76
N LYS D 82 5.96 -49.93 -11.87
CA LYS D 82 4.64 -49.31 -11.97
C LYS D 82 4.77 -47.85 -11.57
N HIS D 83 5.75 -47.54 -10.73
CA HIS D 83 6.00 -46.17 -10.36
C HIS D 83 6.37 -45.35 -11.56
N ARG D 84 7.28 -45.90 -12.36
CA ARG D 84 7.81 -45.14 -13.48
C ARG D 84 6.72 -44.76 -14.47
N ARG D 85 5.91 -45.75 -14.85
CA ARG D 85 4.74 -45.57 -15.70
C ARG D 85 3.81 -44.46 -15.19
N LEU D 86 3.35 -44.59 -13.95
CA LEU D 86 2.36 -43.63 -13.43
C LEU D 86 2.92 -42.22 -13.34
N ARG D 87 4.08 -42.08 -12.69
CA ARG D 87 4.70 -40.79 -12.58
C ARG D 87 4.97 -40.24 -13.95
N GLY D 88 5.38 -41.13 -14.84
CA GLY D 88 5.67 -40.79 -16.21
C GLY D 88 4.46 -40.16 -16.88
N LEU D 89 3.26 -40.70 -16.60
CA LEU D 89 2.00 -40.14 -17.12
C LEU D 89 1.67 -38.77 -16.49
N VAL D 90 1.90 -38.61 -15.21
CA VAL D 90 1.52 -37.35 -14.59
C VAL D 90 2.42 -36.17 -15.01
N ASP D 91 3.73 -36.40 -15.03
CA ASP D 91 4.70 -35.40 -15.46
C ASP D 91 4.34 -34.84 -16.88
N HIS D 92 4.03 -35.74 -17.81
CA HIS D 92 3.57 -35.42 -19.16
C HIS D 92 2.31 -34.56 -19.19
N ALA D 93 1.40 -34.84 -18.25
CA ALA D 93 0.18 -34.08 -18.07
C ALA D 93 0.47 -32.63 -17.65
N PHE D 94 1.54 -32.44 -16.88
CA PHE D 94 2.05 -31.09 -16.57
C PHE D 94 2.73 -30.42 -17.74
N THR D 95 1.95 -30.08 -18.74
CA THR D 95 2.51 -29.46 -19.91
C THR D 95 3.05 -28.09 -19.56
N PRO D 96 4.02 -27.63 -20.35
CA PRO D 96 4.58 -26.29 -20.12
C PRO D 96 3.54 -25.19 -20.19
N SER D 97 2.46 -25.40 -20.95
CA SER D 97 1.44 -24.38 -21.00
C SER D 97 0.77 -24.31 -19.61
N LEU D 98 0.42 -25.46 -19.05
CA LEU D 98 -0.16 -25.48 -17.72
C LEU D 98 0.73 -24.77 -16.72
N VAL D 99 2.02 -25.07 -16.74
CA VAL D 99 2.93 -24.41 -15.82
C VAL D 99 3.02 -22.89 -16.05
N ALA D 100 3.16 -22.50 -17.31
CA ALA D 100 3.25 -21.08 -17.67
C ALA D 100 2.01 -20.33 -17.16
N LYS D 101 0.84 -20.92 -17.40
CA LYS D 101 -0.41 -20.29 -17.01
C LYS D 101 -0.51 -20.04 -15.50
N MET D 102 -0.06 -21.02 -14.72
CA MET D 102 -0.05 -20.89 -13.27
C MET D 102 0.87 -19.76 -12.86
N GLU D 103 2.03 -19.73 -13.51
CA GLU D 103 2.99 -18.71 -13.20
C GLU D 103 2.48 -17.34 -13.68
N SER D 104 1.66 -17.32 -14.71
CA SER D 104 1.12 -16.07 -15.15
C SER D 104 0.13 -15.52 -14.14
N ARG D 105 -0.53 -16.41 -13.40
CA ARG D 105 -1.64 -16.01 -12.52
C ARG D 105 -1.30 -15.79 -11.06
N VAL D 106 -0.18 -16.33 -10.62
CA VAL D 106 0.08 -16.38 -9.18
C VAL D 106 0.11 -14.96 -8.52
N HIS D 107 0.58 -13.93 -9.23
CA HIS D 107 0.63 -12.56 -8.62
C HIS D 107 -0.76 -12.01 -8.41
N GLY D 108 -1.66 -12.27 -9.35
CA GLY D 108 -3.01 -11.80 -9.26
C GLY D 108 -3.74 -12.35 -8.05
N ILE D 109 -3.57 -13.64 -7.82
CA ILE D 109 -4.18 -14.36 -6.74
C ILE D 109 -3.64 -13.93 -5.39
N ILE D 110 -2.33 -13.75 -5.33
CA ILE D 110 -1.71 -13.28 -4.10
C ILE D 110 -2.22 -11.88 -3.72
N HIS D 111 -2.22 -10.96 -4.67
CA HIS D 111 -2.73 -9.61 -4.38
C HIS D 111 -4.21 -9.68 -3.98
N GLU D 112 -4.98 -10.62 -4.54
CA GLU D 112 -6.38 -10.77 -4.13
C GLU D 112 -6.49 -11.25 -2.70
N LEU D 113 -5.68 -12.23 -2.34
CA LEU D 113 -5.64 -12.66 -0.96
C LEU D 113 -5.26 -11.49 -0.06
N LEU D 114 -4.21 -10.77 -0.42
CA LEU D 114 -3.71 -9.72 0.49
C LEU D 114 -4.68 -8.49 0.58
N ASP D 115 -5.50 -8.29 -0.45
CA ASP D 115 -6.55 -7.28 -0.40
C ASP D 115 -7.48 -7.60 0.74
N GLY D 116 -7.61 -8.89 1.01
CA GLY D 116 -8.47 -9.43 2.04
C GLY D 116 -8.12 -9.03 3.44
N VAL D 117 -6.86 -8.68 3.67
CA VAL D 117 -6.42 -8.26 4.99
C VAL D 117 -6.03 -6.80 5.06
N GLU D 118 -6.44 -6.04 4.04
CA GLU D 118 -6.23 -4.61 4.02
C GLU D 118 -6.96 -4.00 5.20
N GLY D 119 -6.27 -3.20 5.98
CA GLY D 119 -6.94 -2.56 7.10
C GLY D 119 -6.76 -3.31 8.39
N LYS D 120 -6.30 -4.56 8.29
CA LYS D 120 -6.08 -5.38 9.46
C LYS D 120 -4.64 -5.27 9.94
N SER D 121 -4.45 -4.83 11.18
CA SER D 121 -3.10 -4.67 11.73
C SER D 121 -2.54 -5.94 12.37
N GLN D 122 -3.43 -6.87 12.69
CA GLN D 122 -3.06 -8.15 13.27
C GLN D 122 -3.89 -9.25 12.62
N PHE D 123 -3.22 -10.31 12.16
CA PHE D 123 -3.92 -11.46 11.60
C PHE D 123 -3.00 -12.68 11.53
N ASP D 124 -3.62 -13.85 11.29
CA ASP D 124 -2.87 -15.10 11.13
C ASP D 124 -2.50 -15.30 9.68
N LEU D 125 -1.21 -15.17 9.44
CA LEU D 125 -0.67 -15.28 8.11
C LEU D 125 -1.00 -16.63 7.42
N VAL D 126 -1.08 -17.72 8.18
CA VAL D 126 -1.37 -19.03 7.60
C VAL D 126 -2.81 -19.07 7.09
N ALA D 127 -3.75 -18.77 7.98
CA ALA D 127 -5.16 -18.87 7.64
C ALA D 127 -5.56 -17.87 6.55
N GLU D 128 -4.98 -16.67 6.59
CA GLU D 128 -5.37 -15.59 5.68
C GLU D 128 -4.65 -15.65 4.34
N PHE D 129 -3.46 -16.24 4.32
CA PHE D 129 -2.66 -16.13 3.11
C PHE D 129 -1.91 -17.39 2.63
N ALA D 130 -1.03 -17.93 3.49
CA ALA D 130 -0.11 -18.98 3.09
C ALA D 130 -0.80 -20.30 2.78
N ALA D 131 -1.85 -20.61 3.50
CA ALA D 131 -2.59 -21.84 3.24
C ALA D 131 -3.59 -21.65 2.08
N PRO D 132 -4.35 -20.55 2.03
CA PRO D 132 -5.25 -20.46 0.87
C PRO D 132 -4.60 -20.35 -0.54
N LEU D 133 -3.42 -19.75 -0.64
CA LEU D 133 -2.80 -19.56 -1.95
C LEU D 133 -2.50 -20.87 -2.71
N PRO D 134 -1.76 -21.80 -2.10
CA PRO D 134 -1.48 -23.05 -2.81
C PRO D 134 -2.75 -23.90 -3.02
N LEU D 135 -3.76 -23.80 -2.16
CA LEU D 135 -5.00 -24.54 -2.42
C LEU D 135 -5.64 -24.04 -3.72
N ILE D 136 -5.75 -22.72 -3.85
CA ILE D 136 -6.32 -22.14 -5.03
C ILE D 136 -5.47 -22.57 -6.25
N MET D 137 -4.14 -22.46 -6.13
CA MET D 137 -3.30 -22.81 -7.27
C MET D 137 -3.51 -24.25 -7.73
N ILE D 138 -3.53 -25.20 -6.80
CA ILE D 138 -3.72 -26.59 -7.22
C ILE D 138 -5.17 -26.82 -7.70
N SER D 139 -6.13 -26.13 -7.11
CA SER D 139 -7.54 -26.21 -7.57
C SER D 139 -7.72 -25.70 -9.00
N ASP D 140 -7.07 -24.56 -9.31
CA ASP D 140 -7.09 -24.00 -10.67
C ASP D 140 -6.36 -24.90 -11.63
N LEU D 141 -5.27 -25.46 -11.16
CA LEU D 141 -4.50 -26.40 -11.95
C LEU D 141 -5.28 -27.66 -12.25
N LEU D 142 -6.04 -28.18 -11.28
CA LEU D 142 -6.82 -29.41 -11.48
C LEU D 142 -8.15 -29.12 -12.17
N GLY D 143 -8.52 -27.85 -12.21
CA GLY D 143 -9.72 -27.42 -12.93
C GLY D 143 -11.02 -27.51 -12.17
N VAL D 144 -10.97 -27.34 -10.86
CA VAL D 144 -12.19 -27.36 -10.11
C VAL D 144 -12.80 -25.97 -10.15
N PRO D 145 -14.12 -25.91 -10.33
CA PRO D 145 -14.76 -24.60 -10.25
C PRO D 145 -14.51 -23.95 -8.90
N GLU D 146 -14.47 -22.62 -8.83
CA GLU D 146 -14.25 -21.95 -7.57
C GLU D 146 -15.38 -22.32 -6.59
N SER D 147 -16.57 -22.51 -7.15
CA SER D 147 -17.74 -22.89 -6.37
C SER D 147 -17.53 -24.16 -5.54
N ASP D 148 -16.80 -25.13 -6.11
CA ASP D 148 -16.53 -26.43 -5.48
C ASP D 148 -15.38 -26.39 -4.46
N ARG D 149 -14.69 -25.25 -4.40
CA ARG D 149 -13.55 -25.09 -3.49
C ARG D 149 -13.97 -25.19 -2.02
N ALA D 150 -15.26 -25.00 -1.75
CA ALA D 150 -15.76 -25.12 -0.40
C ALA D 150 -15.39 -26.48 0.19
N LEU D 151 -15.61 -27.57 -0.55
CA LEU D 151 -15.27 -28.89 -0.04
C LEU D 151 -13.79 -29.00 0.29
N PHE D 152 -12.97 -28.31 -0.49
CA PHE D 152 -11.53 -28.35 -0.27
C PHE D 152 -11.08 -27.45 0.87
N ARG D 153 -11.62 -26.24 0.93
CA ARG D 153 -11.28 -25.33 2.00
C ARG D 153 -11.80 -25.89 3.31
N GLN D 154 -12.90 -26.63 3.23
CA GLN D 154 -13.41 -27.41 4.36
C GLN D 154 -12.49 -28.58 4.66
N TRP D 155 -12.12 -29.31 3.62
CA TRP D 155 -11.34 -30.53 3.80
C TRP D 155 -10.00 -30.29 4.46
N MET D 156 -9.42 -29.11 4.26
CA MET D 156 -8.12 -28.91 4.89
C MET D 156 -8.04 -27.75 5.85
N ASP D 157 -9.11 -27.56 6.61
CA ASP D 157 -9.04 -26.88 7.88
C ASP D 157 -8.86 -28.04 8.84
N LYS D 158 -9.25 -29.21 8.33
CA LYS D 158 -9.09 -30.47 9.02
C LYS D 158 -7.61 -30.81 9.22
N MET D 159 -6.81 -30.57 8.21
CA MET D 159 -5.39 -30.88 8.29
C MET D 159 -4.61 -29.85 9.10
N LEU D 160 -5.04 -28.61 9.10
CA LEU D 160 -4.40 -27.61 9.96
C LEU D 160 -4.66 -27.90 11.43
N ASP D 161 -5.85 -28.42 11.72
CA ASP D 161 -6.20 -28.94 13.04
C ASP D 161 -5.54 -30.28 13.35
N GLY D 162 -4.89 -30.37 14.51
CA GLY D 162 -4.22 -31.60 14.93
C GLY D 162 -3.00 -32.01 14.13
N HIS D 180 -8.81 -41.81 11.16
CA HIS D 180 -7.93 -40.89 10.44
C HIS D 180 -8.74 -39.71 9.90
N LYS D 181 -8.32 -38.49 10.27
CA LYS D 181 -8.96 -37.27 9.76
C LYS D 181 -8.68 -37.15 8.27
N GLU D 182 -7.60 -37.81 7.85
CA GLU D 182 -7.34 -37.97 6.44
C GLU D 182 -8.47 -38.79 5.81
N LEU D 183 -8.79 -39.93 6.40
CA LEU D 183 -9.73 -40.90 5.82
C LEU D 183 -11.07 -40.26 5.47
N GLU D 184 -11.56 -39.43 6.38
CA GLU D 184 -12.85 -38.77 6.20
C GLU D 184 -12.83 -37.82 5.00
N LEU D 185 -12.05 -36.75 5.11
CA LEU D 185 -12.05 -35.72 4.07
C LEU D 185 -11.53 -36.22 2.72
N LEU D 186 -10.69 -37.27 2.73
CA LEU D 186 -10.14 -37.85 1.51
C LEU D 186 -11.12 -38.72 0.69
N TRP D 187 -12.06 -39.37 1.38
CA TRP D 187 -13.00 -40.27 0.72
C TRP D 187 -14.07 -39.54 -0.07
N GLU D 188 -14.50 -38.38 0.44
CA GLU D 188 -15.47 -37.54 -0.27
C GLU D 188 -14.84 -36.89 -1.48
N MET D 189 -13.59 -36.48 -1.32
CA MET D 189 -12.85 -35.96 -2.45
C MET D 189 -12.59 -36.97 -3.57
N ARG D 190 -12.37 -38.24 -3.21
CA ARG D 190 -12.09 -39.24 -4.23
C ARG D 190 -13.26 -39.41 -5.19
N ASP D 191 -14.50 -39.31 -4.71
CA ASP D 191 -15.60 -39.44 -5.66
C ASP D 191 -15.82 -38.13 -6.40
N TYR D 192 -15.28 -37.04 -5.86
CA TYR D 192 -15.38 -35.76 -6.56
C TYR D 192 -14.52 -35.75 -7.79
N TRP D 193 -13.27 -36.12 -7.60
CA TRP D 193 -12.33 -36.16 -8.69
C TRP D 193 -12.79 -37.18 -9.70
N HIS D 194 -13.42 -38.23 -9.19
CA HIS D 194 -13.93 -39.30 -10.03
C HIS D 194 -14.87 -38.71 -11.06
N GLU D 195 -15.77 -37.84 -10.61
CA GLU D 195 -16.76 -37.25 -11.52
C GLU D 195 -16.19 -36.15 -12.40
N ARG D 196 -15.17 -35.45 -11.92
CA ARG D 196 -14.50 -34.47 -12.76
C ARG D 196 -13.73 -35.17 -13.87
N ALA D 197 -13.20 -36.36 -13.58
CA ALA D 197 -12.51 -37.17 -14.59
C ALA D 197 -13.48 -37.61 -15.69
N ALA D 198 -14.59 -38.20 -15.27
CA ALA D 198 -15.66 -38.60 -16.18
C ALA D 198 -16.09 -37.42 -17.02
N GLU D 199 -16.37 -36.30 -16.35
CA GLU D 199 -16.83 -35.09 -17.03
C GLU D 199 -15.80 -34.60 -18.06
N SER D 200 -14.51 -34.74 -17.72
CA SER D 200 -13.42 -34.32 -18.60
C SER D 200 -13.34 -35.16 -19.86
N ARG D 201 -13.83 -36.40 -19.81
CA ARG D 201 -13.76 -37.24 -20.99
C ARG D 201 -14.73 -36.73 -22.02
N LYS D 202 -15.88 -36.24 -21.56
CA LYS D 202 -16.89 -35.74 -22.48
C LYS D 202 -16.62 -34.30 -22.91
N ARG D 203 -15.91 -33.55 -22.07
CA ARG D 203 -15.75 -32.11 -22.27
C ARG D 203 -14.40 -31.66 -21.74
N PRO D 204 -13.34 -31.90 -22.54
CA PRO D 204 -11.96 -31.58 -22.18
C PRO D 204 -11.83 -30.08 -21.98
N ARG D 205 -10.94 -29.67 -21.09
CA ARG D 205 -10.65 -28.28 -20.82
C ARG D 205 -9.15 -28.12 -20.62
N GLU D 206 -8.70 -26.90 -20.34
CA GLU D 206 -7.28 -26.63 -20.20
C GLU D 206 -6.85 -26.82 -18.73
N ASP D 207 -6.91 -28.06 -18.27
CA ASP D 207 -6.50 -28.37 -16.92
C ASP D 207 -5.81 -29.72 -16.79
N LEU D 208 -5.27 -29.98 -15.60
CA LEU D 208 -4.44 -31.14 -15.34
C LEU D 208 -5.31 -32.39 -15.43
N ILE D 209 -6.51 -32.33 -14.87
CA ILE D 209 -7.39 -33.47 -14.89
C ILE D 209 -7.70 -33.89 -16.33
N SER D 210 -8.07 -32.90 -17.14
CA SER D 210 -8.46 -33.22 -18.52
C SER D 210 -7.26 -33.82 -19.29
N GLN D 211 -6.08 -33.26 -19.04
CA GLN D 211 -4.87 -33.71 -19.67
C GLN D 211 -4.47 -35.09 -19.13
N LEU D 212 -4.81 -35.37 -17.87
CA LEU D 212 -4.60 -36.71 -17.33
C LEU D 212 -5.52 -37.70 -18.05
N VAL D 213 -6.73 -37.27 -18.33
CA VAL D 213 -7.66 -38.17 -19.00
C VAL D 213 -7.17 -38.56 -20.38
N HIS D 214 -6.57 -37.59 -21.07
CA HIS D 214 -6.17 -37.80 -22.47
C HIS D 214 -4.78 -38.35 -22.64
N ALA D 215 -3.95 -38.24 -21.61
CA ALA D 215 -2.56 -38.61 -21.76
C ALA D 215 -2.41 -40.10 -22.00
N GLU D 216 -1.37 -40.41 -22.77
CA GLU D 216 -0.99 -41.77 -23.08
C GLU D 216 0.53 -41.80 -23.20
N VAL D 217 1.19 -42.72 -22.51
CA VAL D 217 2.61 -42.93 -22.71
C VAL D 217 2.85 -44.41 -22.93
N ASP D 218 3.49 -44.76 -24.04
CA ASP D 218 3.73 -46.16 -24.40
C ASP D 218 2.48 -47.04 -24.32
N GLY D 219 1.37 -46.56 -24.88
CA GLY D 219 0.15 -47.36 -24.97
C GLY D 219 -0.67 -47.57 -23.71
N GLN D 220 -0.35 -46.82 -22.65
CA GLN D 220 -1.04 -46.91 -21.36
C GLN D 220 -1.80 -45.62 -21.02
N LYS D 221 -3.03 -45.75 -20.55
CA LYS D 221 -3.80 -44.59 -20.13
C LYS D 221 -4.28 -44.71 -18.68
N LEU D 222 -4.68 -43.59 -18.09
CA LEU D 222 -5.22 -43.59 -16.73
C LEU D 222 -6.74 -43.81 -16.76
N ASN D 223 -7.29 -44.57 -15.80
CA ASN D 223 -8.75 -44.67 -15.67
C ASN D 223 -9.22 -43.63 -14.63
N ASP D 224 -10.52 -43.57 -14.34
CA ASP D 224 -11.07 -42.54 -13.45
C ASP D 224 -10.71 -42.72 -11.96
N SER D 225 -10.59 -43.97 -11.49
CA SER D 225 -10.23 -44.24 -10.10
C SER D 225 -8.75 -43.91 -9.85
N GLN D 226 -7.92 -44.17 -10.86
CA GLN D 226 -6.51 -43.82 -10.83
C GLN D 226 -6.36 -42.31 -10.83
N ILE D 227 -7.11 -41.66 -11.72
CA ILE D 227 -7.06 -40.19 -11.84
C ILE D 227 -7.46 -39.54 -10.48
N SER D 228 -8.45 -40.13 -9.77
CA SER D 228 -8.87 -39.64 -8.43
C SER D 228 -7.77 -39.66 -7.38
N ASN D 229 -7.06 -40.78 -7.30
CA ASN D 229 -6.00 -40.91 -6.33
C ASN D 229 -4.84 -40.02 -6.75
N ILE D 230 -4.71 -39.81 -8.05
CA ILE D 230 -3.64 -38.90 -8.46
C ILE D 230 -4.00 -37.46 -8.05
N ALA D 231 -5.23 -37.05 -8.33
CA ALA D 231 -5.68 -35.74 -7.94
C ALA D 231 -5.53 -35.57 -6.42
N ASN D 232 -5.94 -36.57 -5.65
CA ASN D 232 -5.82 -36.45 -4.19
C ASN D 232 -4.40 -36.41 -3.70
N ARG D 233 -3.52 -37.16 -4.36
CA ARG D 233 -2.12 -37.19 -3.99
C ARG D 233 -1.50 -35.80 -4.25
N LEU D 234 -1.85 -35.18 -5.36
CA LEU D 234 -1.33 -33.86 -5.69
C LEU D 234 -1.85 -32.86 -4.65
N LEU D 235 -3.14 -32.96 -4.39
CA LEU D 235 -3.77 -32.05 -3.46
C LEU D 235 -3.13 -32.04 -2.10
N VAL D 236 -3.00 -33.19 -1.46
CA VAL D 236 -2.53 -33.22 -0.09
C VAL D 236 -1.03 -32.92 -0.02
N ASN D 237 -0.28 -33.36 -1.04
CA ASN D 237 1.17 -33.15 -1.04
C ASN D 237 1.57 -31.72 -1.33
N GLY D 238 0.67 -31.00 -2.03
CA GLY D 238 0.96 -29.65 -2.44
C GLY D 238 0.37 -28.50 -1.66
N HIS D 239 -0.48 -28.77 -0.69
CA HIS D 239 -1.20 -27.70 -0.03
C HIS D 239 -0.46 -27.17 1.20
N LEU D 240 -0.46 -27.95 2.27
CA LEU D 240 0.08 -27.45 3.52
C LEU D 240 1.61 -27.39 3.53
N THR D 241 2.27 -28.20 2.70
CA THR D 241 3.71 -28.11 2.53
C THR D 241 4.09 -26.74 1.99
N THR D 242 3.41 -26.31 0.94
CA THR D 242 3.64 -25.02 0.34
C THR D 242 3.23 -23.91 1.30
N ALA D 243 2.16 -24.13 2.06
CA ALA D 243 1.76 -23.17 3.09
C ALA D 243 2.82 -23.03 4.15
N MET D 244 3.38 -24.15 4.62
CA MET D 244 4.41 -24.11 5.65
C MET D 244 5.73 -23.52 5.13
N LEU D 245 6.15 -23.86 3.91
CA LEU D 245 7.29 -23.20 3.34
C LEU D 245 7.12 -21.66 3.36
N ILE D 246 6.00 -21.15 2.92
CA ILE D 246 5.85 -19.70 2.93
C ILE D 246 5.86 -19.13 4.36
N ALA D 247 5.06 -19.69 5.26
CA ALA D 247 4.95 -19.14 6.61
C ALA D 247 6.24 -19.40 7.43
N ASN D 248 6.81 -20.61 7.32
CA ASN D 248 8.08 -20.90 8.02
C ASN D 248 9.13 -19.89 7.63
N THR D 249 9.12 -19.53 6.36
CA THR D 249 10.09 -18.57 5.86
C THR D 249 9.88 -17.18 6.46
N MET D 250 8.64 -16.70 6.56
CA MET D 250 8.47 -15.34 7.18
C MET D 250 8.90 -15.29 8.65
N LEU D 251 8.65 -16.40 9.35
CA LEU D 251 9.01 -16.60 10.77
C LEU D 251 10.51 -16.56 10.95
N CYS D 252 11.21 -17.23 10.04
CA CYS D 252 12.67 -17.26 10.11
C CYS D 252 13.24 -15.86 9.82
N LEU D 253 12.66 -15.17 8.84
CA LEU D 253 13.04 -13.78 8.60
C LEU D 253 12.87 -12.95 9.86
N ASP D 254 11.70 -13.08 10.49
CA ASP D 254 11.47 -12.32 11.72
C ASP D 254 12.46 -12.69 12.84
N ALA D 255 12.77 -13.99 12.99
CA ALA D 255 13.64 -14.48 14.06
C ALA D 255 15.11 -14.13 13.82
N PHE D 256 15.53 -14.18 12.55
CA PHE D 256 16.92 -13.89 12.23
C PHE D 256 17.06 -12.53 11.53
N SER D 257 17.01 -11.45 12.33
CA SER D 257 16.97 -10.06 11.84
C SER D 257 18.16 -9.72 10.92
N ASP D 258 19.29 -10.39 11.14
CA ASP D 258 20.41 -10.22 10.22
C ASP D 258 20.07 -10.72 8.81
N GLN D 259 19.46 -11.90 8.72
CA GLN D 259 19.05 -12.49 7.44
C GLN D 259 17.85 -11.73 6.85
N ASP D 260 16.95 -11.28 7.71
CA ASP D 260 15.82 -10.43 7.33
C ASP D 260 16.34 -9.17 6.63
N ALA D 261 17.35 -8.54 7.24
CA ALA D 261 17.91 -7.33 6.68
C ALA D 261 18.51 -7.58 5.31
N ARG D 262 19.27 -8.67 5.22
CA ARG D 262 20.00 -9.08 4.03
C ARG D 262 19.07 -9.30 2.82
N VAL D 263 17.97 -9.97 3.10
CA VAL D 263 17.04 -10.35 2.04
C VAL D 263 16.28 -9.12 1.59
N ARG D 264 15.83 -8.31 2.54
CA ARG D 264 15.19 -7.05 2.19
C ARG D 264 16.10 -6.14 1.36
N ALA D 265 17.38 -6.10 1.70
CA ALA D 265 18.33 -5.29 0.96
C ALA D 265 18.65 -5.90 -0.43
N ASP D 266 18.43 -7.22 -0.59
CA ASP D 266 18.70 -7.89 -1.87
C ASP D 266 17.63 -8.92 -2.20
N ARG D 267 16.62 -8.52 -2.95
CA ARG D 267 15.49 -9.41 -3.13
C ARG D 267 15.80 -10.63 -4.02
N SER D 268 16.99 -10.64 -4.64
CA SER D 268 17.39 -11.75 -5.51
C SER D 268 17.78 -12.97 -4.69
N LEU D 269 17.85 -12.78 -3.37
CA LEU D 269 18.14 -13.85 -2.43
C LEU D 269 16.89 -14.70 -2.12
N VAL D 270 15.71 -14.28 -2.56
CA VAL D 270 14.51 -15.07 -2.19
C VAL D 270 14.56 -16.54 -2.63
N PRO D 271 14.94 -16.85 -3.89
CA PRO D 271 15.03 -18.30 -4.18
C PRO D 271 15.93 -19.05 -3.23
N ALA D 272 17.12 -18.52 -2.96
CA ALA D 272 18.02 -19.19 -2.03
C ALA D 272 17.52 -19.21 -0.57
N LEU D 273 16.76 -18.17 -0.19
CA LEU D 273 16.16 -18.13 1.14
C LEU D 273 15.22 -19.29 1.33
N LEU D 274 14.34 -19.51 0.33
CA LEU D 274 13.38 -20.57 0.42
C LEU D 274 14.08 -21.92 0.52
N GLU D 275 15.19 -22.09 -0.19
CA GLU D 275 15.93 -23.35 -0.09
C GLU D 275 16.50 -23.57 1.31
N GLU D 276 17.01 -22.51 1.95
CA GLU D 276 17.55 -22.67 3.30
C GLU D 276 16.41 -22.92 4.31
N SER D 277 15.25 -22.33 4.03
CA SER D 277 14.04 -22.53 4.83
C SER D 277 13.62 -23.99 4.84
N MET D 278 13.65 -24.58 3.65
CA MET D 278 13.36 -25.98 3.53
C MET D 278 14.43 -26.80 4.26
N ARG D 279 15.68 -26.39 4.20
CA ARG D 279 16.68 -27.19 4.87
C ARG D 279 16.46 -27.17 6.41
N TYR D 280 16.22 -25.97 6.91
CA TYR D 280 16.30 -25.64 8.34
C TYR D 280 15.04 -26.03 9.11
N MET D 281 13.86 -25.92 8.46
CA MET D 281 12.57 -26.25 9.05
C MET D 281 11.80 -26.93 7.95
N SER D 282 11.97 -28.24 7.82
CA SER D 282 11.60 -28.93 6.62
C SER D 282 10.10 -29.27 6.72
N PRO D 283 9.30 -28.64 5.85
CA PRO D 283 7.85 -28.90 5.82
C PRO D 283 7.51 -30.36 5.83
N ILE D 284 8.25 -31.15 5.07
CA ILE D 284 8.25 -32.61 5.21
C ILE D 284 9.60 -33.03 5.90
N CYS D 285 9.55 -33.46 7.14
CA CYS D 285 10.80 -33.73 7.88
C CYS D 285 11.06 -35.22 8.14
N GLY D 286 10.16 -36.08 7.67
CA GLY D 286 10.46 -37.50 7.64
C GLY D 286 9.71 -38.21 6.55
N VAL D 287 10.29 -39.25 5.97
CA VAL D 287 9.48 -40.10 5.04
C VAL D 287 9.67 -41.59 5.39
N GLY D 288 8.66 -42.40 5.10
CA GLY D 288 8.70 -43.80 5.40
C GLY D 288 9.13 -44.68 4.24
N ARG D 289 9.84 -45.73 4.58
CA ARG D 289 10.24 -46.74 3.59
C ARG D 289 10.11 -48.12 4.25
N ALA D 290 9.90 -49.16 3.43
CA ALA D 290 9.81 -50.52 3.92
C ALA D 290 10.92 -51.35 3.34
N THR D 291 11.62 -52.13 4.18
CA THR D 291 12.66 -53.02 3.65
C THR D 291 12.04 -54.23 2.92
N ASN D 292 12.47 -54.44 1.67
CA ASN D 292 12.11 -55.62 0.91
C ASN D 292 13.06 -56.76 1.24
N SER D 293 14.19 -56.42 1.86
CA SER D 293 15.20 -57.38 2.19
C SER D 293 15.99 -56.91 3.42
N GLU D 294 16.72 -57.84 4.03
CA GLU D 294 17.58 -57.51 5.15
C GLU D 294 18.68 -56.58 4.65
N VAL D 295 18.94 -55.51 5.39
CA VAL D 295 19.91 -54.51 4.94
C VAL D 295 20.81 -54.04 6.07
N GLU D 296 21.90 -53.42 5.66
CA GLU D 296 22.80 -52.71 6.57
C GLU D 296 22.69 -51.19 6.39
N VAL D 297 22.54 -50.47 7.51
CA VAL D 297 22.62 -48.99 7.49
C VAL D 297 23.49 -48.50 8.65
N ALA D 298 24.62 -47.86 8.35
CA ALA D 298 25.58 -47.35 9.37
C ALA D 298 25.99 -48.43 10.35
N GLY D 299 26.30 -49.59 9.80
CA GLY D 299 26.73 -50.76 10.55
C GLY D 299 25.62 -51.39 11.38
N THR D 300 24.37 -51.13 11.02
CA THR D 300 23.24 -51.67 11.75
C THR D 300 22.41 -52.52 10.82
N VAL D 301 22.15 -53.75 11.27
CA VAL D 301 21.43 -54.69 10.45
C VAL D 301 19.97 -54.57 10.77
N ILE D 302 19.22 -54.32 9.72
CA ILE D 302 17.77 -54.16 9.80
C ILE D 302 17.13 -55.26 8.98
N PRO D 303 16.23 -56.04 9.60
CA PRO D 303 15.55 -57.14 8.93
C PRO D 303 14.67 -56.73 7.75
N LYS D 304 14.37 -57.71 6.94
CA LYS D 304 13.32 -57.65 5.93
C LYS D 304 11.99 -57.17 6.53
N ASP D 305 11.18 -56.51 5.72
CA ASP D 305 9.83 -56.10 6.14
C ASP D 305 9.77 -55.25 7.39
N GLN D 306 10.70 -54.30 7.48
CA GLN D 306 10.74 -53.34 8.57
C GLN D 306 10.32 -51.95 8.08
N LEU D 307 9.64 -51.19 8.93
CA LEU D 307 9.35 -49.78 8.61
C LEU D 307 10.55 -48.90 9.02
N LEU D 308 10.99 -48.12 8.07
CA LEU D 308 12.08 -47.21 8.25
C LEU D 308 11.57 -45.79 8.08
N LEU D 309 11.75 -44.97 9.10
CA LEU D 309 11.47 -43.54 8.98
C LEU D 309 12.75 -42.82 8.66
N VAL D 310 12.79 -42.23 7.47
CA VAL D 310 13.96 -41.48 7.08
C VAL D 310 13.76 -40.00 7.46
N TRP D 311 14.44 -39.54 8.49
CA TRP D 311 14.19 -38.18 8.97
C TRP D 311 15.03 -37.18 8.21
N THR D 312 14.47 -36.75 7.10
CA THR D 312 15.08 -35.75 6.22
C THR D 312 15.42 -34.43 6.96
N GLY D 313 14.53 -34.00 7.88
CA GLY D 313 14.73 -32.79 8.67
C GLY D 313 15.97 -32.93 9.55
N ALA D 314 16.12 -34.09 10.19
CA ALA D 314 17.32 -34.32 11.01
C ALA D 314 18.55 -34.46 10.09
N ALA D 315 18.34 -35.11 8.93
CA ALA D 315 19.40 -35.26 7.97
C ALA D 315 19.80 -33.88 7.50
N ASN D 316 18.80 -32.99 7.38
CA ASN D 316 19.12 -31.67 6.89
C ASN D 316 20.00 -30.86 7.87
N ARG D 317 20.21 -31.39 9.08
CA ARG D 317 21.14 -30.75 10.02
C ARG D 317 22.42 -31.51 10.23
N ASP D 318 22.70 -32.46 9.34
CA ASP D 318 23.84 -33.36 9.56
C ASP D 318 25.17 -32.61 9.40
N GLU D 319 25.99 -32.57 10.46
CA GLU D 319 27.25 -31.84 10.34
C GLU D 319 28.19 -32.46 9.31
N ARG D 320 28.05 -33.73 9.01
CA ARG D 320 28.92 -34.35 8.01
C ARG D 320 28.61 -33.80 6.61
N GLN D 321 27.45 -33.19 6.43
CA GLN D 321 27.07 -32.68 5.10
C GLN D 321 27.06 -31.15 5.01
N PHE D 322 26.57 -30.50 6.07
CA PHE D 322 26.43 -29.03 6.12
C PHE D 322 27.32 -28.39 7.19
N GLU D 323 28.09 -27.40 6.76
CA GLU D 323 28.87 -26.56 7.69
C GLU D 323 27.87 -25.74 8.46
N LYS D 324 28.12 -25.52 9.76
CA LYS D 324 27.22 -24.70 10.58
C LYS D 324 25.72 -25.07 10.40
N PRO D 325 25.35 -26.33 10.67
CA PRO D 325 24.02 -26.82 10.29
C PRO D 325 22.83 -26.17 11.04
N ASP D 326 23.14 -25.67 12.22
CA ASP D 326 22.13 -25.04 13.09
C ASP D 326 22.06 -23.52 12.85
N VAL D 327 22.85 -23.04 11.89
CA VAL D 327 22.78 -21.63 11.56
C VAL D 327 21.91 -21.41 10.32
N PHE D 328 21.02 -20.43 10.42
CA PHE D 328 20.18 -20.07 9.24
C PHE D 328 20.92 -19.03 8.36
N ASP D 329 21.31 -19.41 7.12
CA ASP D 329 21.99 -18.52 6.17
C ASP D 329 21.16 -18.39 4.89
N ALA D 330 20.56 -17.22 4.69
CA ALA D 330 19.60 -16.99 3.61
C ALA D 330 20.16 -17.21 2.21
N GLY D 331 21.48 -17.14 2.06
CA GLY D 331 22.08 -17.37 0.77
C GLY D 331 22.91 -18.64 0.70
N ARG D 332 22.67 -19.57 1.62
CA ARG D 332 23.52 -20.78 1.74
C ARG D 332 23.78 -21.41 0.40
N SER D 333 25.04 -21.72 0.13
CA SER D 333 25.43 -22.36 -1.11
C SER D 333 26.76 -23.07 -0.88
N PRO D 334 26.84 -24.37 -1.24
CA PRO D 334 25.78 -25.19 -1.83
C PRO D 334 24.71 -25.56 -0.81
N ASN D 335 23.56 -26.04 -1.26
CA ASN D 335 22.53 -26.40 -0.31
C ASN D 335 21.76 -27.58 -0.80
N ALA D 336 22.35 -28.77 -0.70
CA ALA D 336 21.75 -29.97 -1.26
C ALA D 336 20.85 -30.70 -0.24
N HIS D 337 19.85 -29.97 0.25
CA HIS D 337 18.97 -30.46 1.29
C HIS D 337 18.06 -31.58 0.73
N LEU D 338 17.43 -32.31 1.63
CA LEU D 338 16.54 -33.43 1.29
C LEU D 338 15.10 -33.01 1.49
N GLY D 339 14.92 -31.69 1.59
CA GLY D 339 13.67 -31.04 1.84
C GLY D 339 12.61 -31.47 0.83
N LEU D 340 13.03 -31.85 -0.37
CA LEU D 340 12.11 -32.25 -1.47
C LEU D 340 12.30 -33.74 -1.87
N GLY D 341 13.06 -34.46 -1.05
CA GLY D 341 13.31 -35.88 -1.27
C GLY D 341 14.55 -36.12 -2.10
N ARG D 342 14.68 -37.34 -2.62
CA ARG D 342 15.85 -37.69 -3.41
C ARG D 342 15.59 -38.94 -4.22
N GLY D 343 15.98 -38.91 -5.48
CA GLY D 343 15.81 -40.08 -6.31
C GLY D 343 14.53 -40.05 -7.13
N ILE D 344 13.98 -41.23 -7.37
CA ILE D 344 12.84 -41.36 -8.27
C ILE D 344 11.55 -40.77 -7.73
N HIS D 345 11.47 -40.69 -6.40
CA HIS D 345 10.29 -40.09 -5.79
C HIS D 345 10.49 -38.60 -5.47
N PHE D 346 11.57 -37.97 -5.98
CA PHE D 346 11.84 -36.54 -5.76
C PHE D 346 10.59 -35.70 -6.02
N CYS D 347 10.31 -34.73 -5.15
CA CYS D 347 9.08 -33.94 -5.21
C CYS D 347 8.68 -33.55 -6.62
N LEU D 348 7.55 -34.03 -7.05
CA LEU D 348 7.05 -33.73 -8.40
C LEU D 348 6.60 -32.25 -8.55
N GLY D 349 6.09 -31.66 -7.47
CA GLY D 349 5.55 -30.33 -7.58
C GLY D 349 6.58 -29.27 -7.24
N ARG D 350 7.86 -29.66 -7.29
CA ARG D 350 8.95 -28.75 -6.84
C ARG D 350 8.87 -27.41 -7.61
N GLN D 351 8.59 -27.49 -8.91
CA GLN D 351 8.55 -26.29 -9.72
C GLN D 351 7.42 -25.36 -9.31
N LEU D 352 6.22 -25.90 -9.13
CA LEU D 352 5.06 -25.16 -8.70
C LEU D 352 5.27 -24.55 -7.34
N ALA D 353 5.82 -25.32 -6.43
CA ALA D 353 6.05 -24.89 -5.08
C ALA D 353 7.10 -23.76 -4.99
N ARG D 354 8.19 -23.90 -5.71
CA ARG D 354 9.19 -22.83 -5.74
C ARG D 354 8.64 -21.57 -6.39
N MET D 355 7.83 -21.68 -7.45
CA MET D 355 7.25 -20.51 -8.10
C MET D 355 6.24 -19.76 -7.23
N GLU D 356 5.34 -20.52 -6.60
CA GLU D 356 4.34 -19.96 -5.71
C GLU D 356 4.98 -19.28 -4.52
N SER D 357 5.91 -20.00 -3.89
CA SER D 357 6.56 -19.50 -2.67
C SER D 357 7.43 -18.26 -2.88
N LYS D 358 8.20 -18.24 -3.95
CA LYS D 358 8.98 -17.10 -4.36
C LYS D 358 8.07 -15.86 -4.55
N ALA D 359 7.00 -15.99 -5.35
CA ALA D 359 6.09 -14.86 -5.51
C ALA D 359 5.42 -14.46 -4.18
N ALA D 360 5.09 -15.41 -3.34
CA ALA D 360 4.41 -15.04 -2.08
C ALA D 360 5.37 -14.24 -1.19
N VAL D 361 6.57 -14.75 -1.03
CA VAL D 361 7.53 -14.02 -0.20
C VAL D 361 7.86 -12.67 -0.83
N GLU D 362 8.08 -12.63 -2.15
CA GLU D 362 8.43 -11.37 -2.82
C GLU D 362 7.42 -10.26 -2.59
N ILE D 363 6.16 -10.60 -2.75
CA ILE D 363 5.08 -9.64 -2.66
C ILE D 363 4.83 -9.18 -1.20
N LEU D 364 5.05 -10.10 -0.26
CA LEU D 364 4.97 -9.76 1.16
C LEU D 364 6.02 -8.70 1.47
N LEU D 365 7.23 -8.91 0.94
CA LEU D 365 8.34 -7.97 1.17
C LEU D 365 8.04 -6.65 0.48
N ASP D 366 7.28 -6.74 -0.62
CA ASP D 366 6.93 -5.58 -1.44
C ASP D 366 5.81 -4.77 -0.85
N ARG D 367 4.70 -5.45 -0.66
CA ARG D 367 3.43 -4.85 -0.33
C ARG D 367 3.26 -4.60 1.16
N LEU D 368 3.89 -5.43 1.99
CA LEU D 368 3.79 -5.28 3.46
C LEU D 368 5.15 -5.22 4.12
N PRO D 369 5.97 -4.20 3.80
CA PRO D 369 7.33 -4.24 4.36
C PRO D 369 7.39 -4.13 5.89
N THR D 370 6.32 -3.70 6.56
CA THR D 370 6.32 -3.58 8.01
C THR D 370 5.81 -4.86 8.74
N LEU D 371 5.33 -5.82 7.96
CA LEU D 371 4.88 -7.09 8.51
C LEU D 371 5.95 -7.77 9.37
N ARG D 372 5.60 -8.12 10.59
CA ARG D 372 6.50 -8.84 11.49
C ARG D 372 5.69 -9.92 12.22
N ALA D 373 6.37 -10.91 12.78
CA ALA D 373 5.70 -11.90 13.61
C ALA D 373 5.24 -11.18 14.86
N ASP D 374 3.98 -11.39 15.25
CA ASP D 374 3.34 -10.67 16.36
C ASP D 374 3.97 -11.06 17.71
N PRO D 375 4.73 -10.12 18.30
CA PRO D 375 5.47 -10.41 19.54
C PRO D 375 4.47 -10.60 20.66
N ALA D 376 3.28 -10.05 20.46
CA ALA D 376 2.17 -10.22 21.40
C ALA D 376 1.39 -11.58 21.26
N ASN D 377 1.62 -12.30 20.17
CA ASN D 377 0.91 -13.58 19.97
C ASN D 377 1.78 -14.59 19.20
N PRO D 378 2.45 -15.49 19.92
CA PRO D 378 3.42 -16.42 19.31
C PRO D 378 2.87 -17.45 18.32
N PRO D 379 3.74 -17.98 17.44
CA PRO D 379 3.24 -18.98 16.50
C PRO D 379 2.97 -20.34 17.17
N THR D 380 2.11 -21.15 16.54
CA THR D 380 1.95 -22.51 16.97
C THR D 380 2.43 -23.40 15.84
N PHE D 381 3.08 -24.49 16.20
CA PHE D 381 3.64 -25.41 15.21
C PHE D 381 2.70 -26.60 15.00
N LEU D 382 2.65 -27.10 13.80
CA LEU D 382 1.75 -28.21 13.54
C LEU D 382 2.26 -29.48 14.23
N GLN D 383 1.41 -30.04 15.09
CA GLN D 383 1.79 -31.19 15.90
C GLN D 383 1.61 -32.50 15.15
N VAL D 384 2.37 -32.62 14.08
CA VAL D 384 2.36 -33.79 13.22
C VAL D 384 3.79 -34.24 13.04
N VAL D 385 4.01 -35.54 13.22
CA VAL D 385 5.35 -36.08 13.38
C VAL D 385 6.26 -35.93 12.16
N ASP D 386 5.70 -36.00 10.94
CA ASP D 386 6.55 -35.90 9.75
C ASP D 386 6.57 -34.52 9.11
N ALA D 387 6.09 -33.50 9.81
CA ALA D 387 6.07 -32.12 9.28
C ALA D 387 6.68 -31.15 10.25
N SER D 388 7.56 -30.26 9.79
CA SER D 388 8.10 -29.22 10.66
C SER D 388 7.78 -27.79 10.17
N GLY D 389 6.82 -27.18 10.84
CA GLY D 389 6.41 -25.83 10.49
C GLY D 389 5.23 -25.38 11.31
N VAL D 390 4.78 -24.14 11.04
CA VAL D 390 3.75 -23.47 11.82
C VAL D 390 2.33 -23.79 11.40
N ALA D 391 1.43 -23.99 12.34
CA ALA D 391 0.02 -24.13 11.94
C ALA D 391 -0.62 -22.73 11.96
N THR D 392 -0.09 -21.83 12.78
CA THR D 392 -0.58 -20.46 12.80
C THR D 392 0.61 -19.54 12.91
N LEU D 393 0.55 -18.43 12.21
CA LEU D 393 1.57 -17.42 12.30
C LEU D 393 0.91 -16.06 12.50
N PRO D 394 0.66 -15.70 13.77
CA PRO D 394 0.11 -14.37 14.07
C PRO D 394 1.08 -13.28 13.65
N VAL D 395 0.63 -12.35 12.82
CA VAL D 395 1.50 -11.28 12.32
C VAL D 395 0.93 -9.89 12.58
N VAL D 396 1.83 -8.90 12.63
CA VAL D 396 1.48 -7.49 12.77
C VAL D 396 2.01 -6.63 11.63
N THR D 397 1.19 -5.66 11.23
CA THR D 397 1.50 -4.67 10.21
C THR D 397 1.66 -3.29 10.87
N GLN D 398 1.74 -2.24 10.06
CA GLN D 398 1.84 -0.86 10.57
C GLN D 398 2.91 -0.66 11.65
CHA HEM E . 17.77 5.05 -31.36
CHB HEM E . 13.53 5.37 -29.15
CHC HEM E . 15.69 4.01 -25.03
CHD HEM E . 20.00 4.63 -27.01
C1A HEM E . 16.42 5.24 -31.19
C2A HEM E . 15.42 5.58 -32.20
C3A HEM E . 14.24 5.65 -31.59
C4A HEM E . 14.45 5.38 -30.16
CMA HEM E . 12.89 5.99 -32.25
CAA HEM E . 15.67 5.80 -33.71
CBA HEM E . 16.24 7.20 -33.98
CGA HEM E . 16.22 7.55 -35.47
O1A HEM E . 16.52 8.71 -35.85
O2A HEM E . 15.95 6.69 -36.33
C1B HEM E . 13.74 4.96 -27.86
C2B HEM E . 12.70 4.70 -26.90
C3B HEM E . 13.29 4.32 -25.76
C4B HEM E . 14.74 4.36 -25.98
CMB HEM E . 11.21 4.85 -27.25
CAB HEM E . 12.69 3.93 -24.41
CBB HEM E . 11.38 3.83 -24.19
C1C HEM E . 17.06 4.03 -25.19
C2C HEM E . 18.08 3.67 -24.17
C3C HEM E . 19.27 3.85 -24.74
C4C HEM E . 19.03 4.33 -26.07
CMC HEM E . 17.73 3.16 -22.76
CAC HEM E . 20.71 3.68 -24.22
CBC HEM E . 21.02 3.22 -23.01
C1D HEM E . 19.79 4.85 -28.33
C2D HEM E . 20.83 5.13 -29.28
C3D HEM E . 20.14 5.23 -30.61
C4D HEM E . 18.74 5.01 -30.37
CMD HEM E . 22.34 5.30 -28.99
CAD HEM E . 20.81 5.58 -31.95
CBD HEM E . 21.21 4.33 -32.70
CGD HEM E . 21.68 4.73 -34.08
O1D HEM E . 21.44 5.88 -34.51
O2D HEM E . 22.28 3.88 -34.79
NA HEM E . 15.78 5.13 -29.99
NB HEM E . 14.98 4.77 -27.26
NC HEM E . 17.71 4.44 -26.29
ND HEM E . 18.56 4.75 -29.01
FE HEM E . 16.81 4.63 -28.17
C TAM F . 3.06 19.55 -37.22
C1 TAM F . 1.89 19.69 -38.28
C2 TAM F . 2.61 19.98 -35.82
C3 TAM F . 3.58 18.08 -37.20
C4 TAM F . 0.50 19.67 -37.62
C5 TAM F . 3.81 19.83 -34.87
C6 TAM F . 2.46 17.02 -37.04
N TAM F . 4.19 20.39 -37.61
O4 TAM F . 0.07 20.99 -37.36
O5 TAM F . 4.99 20.17 -35.62
O6 TAM F . 1.92 17.10 -35.74
CHA HEM G . 0.12 27.66 -6.19
CHB HEM G . -4.44 28.27 -4.55
CHC HEM G . -3.11 27.16 -0.04
CHD HEM G . 1.36 27.59 -1.55
C1A HEM G . -1.26 27.84 -6.15
C2A HEM G . -2.10 28.04 -7.32
C3A HEM G . -3.35 28.20 -6.90
C4A HEM G . -3.36 28.13 -5.43
CMA HEM G . -4.55 28.46 -7.84
CAA HEM G . -1.57 28.03 -8.78
CBA HEM G . -0.94 29.36 -9.12
CGA HEM G . -0.48 29.42 -10.58
O1A HEM G . 0.10 30.47 -10.97
O2A HEM G . -0.67 28.44 -11.36
C1B HEM G . -4.45 27.98 -3.21
C2B HEM G . -5.63 27.88 -2.39
C3B HEM G . -5.23 27.57 -1.14
C4B HEM G . -3.82 27.48 -1.16
CMB HEM G . -7.07 28.09 -2.90
CAB HEM G . -6.01 27.30 0.17
CBB HEM G . -7.32 27.13 0.19
C1C HEM G . -1.76 27.15 -0.02
C2C HEM G . -0.86 26.88 1.10
C3C HEM G . 0.38 27.04 0.61
C4C HEM G . 0.28 27.37 -0.79
CMC HEM G . -1.35 26.50 2.53
CAC HEM G . 1.79 26.89 1.24
CBC HEM G . 1.98 26.33 2.41
C1D HEM G . 1.50 27.63 -2.89
C2D HEM G . 2.76 27.76 -3.55
C3D HEM G . 2.40 27.80 -5.01
C4D HEM G . 0.95 27.69 -5.08
CMD HEM G . 4.19 27.85 -2.91
CAD HEM G . 3.41 27.90 -6.15
CBD HEM G . 3.42 26.50 -6.79
CGD HEM G . 4.46 26.61 -7.86
O1D HEM G . 4.52 27.68 -8.50
O2D HEM G . 5.23 25.61 -8.08
NA HEM G . -2.07 27.90 -5.02
NB HEM G . -3.33 27.74 -2.43
NC HEM G . -1.04 27.43 -1.13
ND HEM G . 0.45 27.61 -3.81
FE HEM G . -1.38 27.46 -3.04
CHA HEM H . -11.65 -12.23 23.43
CHB HEM H . -10.95 -8.15 25.76
CHC HEM H . -13.85 -5.94 22.53
CHD HEM H . -15.18 -10.16 20.74
C1A HEM H . -11.17 -11.33 24.32
C2A HEM H . -10.22 -11.60 25.41
C3A HEM H . -10.02 -10.48 26.07
C4A HEM H . -10.83 -9.46 25.41
CMA HEM H . -9.04 -10.36 27.29
CAA HEM H . -9.53 -12.93 25.79
CBA HEM H . -10.37 -13.72 26.78
CGA HEM H . -9.75 -15.06 27.06
O1A HEM H . -8.52 -15.21 26.87
O2A HEM H . -10.50 -16.02 27.42
C1B HEM H . -11.67 -7.22 25.03
C2B HEM H . -11.67 -5.82 25.35
C3B HEM H . -12.47 -5.21 24.47
C4B HEM H . -13.01 -6.21 23.59
CMB HEM H . -10.83 -5.22 26.50
CAB HEM H . -12.83 -3.72 24.34
CBB HEM H . -12.14 -2.75 24.95
C1C HEM H . -14.45 -6.90 21.74
C2C HEM H . -15.43 -6.62 20.71
C3C HEM H . -15.82 -7.80 20.22
C4C HEM H . -15.08 -8.82 20.95
CMC HEM H . -15.86 -5.17 20.32
CAC HEM H . -16.80 -8.20 19.10
CBC HEM H . -17.51 -7.32 18.39
C1D HEM H . -14.34 -11.05 21.34
C2D HEM H . -14.44 -12.45 21.06
C3D HEM H . -13.35 -13.11 21.88
C4D HEM H . -12.70 -12.04 22.57
CMD HEM H . -15.45 -13.12 20.14
CAD HEM H . -13.10 -14.64 21.92
CBD HEM H . -11.73 -15.02 21.33
CGD HEM H . -11.65 -16.52 21.18
O1D HEM H . -12.05 -17.26 22.11
O2D HEM H . -11.16 -17.01 20.12
NA HEM H . -11.53 -10.00 24.35
NB HEM H . -12.50 -7.45 23.95
NC HEM H . -14.26 -8.25 21.88
ND HEM H . -13.30 -10.81 22.22
FE HEM H . -12.79 -9.06 23.05
C TAM I . -8.68 -12.11 44.40
C1 TAM I . -9.86 -11.32 45.02
C2 TAM I . -7.82 -12.71 45.53
C3 TAM I . -9.30 -13.25 43.52
C4 TAM I . -10.74 -10.76 43.94
C5 TAM I . -6.91 -11.65 46.10
C6 TAM I . -10.05 -14.30 44.40
N TAM I . -7.87 -11.21 43.56
O4 TAM I . -11.89 -11.59 44.02
O5 TAM I . -7.71 -10.58 46.65
O6 TAM I . -9.16 -15.28 44.95
CHA HEM J . 6.88 -35.98 -3.26
CHB HEM J . 8.04 -32.42 -0.29
CHC HEM J . 5.17 -29.35 -2.70
CHD HEM J . 3.56 -33.09 -5.20
C1A HEM J . 7.50 -35.23 -2.29
C2A HEM J . 8.52 -35.74 -1.41
C3A HEM J . 8.89 -34.74 -0.56
C4A HEM J . 8.07 -33.61 -0.90
CMA HEM J . 9.96 -34.81 0.59
CAA HEM J . 9.07 -37.17 -1.57
CBA HEM J . 8.44 -38.18 -0.63
CGA HEM J . 9.13 -39.52 -0.71
O1A HEM J . 8.54 -40.47 -0.18
O2A HEM J . 10.24 -39.72 -1.28
C1B HEM J . 7.41 -31.30 -0.71
C2B HEM J . 7.59 -29.99 -0.13
C3B HEM J . 6.84 -29.17 -0.79
C4B HEM J . 6.05 -29.89 -1.80
CMB HEM J . 8.54 -29.50 1.00
CAB HEM J . 6.87 -27.68 -0.40
CBB HEM J . 6.13 -26.81 -1.03
C1C HEM J . 4.47 -30.10 -3.63
C2C HEM J . 3.45 -29.64 -4.58
C3C HEM J . 3.01 -30.72 -5.24
C4C HEM J . 3.73 -31.85 -4.72
CMC HEM J . 3.02 -28.15 -4.74
CAC HEM J . 1.99 -30.96 -6.37
CBC HEM J . 1.29 -30.00 -6.94
C1D HEM J . 4.27 -34.19 -4.89
C2D HEM J . 3.95 -35.49 -5.41
C3D HEM J . 4.98 -36.41 -4.81
C4D HEM J . 5.82 -35.53 -3.99
CMD HEM J . 2.80 -35.86 -6.36
CAD HEM J . 5.20 -37.91 -4.96
CBD HEM J . 6.15 -38.04 -6.15
CGD HEM J . 6.54 -39.47 -6.36
O1D HEM J . 7.09 -39.73 -7.47
O2D HEM J . 6.34 -40.35 -5.47
NA HEM J . 7.20 -33.96 -1.97
NB HEM J . 6.41 -31.22 -1.71
NC HEM J . 4.62 -31.45 -3.75
ND HEM J . 5.36 -34.24 -4.02
FE HEM J . 6.14 -32.64 -2.91
#